data_8DT6
#
_entry.id   8DT6
#
_cell.length_a   92.410
_cell.length_b   88.010
_cell.length_c   100.240
_cell.angle_alpha   90.000
_cell.angle_beta   95.750
_cell.angle_gamma   90.000
#
_symmetry.space_group_name_H-M   'P 1 21 1'
#
loop_
_entity.id
_entity.type
_entity.pdbx_description
1 polymer 'Beta sliding clamp'
2 non-polymer 'CALCIUM ION'
3 non-polymer 'CHLORIDE ION'
4 non-polymer 'SODIUM ION'
5 water water
#
_entity_poly.entity_id   1
_entity_poly.type   'polypeptide(L)'
_entity_poly.pdbx_seq_one_letter_code
;MKFIVASGELQKALQTVSGVISGSQSRPILENFLFELENDNLKITASDGETTLITSIPVKSENNGRMAVPAKMFLDVIKS
FGDQPLTFVEKESENGIGSLLEILDEKDNYFVALDNAEDYPELPEFDASKSVKIQAGILSEALVNTLFATSNDSLRPVMT
GVLFQFNENEANFVSTDSHRLVVYNRKDVMNVDNIEFIMPKKPLAIIKNILSNTDDEVLIEFNENMAKFSFQDNIWICRL
IDGKYPNYTAVIPKENPNVLTINRNLLLSSIRRASIFSNKSTNQVRFKLSGNLLHLHAEDTEYANKADMQIPCEYNGEDI
NIGFSSKFLTEMLSVLGSDDITMKMSQPNRPGIIEPVDGLEENESILMLSMPVIGLAGHHHHHH
;
_entity_poly.pdbx_strand_id   A,B,C,D
#
loop_
_chem_comp.id
_chem_comp.type
_chem_comp.name
_chem_comp.formula
CA non-polymer 'CALCIUM ION' 'Ca 2'
CL non-polymer 'CHLORIDE ION' 'Cl -1'
NA non-polymer 'SODIUM ION' 'Na 1'
#
# COMPACT_ATOMS: atom_id res chain seq x y z
N MET A 1 25.66 14.07 8.32
CA MET A 1 25.29 15.44 8.03
C MET A 1 24.33 15.98 9.09
N LYS A 2 24.34 17.30 9.27
CA LYS A 2 23.52 17.96 10.29
C LYS A 2 23.11 19.32 9.77
N PHE A 3 21.82 19.65 9.88
CA PHE A 3 21.39 20.96 9.42
C PHE A 3 20.17 21.42 10.21
N ILE A 4 19.96 22.74 10.20
CA ILE A 4 18.83 23.39 10.85
C ILE A 4 18.07 24.16 9.79
N VAL A 5 16.74 24.04 9.82
CA VAL A 5 15.90 24.73 8.86
C VAL A 5 14.53 24.99 9.49
N ALA A 6 13.90 26.08 9.07
CA ALA A 6 12.52 26.34 9.46
C ALA A 6 11.58 25.26 8.94
N SER A 7 10.67 24.80 9.80
CA SER A 7 9.78 23.70 9.42
C SER A 7 8.87 24.09 8.27
N GLY A 8 8.45 25.35 8.23
CA GLY A 8 7.57 25.82 7.17
C GLY A 8 8.22 25.80 5.80
N GLU A 9 9.46 26.29 5.70
CA GLU A 9 10.19 26.21 4.44
C GLU A 9 10.42 24.77 4.02
N LEU A 10 10.80 23.91 4.97
CA LEU A 10 11.02 22.51 4.61
C LEU A 10 9.72 21.88 4.12
N GLN A 11 8.60 22.14 4.80
CA GLN A 11 7.33 21.60 4.33
C GLN A 11 7.00 22.10 2.92
N LYS A 12 7.18 23.40 2.67
CA LYS A 12 6.88 23.93 1.34
C LYS A 12 7.78 23.28 0.29
N ALA A 13 9.08 23.16 0.57
CA ALA A 13 10.00 22.55 -0.38
C ALA A 13 9.60 21.11 -0.67
N LEU A 14 9.29 20.33 0.38
CA LEU A 14 8.90 18.93 0.20
C LEU A 14 7.62 18.79 -0.61
N GLN A 15 6.59 19.61 -0.30
CA GLN A 15 5.32 19.50 -1.01
C GLN A 15 5.46 19.87 -2.48
N THR A 16 6.38 20.77 -2.80
CA THR A 16 6.61 21.14 -4.18
C THR A 16 6.98 19.92 -5.03
N VAL A 17 7.93 19.11 -4.55
CA VAL A 17 8.37 17.98 -5.36
C VAL A 17 7.64 16.68 -5.06
N SER A 18 6.81 16.63 -4.02
CA SER A 18 6.31 15.33 -3.57
C SER A 18 5.24 14.76 -4.49
N GLY A 19 4.61 15.56 -5.33
CA GLY A 19 3.50 15.10 -6.14
C GLY A 19 3.86 14.00 -7.13
N VAL A 20 5.15 13.80 -7.39
CA VAL A 20 5.55 12.79 -8.37
C VAL A 20 5.78 11.41 -7.76
N ILE A 21 5.90 11.31 -6.44
CA ILE A 21 6.11 10.02 -5.79
C ILE A 21 4.78 9.26 -5.73
N SER A 22 4.71 8.17 -6.48
CA SER A 22 3.53 7.32 -6.54
C SER A 22 3.74 6.11 -5.62
N GLY A 23 2.86 5.13 -5.72
CA GLY A 23 2.98 3.93 -4.90
C GLY A 23 3.47 2.73 -5.67
N ARG A 27 9.69 0.59 -8.11
CA ARG A 27 11.00 0.55 -7.47
C ARG A 27 11.00 1.25 -6.12
N PRO A 28 11.34 0.51 -5.06
CA PRO A 28 11.16 1.04 -3.70
C PRO A 28 12.02 2.25 -3.38
N ILE A 29 13.16 2.41 -4.04
CA ILE A 29 14.06 3.53 -3.75
C ILE A 29 13.43 4.86 -4.13
N LEU A 30 12.49 4.86 -5.07
CA LEU A 30 11.88 6.08 -5.55
C LEU A 30 10.76 6.58 -4.65
N GLU A 31 10.48 5.88 -3.55
CA GLU A 31 9.58 6.39 -2.53
C GLU A 31 10.26 7.35 -1.57
N ASN A 32 11.53 7.66 -1.80
CA ASN A 32 12.31 8.55 -0.95
C ASN A 32 12.48 9.92 -1.60
N PHE A 33 12.53 10.96 -0.77
CA PHE A 33 13.21 12.18 -1.16
C PHE A 33 14.71 11.95 -1.13
N LEU A 34 15.42 12.51 -2.09
CA LEU A 34 16.88 12.58 -2.03
C LEU A 34 17.27 13.96 -1.52
N PHE A 35 17.95 13.99 -0.38
CA PHE A 35 18.50 15.22 0.18
C PHE A 35 19.97 15.31 -0.19
N GLU A 36 20.37 16.43 -0.79
CA GLU A 36 21.79 16.70 -1.04
C GLU A 36 22.14 18.04 -0.43
N LEU A 37 23.01 18.02 0.56
CA LEU A 37 23.37 19.21 1.33
C LEU A 37 24.78 19.63 0.95
N GLU A 38 24.92 20.89 0.53
CA GLU A 38 26.20 21.43 0.07
C GLU A 38 26.21 22.92 0.35
N ASN A 39 27.10 23.36 1.23
CA ASN A 39 27.33 24.79 1.50
C ASN A 39 26.04 25.52 1.84
N ASP A 40 25.35 25.00 2.86
CA ASP A 40 24.13 25.62 3.38
C ASP A 40 22.98 25.62 2.36
N ASN A 41 23.09 24.82 1.30
CA ASN A 41 22.04 24.68 0.30
C ASN A 41 21.52 23.24 0.34
N LEU A 42 20.24 23.08 0.66
CA LEU A 42 19.60 21.76 0.71
C LEU A 42 18.82 21.55 -0.59
N LYS A 43 19.34 20.69 -1.46
CA LYS A 43 18.66 20.31 -2.68
C LYS A 43 17.86 19.02 -2.48
N ILE A 44 16.58 19.07 -2.86
CA ILE A 44 15.64 17.99 -2.63
C ILE A 44 15.13 17.48 -3.98
N THR A 45 15.24 16.17 -4.18
CA THR A 45 14.89 15.52 -5.43
C THR A 45 13.82 14.46 -5.16
N ALA A 46 12.82 14.40 -6.03
CA ALA A 46 11.83 13.33 -6.04
C ALA A 46 11.60 12.86 -7.46
N SER A 47 11.24 11.60 -7.63
CA SER A 47 11.08 11.06 -8.98
C SER A 47 10.23 9.80 -8.96
N ASP A 48 9.52 9.58 -10.07
CA ASP A 48 8.88 8.30 -10.33
C ASP A 48 9.62 7.49 -11.39
N GLY A 49 10.83 7.91 -11.76
CA GLY A 49 11.62 7.20 -12.75
C GLY A 49 11.54 7.79 -14.14
N GLU A 50 10.46 8.52 -14.43
CA GLU A 50 10.25 9.21 -15.70
C GLU A 50 10.23 10.72 -15.54
N THR A 51 9.55 11.20 -14.50
CA THR A 51 9.58 12.60 -14.12
C THR A 51 10.51 12.74 -12.91
N THR A 52 11.36 13.76 -12.93
CA THR A 52 12.19 14.08 -11.77
C THR A 52 11.97 15.54 -11.42
N LEU A 53 11.57 15.79 -10.17
CA LEU A 53 11.34 17.13 -9.65
C LEU A 53 12.44 17.48 -8.67
N ILE A 54 12.96 18.70 -8.78
CA ILE A 54 14.05 19.17 -7.94
C ILE A 54 13.70 20.56 -7.44
N THR A 55 13.88 20.78 -6.14
CA THR A 55 13.84 22.13 -5.58
C THR A 55 15.00 22.26 -4.61
N SER A 56 15.30 23.50 -4.23
CA SER A 56 16.40 23.75 -3.31
C SER A 56 16.03 24.86 -2.34
N ILE A 57 16.46 24.72 -1.09
CA ILE A 57 16.20 25.75 -0.09
C ILE A 57 17.45 26.03 0.72
N PRO A 58 17.66 27.27 1.15
CA PRO A 58 18.80 27.54 2.03
C PRO A 58 18.55 26.99 3.42
N VAL A 59 19.60 26.43 4.01
CA VAL A 59 19.58 25.91 5.38
C VAL A 59 20.84 26.39 6.09
N LYS A 60 20.90 26.15 7.40
CA LYS A 60 22.10 26.40 8.19
C LYS A 60 22.79 25.08 8.45
N SER A 61 24.05 24.99 8.04
CA SER A 61 24.82 23.77 8.25
C SER A 61 26.30 24.11 8.18
N GLU A 62 27.13 23.16 8.62
CA GLU A 62 28.58 23.30 8.57
C GLU A 62 29.25 22.16 7.80
N ASN A 63 28.50 21.15 7.38
CA ASN A 63 29.04 20.01 6.67
C ASN A 63 28.08 19.64 5.54
N ASN A 64 28.49 18.67 4.74
CA ASN A 64 27.76 18.25 3.55
C ASN A 64 27.28 16.81 3.72
N GLY A 65 26.40 16.38 2.82
CA GLY A 65 25.93 15.02 2.87
C GLY A 65 24.81 14.75 1.91
N ARG A 66 24.38 13.48 1.91
CA ARG A 66 23.36 12.94 1.03
C ARG A 66 22.49 11.96 1.81
N MET A 67 21.17 12.04 1.63
CA MET A 67 20.23 11.19 2.35
C MET A 67 19.05 10.79 1.47
N ALA A 68 18.61 9.54 1.63
CA ALA A 68 17.37 9.06 1.03
C ALA A 68 16.35 8.89 2.14
N VAL A 69 15.37 9.77 2.18
CA VAL A 69 14.40 9.94 3.27
C VAL A 69 13.04 9.45 2.79
N PRO A 70 12.41 8.50 3.47
CA PRO A 70 11.08 8.01 3.06
C PRO A 70 10.04 9.13 3.05
N ALA A 71 9.34 9.28 1.92
CA ALA A 71 8.64 10.52 1.62
C ALA A 71 7.34 10.69 2.40
N LYS A 72 6.43 9.71 2.30
CA LYS A 72 5.14 9.81 2.98
C LYS A 72 5.34 10.01 4.49
N MET A 73 6.12 9.15 5.13
CA MET A 73 6.40 9.31 6.55
C MET A 73 7.00 10.69 6.85
N PHE A 74 8.05 11.07 6.11
CA PHE A 74 8.77 12.28 6.48
C PHE A 74 7.91 13.52 6.30
N LEU A 75 7.14 13.59 5.20
CA LEU A 75 6.27 14.75 5.02
C LEU A 75 5.19 14.76 6.08
N ASP A 76 4.62 13.59 6.41
CA ASP A 76 3.71 13.49 7.56
C ASP A 76 4.35 14.04 8.83
N VAL A 77 5.61 13.70 9.07
CA VAL A 77 6.30 14.17 10.27
C VAL A 77 6.42 15.69 10.25
N ILE A 78 6.92 16.24 9.14
CA ILE A 78 7.12 17.69 9.07
C ILE A 78 5.80 18.43 9.22
N LYS A 79 4.72 17.90 8.60
CA LYS A 79 3.40 18.54 8.69
C LYS A 79 2.90 18.63 10.13
N SER A 80 3.30 17.68 10.98
CA SER A 80 2.81 17.69 12.35
C SER A 80 3.44 18.79 13.20
N PHE A 81 4.45 19.49 12.70
CA PHE A 81 5.02 20.60 13.43
C PHE A 81 4.42 21.91 12.94
N GLY A 82 4.44 22.93 13.82
CA GLY A 82 4.19 24.29 13.40
C GLY A 82 5.47 24.93 12.87
N ASP A 83 5.43 26.25 12.75
CA ASP A 83 6.60 26.99 12.27
C ASP A 83 7.58 27.14 13.42
N GLN A 84 8.61 26.31 13.40
CA GLN A 84 9.69 26.38 14.36
C GLN A 84 10.95 25.86 13.69
N PRO A 85 12.13 26.31 14.12
CA PRO A 85 13.36 25.68 13.63
C PRO A 85 13.44 24.24 14.09
N LEU A 86 13.86 23.38 13.18
CA LEU A 86 14.08 21.97 13.47
C LEU A 86 15.53 21.62 13.13
N THR A 87 16.15 20.81 13.98
CA THR A 87 17.51 20.32 13.75
C THR A 87 17.47 18.87 13.29
N PHE A 88 18.22 18.56 12.24
CA PHE A 88 18.27 17.23 11.66
C PHE A 88 19.70 16.73 11.71
N VAL A 89 19.88 15.52 12.23
CA VAL A 89 21.21 14.92 12.35
C VAL A 89 21.13 13.47 11.87
N GLU A 90 21.90 13.12 10.85
CA GLU A 90 22.04 11.75 10.42
C GLU A 90 22.98 11.00 11.35
N LYS A 91 22.52 9.88 11.88
CA LYS A 91 23.32 9.02 12.75
C LYS A 91 23.29 7.60 12.19
N GLU A 92 24.29 6.81 12.56
CA GLU A 92 24.27 5.40 12.20
C GLU A 92 23.26 4.66 13.08
N SER A 93 22.52 3.74 12.47
CA SER A 93 21.57 2.92 13.22
C SER A 93 22.31 2.11 14.27
N GLU A 94 21.69 1.96 15.44
CA GLU A 94 22.32 1.22 16.53
C GLU A 94 22.12 -0.30 16.42
N ASN A 95 21.12 -0.75 15.65
CA ASN A 95 20.76 -2.16 15.61
C ASN A 95 20.69 -2.79 14.22
N GLY A 96 20.89 -2.02 13.14
CA GLY A 96 20.76 -2.53 11.79
C GLY A 96 21.82 -1.94 10.89
N ILE A 97 21.76 -2.35 9.62
CA ILE A 97 22.79 -1.96 8.64
C ILE A 97 22.58 -0.55 8.10
N GLY A 98 21.37 -0.01 8.14
CA GLY A 98 21.07 1.28 7.54
C GLY A 98 21.54 2.46 8.36
N SER A 99 20.81 3.57 8.23
CA SER A 99 21.17 4.83 8.87
C SER A 99 19.88 5.55 9.26
N LEU A 100 19.95 6.35 10.32
CA LEU A 100 18.78 7.05 10.85
C LEU A 100 18.90 8.55 10.66
N LEU A 101 17.76 9.21 10.52
CA LEU A 101 17.70 10.66 10.57
C LEU A 101 17.04 11.05 11.89
N GLU A 102 17.79 11.75 12.73
CA GLU A 102 17.27 12.21 14.00
C GLU A 102 16.77 13.64 13.85
N ILE A 103 15.60 13.90 14.42
CA ILE A 103 15.02 15.23 14.47
C ILE A 103 15.00 15.64 15.93
N LEU A 104 15.59 16.80 16.22
CA LEU A 104 15.65 17.31 17.57
C LEU A 104 14.77 18.54 17.66
N ASP A 105 13.87 18.53 18.64
CA ASP A 105 12.99 19.66 18.94
C ASP A 105 13.03 19.77 20.45
N GLU A 106 13.87 20.68 20.95
CA GLU A 106 14.05 20.88 22.38
C GLU A 106 14.41 19.55 23.04
N LYS A 107 13.63 19.10 24.03
CA LYS A 107 13.99 17.87 24.72
C LYS A 107 13.41 16.61 24.06
N ASP A 108 12.71 16.75 22.92
CA ASP A 108 12.10 15.62 22.23
C ASP A 108 12.99 15.13 21.10
N ASN A 109 13.05 13.82 20.91
CA ASN A 109 13.86 13.18 19.89
C ASN A 109 12.99 12.29 19.01
N TYR A 110 13.25 12.35 17.71
CA TYR A 110 12.56 11.52 16.76
C TYR A 110 13.59 10.93 15.80
N PHE A 111 13.38 9.67 15.42
CA PHE A 111 14.26 8.99 14.49
C PHE A 111 13.40 8.46 13.34
N VAL A 112 13.86 8.72 12.12
CA VAL A 112 13.27 8.20 10.90
C VAL A 112 14.35 7.33 10.26
N ALA A 113 14.05 6.04 10.09
CA ALA A 113 14.97 5.16 9.39
C ALA A 113 15.10 5.60 7.94
N LEU A 114 16.32 5.52 7.42
CA LEU A 114 16.65 5.99 6.08
C LEU A 114 16.93 4.80 5.16
N ASP A 115 16.72 5.01 3.86
CA ASP A 115 17.17 4.08 2.83
C ASP A 115 18.63 4.37 2.45
N ASN A 116 19.20 3.55 1.57
CA ASN A 116 20.58 3.74 1.10
C ASN A 116 20.61 4.79 -0.01
N ALA A 117 21.20 5.95 0.30
CA ALA A 117 21.28 7.01 -0.71
C ALA A 117 22.11 6.59 -1.92
N GLU A 118 23.15 5.77 -1.73
CA GLU A 118 23.96 5.31 -2.86
C GLU A 118 23.14 4.51 -3.87
N ASP A 119 21.96 4.03 -3.47
CA ASP A 119 21.04 3.35 -4.38
C ASP A 119 20.13 4.30 -5.13
N TYR A 120 20.09 5.56 -4.77
CA TYR A 120 19.24 6.51 -5.48
C TYR A 120 19.90 6.91 -6.80
N PRO A 121 19.19 6.84 -7.92
CA PRO A 121 19.83 7.15 -9.21
C PRO A 121 20.28 8.61 -9.31
N GLU A 122 21.47 8.78 -9.90
CA GLU A 122 21.99 10.10 -10.20
C GLU A 122 21.19 10.73 -11.33
N LEU A 123 21.22 12.05 -11.41
CA LEU A 123 20.56 12.70 -12.52
C LEU A 123 21.36 12.49 -13.80
N PRO A 124 20.70 12.31 -14.94
CA PRO A 124 21.42 12.11 -16.19
C PRO A 124 22.05 13.37 -16.75
N GLU A 125 23.17 13.20 -17.45
CA GLU A 125 23.79 14.31 -18.16
C GLU A 125 22.87 14.83 -19.25
N PHE A 126 22.39 16.05 -19.09
CA PHE A 126 21.53 16.67 -20.10
C PHE A 126 22.41 17.30 -21.18
N ASP A 127 22.19 16.93 -22.43
CA ASP A 127 22.94 17.50 -23.56
C ASP A 127 21.97 18.35 -24.38
N ALA A 128 21.77 19.60 -23.93
CA ALA A 128 20.82 20.51 -24.57
C ALA A 128 21.26 20.89 -25.98
N SER A 129 20.34 20.74 -26.95
CA SER A 129 20.53 21.19 -28.31
C SER A 129 19.68 22.39 -28.70
N LYS A 130 18.60 22.65 -27.97
CA LYS A 130 17.70 23.75 -28.25
C LYS A 130 17.06 24.18 -26.94
N SER A 131 16.50 25.39 -26.93
CA SER A 131 15.84 25.88 -25.74
C SER A 131 14.82 26.93 -26.13
N VAL A 132 13.73 27.01 -25.35
CA VAL A 132 12.76 28.09 -25.49
C VAL A 132 12.48 28.64 -24.11
N LYS A 133 11.98 29.88 -24.07
CA LYS A 133 11.57 30.56 -22.85
C LYS A 133 10.10 30.95 -22.94
N ILE A 134 9.43 30.94 -21.79
CA ILE A 134 8.03 31.33 -21.70
C ILE A 134 7.73 31.79 -20.28
N GLN A 135 6.93 32.84 -20.13
CA GLN A 135 6.54 33.29 -18.80
C GLN A 135 5.79 32.21 -18.04
N ALA A 136 6.00 32.17 -16.72
CA ALA A 136 5.37 31.15 -15.88
C ALA A 136 3.84 31.22 -15.96
N GLY A 137 3.29 32.43 -15.85
CA GLY A 137 1.84 32.56 -15.88
C GLY A 137 1.24 32.18 -17.23
N ILE A 138 1.93 32.49 -18.32
CA ILE A 138 1.42 32.12 -19.63
C ILE A 138 1.38 30.60 -19.76
N LEU A 139 2.46 29.94 -19.36
CA LEU A 139 2.50 28.48 -19.41
C LEU A 139 1.42 27.88 -18.53
N SER A 140 1.23 28.43 -17.34
CA SER A 140 0.24 27.88 -16.41
C SER A 140 -1.16 28.03 -16.98
N GLU A 141 -1.47 29.18 -17.56
CA GLU A 141 -2.76 29.37 -18.20
C GLU A 141 -2.96 28.40 -19.35
N ALA A 142 -1.90 28.16 -20.14
CA ALA A 142 -1.97 27.14 -21.20
C ALA A 142 -2.38 25.78 -20.65
N LEU A 143 -1.82 25.38 -19.51
CA LEU A 143 -2.16 24.07 -18.97
C LEU A 143 -3.56 24.07 -18.39
N VAL A 144 -3.97 25.18 -17.80
CA VAL A 144 -5.35 25.32 -17.30
C VAL A 144 -6.36 25.03 -18.41
N ASN A 145 -6.07 25.48 -19.63
CA ASN A 145 -7.01 25.35 -20.73
C ASN A 145 -6.93 24.01 -21.46
N THR A 146 -5.82 23.29 -21.35
CA THR A 146 -5.60 22.11 -22.19
C THR A 146 -5.66 20.76 -21.48
N LEU A 147 -5.41 20.68 -20.18
CA LEU A 147 -5.22 19.36 -19.58
C LEU A 147 -6.50 18.54 -19.50
N PHE A 148 -7.66 19.20 -19.39
CA PHE A 148 -8.91 18.44 -19.30
C PHE A 148 -9.22 17.73 -20.61
N ALA A 149 -8.73 18.28 -21.73
CA ALA A 149 -9.02 17.76 -23.05
C ALA A 149 -8.19 16.54 -23.42
N THR A 150 -7.01 16.37 -22.83
CA THR A 150 -6.21 15.18 -23.12
C THR A 150 -7.02 13.90 -22.90
N SER A 151 -6.74 12.90 -23.73
CA SER A 151 -7.31 11.57 -23.56
C SER A 151 -6.78 10.91 -22.30
N ASN A 152 -7.65 10.15 -21.63
CA ASN A 152 -7.24 9.40 -20.47
C ASN A 152 -7.18 7.89 -20.75
N ASP A 153 -7.49 7.48 -21.99
CA ASP A 153 -7.21 6.13 -22.44
C ASP A 153 -5.75 6.07 -22.87
N SER A 154 -5.02 5.06 -22.39
CA SER A 154 -3.63 4.92 -22.81
C SER A 154 -3.50 4.33 -24.21
N LEU A 155 -4.62 4.12 -24.89
CA LEU A 155 -4.55 3.79 -26.30
C LEU A 155 -4.32 5.10 -27.03
N ARG A 156 -3.40 5.08 -28.01
CA ARG A 156 -3.00 6.28 -28.76
C ARG A 156 -2.27 7.19 -27.78
N PRO A 157 -1.04 6.84 -27.39
CA PRO A 157 -0.34 7.58 -26.32
C PRO A 157 -0.18 9.08 -26.55
N VAL A 158 0.10 9.52 -27.78
CA VAL A 158 0.38 10.93 -28.01
C VAL A 158 -0.79 11.81 -27.60
N MET A 159 -2.00 11.28 -27.58
CA MET A 159 -3.15 12.09 -27.20
C MET A 159 -3.30 12.19 -25.69
N THR A 160 -2.53 11.42 -24.93
CA THR A 160 -2.46 11.57 -23.49
C THR A 160 -1.57 12.74 -23.07
N GLY A 161 -0.93 13.43 -24.02
CA GLY A 161 -0.13 14.59 -23.71
C GLY A 161 -0.67 15.85 -24.36
N VAL A 162 0.05 16.95 -24.11
CA VAL A 162 -0.24 18.26 -24.67
C VAL A 162 0.88 18.62 -25.62
N LEU A 163 0.52 18.99 -26.84
CA LEU A 163 1.49 19.42 -27.83
C LEU A 163 1.95 20.85 -27.54
N PHE A 164 3.26 21.05 -27.50
CA PHE A 164 3.88 22.37 -27.38
C PHE A 164 4.52 22.71 -28.71
N GLN A 165 4.15 23.84 -29.30
CA GLN A 165 4.75 24.33 -30.54
C GLN A 165 5.29 25.73 -30.30
N PHE A 166 6.59 25.90 -30.50
CA PHE A 166 7.26 27.18 -30.41
C PHE A 166 7.93 27.46 -31.73
N ASN A 167 7.76 28.68 -32.24
CA ASN A 167 8.56 29.12 -33.37
C ASN A 167 8.80 30.62 -33.21
N GLU A 168 9.32 31.25 -34.26
CA GLU A 168 9.73 32.64 -34.11
C GLU A 168 8.55 33.60 -33.99
N ASN A 169 7.32 33.13 -34.19
CA ASN A 169 6.16 34.02 -34.20
C ASN A 169 5.16 33.84 -33.08
N GLU A 170 5.05 32.67 -32.47
CA GLU A 170 3.95 32.38 -31.55
C GLU A 170 4.22 31.05 -30.86
N ALA A 171 3.42 30.77 -29.82
CA ALA A 171 3.38 29.46 -29.16
C ALA A 171 1.96 28.88 -29.19
N ASN A 172 1.86 27.58 -29.51
CA ASN A 172 0.58 26.88 -29.54
C ASN A 172 0.62 25.72 -28.57
N PHE A 173 -0.47 25.53 -27.85
CA PHE A 173 -0.61 24.41 -26.93
C PHE A 173 -1.90 23.71 -27.31
N VAL A 174 -1.82 22.42 -27.60
CA VAL A 174 -2.91 21.68 -28.23
C VAL A 174 -3.15 20.41 -27.45
N SER A 175 -4.43 20.13 -27.18
CA SER A 175 -4.81 18.87 -26.59
C SER A 175 -6.08 18.36 -27.24
N THR A 176 -6.24 17.04 -27.23
CA THR A 176 -7.37 16.39 -27.87
C THR A 176 -7.53 14.99 -27.32
N ASP A 177 -8.77 14.49 -27.40
CA ASP A 177 -9.04 13.07 -27.24
C ASP A 177 -9.90 12.55 -28.39
N SER A 178 -9.86 13.25 -29.53
CA SER A 178 -10.67 13.00 -30.73
C SER A 178 -12.12 13.44 -30.58
N HIS A 179 -12.58 13.71 -29.34
CA HIS A 179 -13.91 14.27 -29.13
C HIS A 179 -13.90 15.74 -28.74
N ARG A 180 -12.79 16.23 -28.21
CA ARG A 180 -12.64 17.64 -27.87
C ARG A 180 -11.27 18.06 -28.34
N LEU A 181 -11.16 19.31 -28.77
CA LEU A 181 -9.89 19.86 -29.18
C LEU A 181 -9.77 21.25 -28.61
N VAL A 182 -8.65 21.50 -27.94
CA VAL A 182 -8.35 22.82 -27.39
C VAL A 182 -7.05 23.31 -28.02
N VAL A 183 -7.08 24.52 -28.55
CA VAL A 183 -5.89 25.20 -29.05
C VAL A 183 -5.72 26.49 -28.27
N TYR A 184 -4.61 26.63 -27.56
CA TYR A 184 -4.29 27.83 -26.82
C TYR A 184 -3.10 28.50 -27.52
N ASN A 185 -3.29 29.74 -27.97
CA ASN A 185 -2.33 30.40 -28.85
C ASN A 185 -1.84 31.68 -28.20
N ARG A 186 -0.52 31.89 -28.25
CA ARG A 186 0.10 33.11 -27.72
C ARG A 186 1.00 33.69 -28.81
N LYS A 187 0.57 34.81 -29.39
CA LYS A 187 1.42 35.48 -30.39
C LYS A 187 2.46 36.37 -29.74
N ASP A 188 2.53 36.41 -28.42
CA ASP A 188 3.55 37.17 -27.72
C ASP A 188 4.67 36.30 -27.17
N VAL A 189 4.71 35.03 -27.55
CA VAL A 189 5.73 34.10 -27.10
C VAL A 189 6.60 33.73 -28.30
N MET A 190 7.82 34.26 -28.33
CA MET A 190 8.71 34.14 -29.48
C MET A 190 10.10 33.69 -29.06
N ASN A 191 10.61 32.69 -29.77
CA ASN A 191 11.92 32.13 -29.51
C ASN A 191 12.59 31.84 -30.84
N VAL A 192 13.90 32.06 -30.90
CA VAL A 192 14.63 31.80 -32.14
C VAL A 192 14.49 30.33 -32.53
N ASP A 193 14.65 29.43 -31.55
CA ASP A 193 14.55 28.00 -31.81
C ASP A 193 13.10 27.60 -32.06
N ASN A 194 12.84 27.06 -33.24
CA ASN A 194 11.54 26.47 -33.55
C ASN A 194 11.53 25.03 -33.02
N ILE A 195 10.59 24.71 -32.14
CA ILE A 195 10.55 23.39 -31.56
C ILE A 195 9.10 22.94 -31.40
N GLU A 196 8.90 21.63 -31.52
CA GLU A 196 7.60 21.00 -31.40
C GLU A 196 7.81 19.71 -30.61
N PHE A 197 7.02 19.48 -29.57
CA PHE A 197 7.21 18.30 -28.72
C PHE A 197 5.92 18.07 -27.91
N ILE A 198 5.76 16.84 -27.44
CA ILE A 198 4.58 16.42 -26.70
C ILE A 198 4.96 16.13 -25.26
N MET A 199 4.35 16.89 -24.31
CA MET A 199 4.57 16.72 -22.87
C MET A 199 3.50 15.82 -22.28
N PRO A 200 3.87 14.81 -21.48
CA PRO A 200 2.87 13.92 -20.87
C PRO A 200 2.02 14.63 -19.81
N LYS A 201 0.82 14.06 -19.59
CA LYS A 201 -0.20 14.72 -18.78
C LYS A 201 0.18 14.81 -17.30
N LYS A 202 0.65 13.70 -16.72
CA LYS A 202 0.89 13.67 -15.27
C LYS A 202 1.89 14.72 -14.79
N PRO A 203 3.08 14.87 -15.38
CA PRO A 203 3.97 15.95 -14.91
C PRO A 203 3.39 17.33 -15.12
N LEU A 204 2.60 17.53 -16.18
CA LEU A 204 2.03 18.85 -16.43
C LEU A 204 1.08 19.27 -15.33
N ALA A 205 0.25 18.34 -14.85
CA ALA A 205 -0.66 18.65 -13.74
C ALA A 205 0.12 19.08 -12.50
N ILE A 206 1.22 18.39 -12.22
CA ILE A 206 2.09 18.78 -11.12
C ILE A 206 2.69 20.15 -11.40
N ILE A 207 3.20 20.33 -12.62
CA ILE A 207 3.88 21.57 -13.00
C ILE A 207 2.92 22.77 -12.91
N LYS A 208 1.65 22.56 -13.26
CA LYS A 208 0.70 23.67 -13.24
C LYS A 208 0.58 24.29 -11.85
N ASN A 209 0.61 23.45 -10.81
CA ASN A 209 0.44 23.93 -9.44
C ASN A 209 1.71 24.56 -8.87
N ILE A 210 2.88 24.22 -9.37
CA ILE A 210 4.11 24.82 -8.85
C ILE A 210 4.35 26.20 -9.47
N LEU A 211 4.01 26.35 -10.75
CA LEU A 211 4.19 27.61 -11.47
C LEU A 211 3.38 28.73 -10.80
N SER A 212 3.99 29.90 -10.68
CA SER A 212 3.28 31.08 -10.22
C SER A 212 2.69 31.84 -11.41
N ASN A 213 1.75 32.73 -11.11
CA ASN A 213 1.11 33.53 -12.16
C ASN A 213 1.85 34.87 -12.26
N THR A 214 3.10 34.75 -12.68
CA THR A 214 4.01 35.88 -12.79
C THR A 214 4.71 35.82 -14.15
N ASP A 215 5.39 36.92 -14.49
CA ASP A 215 6.16 36.97 -15.72
C ASP A 215 7.54 36.32 -15.58
N ASP A 216 7.83 35.69 -14.44
CA ASP A 216 9.11 35.02 -14.25
C ASP A 216 9.31 34.02 -15.38
N GLU A 217 10.53 33.94 -15.91
CA GLU A 217 10.73 33.10 -17.08
C GLU A 217 10.96 31.63 -16.74
N VAL A 218 10.33 30.76 -17.51
CA VAL A 218 10.62 29.34 -17.48
C VAL A 218 11.51 29.04 -18.67
N LEU A 219 12.68 28.46 -18.40
CA LEU A 219 13.56 27.96 -19.44
C LEU A 219 13.21 26.50 -19.67
N ILE A 220 13.04 26.10 -20.93
CA ILE A 220 12.84 24.70 -21.28
C ILE A 220 13.96 24.31 -22.24
N GLU A 221 14.75 23.31 -21.85
CA GLU A 221 15.82 22.76 -22.67
C GLU A 221 15.44 21.36 -23.12
N PHE A 222 15.93 20.97 -24.30
CA PHE A 222 15.52 19.72 -24.93
C PHE A 222 16.73 18.96 -25.46
N ASN A 223 16.60 17.63 -25.43
CA ASN A 223 17.49 16.76 -26.18
C ASN A 223 16.63 15.87 -27.07
N GLU A 224 16.97 14.58 -27.15
CA GLU A 224 16.23 13.64 -27.99
C GLU A 224 14.79 13.48 -27.52
N ASN A 225 14.61 13.11 -26.23
CA ASN A 225 13.27 12.87 -25.73
C ASN A 225 13.12 13.28 -24.26
N MET A 226 13.88 14.28 -23.82
CA MET A 226 13.74 14.83 -22.48
C MET A 226 13.59 16.34 -22.60
N ALA A 227 12.75 16.90 -21.75
CA ALA A 227 12.64 18.33 -21.57
C ALA A 227 13.08 18.63 -20.15
N LYS A 228 13.88 19.67 -20.00
CA LYS A 228 14.32 20.13 -18.68
C LYS A 228 13.79 21.53 -18.48
N PHE A 229 12.84 21.67 -17.56
CA PHE A 229 12.29 22.97 -17.18
C PHE A 229 13.10 23.53 -16.02
N SER A 230 13.43 24.83 -16.11
CA SER A 230 14.07 25.54 -15.01
C SER A 230 13.23 26.76 -14.68
N PHE A 231 12.86 26.90 -13.41
CA PHE A 231 11.98 27.99 -12.97
C PHE A 231 12.31 28.30 -11.52
N GLN A 232 12.95 29.44 -11.30
CA GLN A 232 13.51 29.84 -10.01
C GLN A 232 14.41 28.72 -9.50
N ASP A 233 14.20 28.21 -8.29
CA ASP A 233 15.05 27.18 -7.74
C ASP A 233 14.49 25.77 -7.94
N ASN A 234 13.65 25.60 -8.96
CA ASN A 234 13.06 24.33 -9.33
C ASN A 234 13.68 23.83 -10.63
N ILE A 235 13.76 22.50 -10.76
CA ILE A 235 14.12 21.83 -12.01
C ILE A 235 13.17 20.66 -12.22
N TRP A 236 12.59 20.57 -13.41
CA TRP A 236 11.68 19.49 -13.74
C TRP A 236 12.15 18.81 -15.04
N ILE A 237 12.34 17.50 -14.98
CA ILE A 237 12.84 16.73 -16.11
C ILE A 237 11.79 15.68 -16.45
N CYS A 238 11.30 15.69 -17.69
CA CYS A 238 10.22 14.82 -18.13
C CYS A 238 10.59 14.13 -19.42
N ARG A 239 10.17 12.88 -19.56
CA ARG A 239 10.34 12.19 -20.84
C ARG A 239 9.26 12.70 -21.79
N LEU A 240 9.68 13.12 -22.98
CA LEU A 240 8.73 13.58 -23.98
C LEU A 240 8.09 12.38 -24.67
N ILE A 241 6.88 12.58 -25.18
CA ILE A 241 6.18 11.52 -25.89
C ILE A 241 6.61 11.51 -27.36
N ASP A 242 7.16 10.37 -27.80
CA ASP A 242 7.58 10.19 -29.17
C ASP A 242 6.38 9.88 -30.05
N GLY A 243 6.46 10.28 -31.31
CA GLY A 243 5.42 10.04 -32.28
C GLY A 243 4.90 11.32 -32.89
N LYS A 244 3.99 11.16 -33.83
CA LYS A 244 3.46 12.28 -34.59
C LYS A 244 2.08 12.67 -34.05
N TYR A 245 1.97 13.90 -33.57
CA TYR A 245 0.68 14.43 -33.14
C TYR A 245 -0.25 14.57 -34.35
N PRO A 246 -1.56 14.35 -34.17
CA PRO A 246 -2.46 14.45 -35.33
C PRO A 246 -2.44 15.84 -35.93
N ASN A 247 -2.80 15.91 -37.20
CA ASN A 247 -2.87 17.16 -37.94
C ASN A 247 -4.13 17.88 -37.47
N TYR A 248 -4.00 18.55 -36.31
CA TYR A 248 -5.18 19.03 -35.61
C TYR A 248 -5.86 20.16 -36.38
N THR A 249 -5.11 20.89 -37.19
CA THR A 249 -5.67 22.00 -37.94
C THR A 249 -6.71 21.56 -38.97
N ALA A 250 -6.67 20.31 -39.43
CA ALA A 250 -7.59 19.87 -40.48
C ALA A 250 -9.02 19.63 -39.99
N VAL A 251 -9.25 19.46 -38.69
CA VAL A 251 -10.62 19.25 -38.21
C VAL A 251 -11.32 20.54 -37.81
N ILE A 252 -10.59 21.66 -37.72
CA ILE A 252 -11.15 22.92 -37.30
C ILE A 252 -11.76 23.61 -38.50
N PRO A 253 -13.08 23.78 -38.57
CA PRO A 253 -13.67 24.46 -39.73
C PRO A 253 -13.29 25.94 -39.74
N LYS A 254 -12.94 26.44 -40.93
CA LYS A 254 -12.53 27.83 -41.05
C LYS A 254 -13.72 28.77 -41.04
N GLU A 255 -14.81 28.36 -41.68
CA GLU A 255 -16.03 29.17 -41.79
C GLU A 255 -17.12 28.52 -40.94
N ASN A 256 -17.67 29.30 -40.02
CA ASN A 256 -18.70 28.86 -39.07
C ASN A 256 -19.72 29.97 -38.97
N PRO A 257 -20.67 30.04 -39.91
CA PRO A 257 -21.55 31.22 -39.97
C PRO A 257 -22.65 31.25 -38.92
N ASN A 258 -22.97 30.15 -38.25
CA ASN A 258 -24.09 30.08 -37.32
C ASN A 258 -23.54 30.25 -35.90
N VAL A 259 -23.68 31.46 -35.36
CA VAL A 259 -23.01 31.87 -34.14
C VAL A 259 -24.03 32.09 -33.02
N LEU A 260 -23.91 31.29 -31.96
CA LEU A 260 -24.61 31.49 -30.71
C LEU A 260 -23.75 32.30 -29.73
N THR A 261 -24.32 33.35 -29.16
CA THR A 261 -23.71 34.11 -28.07
C THR A 261 -24.61 34.05 -26.85
N ILE A 262 -24.05 33.66 -25.70
CA ILE A 262 -24.88 33.36 -24.53
C ILE A 262 -24.03 33.43 -23.29
N ASN A 263 -24.67 33.79 -22.18
CA ASN A 263 -24.03 33.78 -20.86
C ASN A 263 -23.52 32.38 -20.53
N ARG A 264 -22.25 32.29 -20.13
CA ARG A 264 -21.61 30.99 -19.93
C ARG A 264 -22.29 30.20 -18.80
N ASN A 265 -22.52 30.82 -17.64
CA ASN A 265 -23.14 30.13 -16.53
C ASN A 265 -24.57 29.67 -16.88
N LEU A 266 -25.30 30.48 -17.64
CA LEU A 266 -26.64 30.09 -18.04
C LEU A 266 -26.60 28.85 -18.92
N LEU A 267 -25.71 28.82 -19.91
CA LEU A 267 -25.60 27.65 -20.77
C LEU A 267 -25.10 26.44 -19.98
N LEU A 268 -24.10 26.67 -19.12
CA LEU A 268 -23.52 25.59 -18.32
C LEU A 268 -24.54 24.99 -17.37
N SER A 269 -25.20 25.82 -16.57
CA SER A 269 -26.18 25.28 -15.63
C SER A 269 -27.36 24.64 -16.35
N SER A 270 -27.73 25.18 -17.52
CA SER A 270 -28.84 24.59 -18.27
C SER A 270 -28.46 23.23 -18.84
N ILE A 271 -27.24 23.10 -19.39
CA ILE A 271 -26.81 21.80 -19.89
C ILE A 271 -26.69 20.79 -18.75
N ARG A 272 -26.20 21.24 -17.59
CA ARG A 272 -26.08 20.33 -16.46
C ARG A 272 -27.44 19.76 -16.09
N ARG A 273 -28.46 20.61 -16.03
CA ARG A 273 -29.79 20.12 -15.72
C ARG A 273 -30.27 19.16 -16.79
N ALA A 274 -30.19 19.56 -18.07
CA ALA A 274 -30.67 18.71 -19.16
C ALA A 274 -29.96 17.37 -19.15
N SER A 275 -28.65 17.35 -18.87
CA SER A 275 -27.88 16.12 -18.95
C SER A 275 -28.34 15.07 -17.95
N ILE A 276 -29.03 15.48 -16.89
CA ILE A 276 -29.62 14.51 -15.97
C ILE A 276 -30.71 13.69 -16.65
N PHE A 277 -31.38 14.25 -17.66
CA PHE A 277 -32.45 13.57 -18.37
C PHE A 277 -31.99 12.89 -19.66
N SER A 278 -30.68 12.82 -19.91
CA SER A 278 -30.19 12.41 -21.22
C SER A 278 -29.89 10.91 -21.28
N ASN A 279 -29.54 10.47 -22.49
CA ASN A 279 -29.19 9.08 -22.74
C ASN A 279 -27.98 8.65 -21.92
N LYS A 280 -28.16 7.60 -21.10
CA LYS A 280 -27.08 7.18 -20.22
C LYS A 280 -25.83 6.75 -21.01
N SER A 281 -26.00 6.30 -22.25
CA SER A 281 -24.85 5.86 -23.03
C SER A 281 -24.08 7.02 -23.63
N THR A 282 -24.77 8.00 -24.23
CA THR A 282 -24.12 9.10 -24.93
C THR A 282 -24.16 10.42 -24.17
N ASN A 283 -25.08 10.56 -23.22
CA ASN A 283 -25.28 11.77 -22.44
C ASN A 283 -25.30 12.97 -23.40
N GLN A 284 -26.28 12.92 -24.27
CA GLN A 284 -26.41 13.84 -25.40
C GLN A 284 -27.49 14.87 -25.12
N VAL A 285 -27.24 16.09 -25.56
CA VAL A 285 -28.23 17.16 -25.53
C VAL A 285 -28.30 17.71 -26.94
N ARG A 286 -29.51 18.06 -27.39
CA ARG A 286 -29.70 18.64 -28.70
C ARG A 286 -29.83 20.16 -28.57
N PHE A 287 -29.11 20.87 -29.42
CA PHE A 287 -29.32 22.30 -29.61
C PHE A 287 -30.20 22.46 -30.84
N LYS A 288 -31.34 23.11 -30.66
CA LYS A 288 -32.18 23.52 -31.78
C LYS A 288 -32.19 25.04 -31.73
N LEU A 289 -31.45 25.64 -32.65
CA LEU A 289 -31.24 27.08 -32.68
C LEU A 289 -32.01 27.66 -33.87
N SER A 290 -32.75 28.73 -33.61
CA SER A 290 -33.53 29.46 -34.59
C SER A 290 -33.93 30.79 -33.97
N GLY A 291 -33.88 31.86 -34.76
CA GLY A 291 -34.18 33.16 -34.19
C GLY A 291 -33.30 33.42 -32.99
N ASN A 292 -33.90 33.88 -31.91
CA ASN A 292 -33.17 34.15 -30.68
C ASN A 292 -33.57 33.20 -29.56
N LEU A 293 -33.73 31.92 -29.92
CA LEU A 293 -34.19 30.89 -28.99
C LEU A 293 -33.31 29.66 -29.11
N LEU A 294 -32.79 29.22 -27.99
CA LEU A 294 -32.10 27.94 -27.89
C LEU A 294 -33.05 26.94 -27.22
N HIS A 295 -33.40 25.89 -27.95
CA HIS A 295 -34.19 24.79 -27.41
CA HIS A 295 -34.20 24.78 -27.43
C HIS A 295 -33.23 23.66 -27.06
N LEU A 296 -33.14 23.35 -25.77
CA LEU A 296 -32.34 22.21 -25.32
C LEU A 296 -33.25 21.01 -25.18
N HIS A 297 -32.83 19.88 -25.72
CA HIS A 297 -33.61 18.65 -25.57
C HIS A 297 -32.69 17.53 -25.12
N ALA A 298 -33.14 16.79 -24.13
CA ALA A 298 -32.49 15.57 -23.71
C ALA A 298 -33.55 14.54 -23.39
N GLU A 299 -33.23 13.28 -23.65
CA GLU A 299 -34.17 12.23 -23.28
C GLU A 299 -33.42 10.92 -23.11
N ASP A 300 -33.99 10.05 -22.28
CA ASP A 300 -33.48 8.71 -22.05
C ASP A 300 -34.64 7.77 -22.37
N THR A 301 -34.63 7.20 -23.58
CA THR A 301 -35.73 6.36 -23.99
C THR A 301 -35.80 5.07 -23.17
N GLU A 302 -34.67 4.62 -22.63
CA GLU A 302 -34.66 3.37 -21.87
C GLU A 302 -35.39 3.52 -20.54
N TYR A 303 -35.25 4.69 -19.90
CA TYR A 303 -35.81 4.94 -18.57
C TYR A 303 -36.91 6.01 -18.57
N ALA A 304 -37.27 6.56 -19.74
CA ALA A 304 -38.44 7.43 -19.91
C ALA A 304 -38.29 8.79 -19.23
N ASN A 305 -37.11 9.37 -19.23
CA ASN A 305 -36.95 10.73 -18.75
C ASN A 305 -36.73 11.65 -19.94
N LYS A 306 -37.11 12.91 -19.80
CA LYS A 306 -37.06 13.85 -20.91
C LYS A 306 -36.88 15.25 -20.35
N ALA A 307 -36.14 16.07 -21.07
CA ALA A 307 -35.99 17.48 -20.70
C ALA A 307 -36.14 18.33 -21.94
N ASP A 308 -36.91 19.42 -21.80
CA ASP A 308 -37.12 20.39 -22.89
C ASP A 308 -37.05 21.79 -22.31
N MET A 309 -36.04 22.55 -22.72
CA MET A 309 -35.77 23.86 -22.15
C MET A 309 -35.72 24.91 -23.26
N GLN A 310 -36.24 26.10 -22.95
CA GLN A 310 -36.16 27.24 -23.87
C GLN A 310 -35.35 28.32 -23.19
N ILE A 311 -34.27 28.71 -23.84
CA ILE A 311 -33.34 29.69 -23.31
C ILE A 311 -33.25 30.86 -24.30
N PRO A 312 -33.62 32.08 -23.93
CA PRO A 312 -33.42 33.22 -24.83
C PRO A 312 -31.95 33.51 -24.98
N CYS A 313 -31.56 33.88 -26.20
CA CYS A 313 -30.15 34.04 -26.49
C CYS A 313 -30.01 34.92 -27.72
N GLU A 314 -28.78 35.18 -28.09
CA GLU A 314 -28.48 35.89 -29.33
C GLU A 314 -27.97 34.84 -30.33
N TYR A 315 -28.76 34.61 -31.36
CA TYR A 315 -28.40 33.64 -32.41
C TYR A 315 -28.68 34.28 -33.77
N ASN A 316 -27.62 34.52 -34.53
CA ASN A 316 -27.71 35.01 -35.90
C ASN A 316 -27.22 33.87 -36.79
N GLY A 317 -28.14 33.26 -37.52
CA GLY A 317 -27.82 32.10 -38.32
C GLY A 317 -29.06 31.35 -38.74
N GLU A 318 -28.84 30.29 -39.50
CA GLU A 318 -29.94 29.47 -39.99
C GLU A 318 -30.39 28.47 -38.93
N ASP A 319 -31.65 28.05 -39.05
CA ASP A 319 -32.17 27.01 -38.17
C ASP A 319 -31.25 25.81 -38.19
N ILE A 320 -30.82 25.36 -37.02
CA ILE A 320 -29.89 24.23 -36.94
C ILE A 320 -30.29 23.36 -35.75
N ASN A 321 -30.18 22.06 -35.94
CA ASN A 321 -30.48 21.06 -34.91
C ASN A 321 -29.25 20.17 -34.80
N ILE A 322 -28.48 20.34 -33.73
CA ILE A 322 -27.18 19.70 -33.58
C ILE A 322 -27.02 19.20 -32.15
N GLY A 323 -26.44 18.01 -31.99
CA GLY A 323 -26.27 17.38 -30.70
C GLY A 323 -24.81 17.32 -30.27
N PHE A 324 -24.59 17.45 -28.96
CA PHE A 324 -23.26 17.40 -28.36
C PHE A 324 -23.33 16.58 -27.09
N SER A 325 -22.19 16.01 -26.69
CA SER A 325 -22.10 15.36 -25.39
C SER A 325 -22.18 16.38 -24.27
N SER A 326 -23.17 16.24 -23.41
CA SER A 326 -23.33 17.25 -22.36
C SER A 326 -22.18 17.18 -21.38
N LYS A 327 -21.65 15.99 -21.10
CA LYS A 327 -20.55 15.86 -20.16
C LYS A 327 -19.31 16.60 -20.68
N PHE A 328 -18.99 16.44 -21.95
CA PHE A 328 -17.82 17.15 -22.48
C PHE A 328 -18.09 18.64 -22.62
N LEU A 329 -19.33 19.01 -22.98
CA LEU A 329 -19.68 20.41 -23.10
C LEU A 329 -19.63 21.12 -21.76
N THR A 330 -20.20 20.51 -20.71
CA THR A 330 -20.20 21.16 -19.40
C THR A 330 -18.78 21.30 -18.87
N GLU A 331 -17.93 20.28 -19.07
CA GLU A 331 -16.55 20.41 -18.63
C GLU A 331 -15.86 21.57 -19.33
N MET A 332 -16.05 21.67 -20.64
CA MET A 332 -15.41 22.72 -21.43
C MET A 332 -15.92 24.09 -21.01
N LEU A 333 -17.22 24.24 -20.81
CA LEU A 333 -17.75 25.50 -20.32
C LEU A 333 -17.27 25.80 -18.90
N SER A 334 -17.01 24.76 -18.09
CA SER A 334 -16.55 25.02 -16.72
C SER A 334 -15.10 25.45 -16.68
N VAL A 335 -14.30 25.08 -17.68
CA VAL A 335 -12.91 25.52 -17.73
C VAL A 335 -12.81 26.99 -18.16
N LEU A 336 -13.70 27.46 -19.03
CA LEU A 336 -13.72 28.87 -19.37
C LEU A 336 -14.25 29.70 -18.20
N GLY A 337 -13.83 30.96 -18.16
CA GLY A 337 -14.19 31.86 -17.06
C GLY A 337 -14.81 33.18 -17.46
N SER A 338 -15.13 33.34 -18.75
CA SER A 338 -15.70 34.58 -19.24
C SER A 338 -17.19 34.67 -18.89
N ASP A 339 -17.71 35.91 -18.95
CA ASP A 339 -19.14 36.11 -18.76
C ASP A 339 -19.95 35.45 -19.88
N ASP A 340 -19.54 35.70 -21.13
CA ASP A 340 -20.22 35.16 -22.30
C ASP A 340 -19.29 34.29 -23.11
N ILE A 341 -19.88 33.33 -23.83
CA ILE A 341 -19.17 32.54 -24.81
C ILE A 341 -19.90 32.68 -26.15
N THR A 342 -19.15 32.46 -27.21
CA THR A 342 -19.69 32.21 -28.53
C THR A 342 -19.54 30.73 -28.87
N MET A 343 -20.53 30.18 -29.54
CA MET A 343 -20.41 28.86 -30.14
C MET A 343 -20.68 29.01 -31.62
N LYS A 344 -19.64 28.81 -32.42
CA LYS A 344 -19.69 28.97 -33.86
C LYS A 344 -19.91 27.62 -34.51
N MET A 345 -20.93 27.52 -35.36
CA MET A 345 -21.29 26.26 -35.98
C MET A 345 -21.45 26.43 -37.47
N SER A 346 -21.41 25.30 -38.17
CA SER A 346 -21.71 25.31 -39.59
C SER A 346 -22.83 24.32 -39.85
N GLN A 347 -22.49 23.04 -40.04
CA GLN A 347 -23.46 22.02 -40.34
C GLN A 347 -23.70 21.14 -39.13
N PRO A 348 -24.85 20.48 -39.05
CA PRO A 348 -25.13 19.62 -37.88
C PRO A 348 -24.13 18.49 -37.70
N ASN A 349 -23.31 18.18 -38.71
CA ASN A 349 -22.29 17.13 -38.63
C ASN A 349 -20.86 17.68 -38.63
N ARG A 350 -20.69 18.96 -38.32
CA ARG A 350 -19.39 19.60 -38.21
C ARG A 350 -19.26 20.11 -36.78
N PRO A 351 -18.03 20.26 -36.30
CA PRO A 351 -17.85 20.62 -34.88
C PRO A 351 -18.36 22.01 -34.57
N GLY A 352 -18.77 22.21 -33.32
CA GLY A 352 -19.03 23.54 -32.80
C GLY A 352 -17.79 24.06 -32.08
N ILE A 353 -17.49 25.33 -32.28
CA ILE A 353 -16.30 25.96 -31.72
C ILE A 353 -16.71 26.96 -30.67
N ILE A 354 -16.26 26.75 -29.43
CA ILE A 354 -16.56 27.62 -28.30
C ILE A 354 -15.36 28.51 -28.05
N GLU A 355 -15.60 29.81 -27.86
CA GLU A 355 -14.59 30.77 -27.48
C GLU A 355 -15.12 31.70 -26.41
N PRO A 356 -14.27 32.13 -25.49
CA PRO A 356 -14.70 33.17 -24.55
C PRO A 356 -14.89 34.47 -25.31
N VAL A 357 -15.84 35.27 -24.85
CA VAL A 357 -16.11 36.56 -25.49
C VAL A 357 -15.17 37.63 -24.96
N ASP A 358 -15.00 37.67 -23.66
CA ASP A 358 -14.30 38.74 -22.96
C ASP A 358 -13.12 38.16 -22.19
N GLY A 359 -12.23 39.03 -21.73
CA GLY A 359 -11.22 38.67 -20.76
C GLY A 359 -9.90 38.14 -21.29
N LEU A 360 -9.74 38.04 -22.60
CA LEU A 360 -8.46 37.60 -23.18
C LEU A 360 -7.53 38.79 -23.36
N GLU A 361 -6.23 38.57 -23.11
CA GLU A 361 -5.24 39.59 -23.39
C GLU A 361 -5.04 39.73 -24.91
N GLU A 362 -4.39 40.82 -25.32
CA GLU A 362 -4.35 41.20 -26.74
C GLU A 362 -3.85 40.07 -27.62
N ASN A 363 -2.80 39.37 -27.20
CA ASN A 363 -2.17 38.36 -28.04
C ASN A 363 -2.50 36.95 -27.59
N GLU A 364 -3.67 36.76 -26.98
CA GLU A 364 -4.07 35.48 -26.44
C GLU A 364 -5.36 35.04 -27.10
N SER A 365 -5.41 33.79 -27.56
CA SER A 365 -6.67 33.28 -28.09
C SER A 365 -6.90 31.85 -27.61
N ILE A 366 -8.18 31.50 -27.47
CA ILE A 366 -8.58 30.20 -26.97
C ILE A 366 -9.61 29.63 -27.94
N LEU A 367 -9.45 28.37 -28.30
CA LEU A 367 -10.34 27.68 -29.21
C LEU A 367 -10.67 26.32 -28.60
N MET A 368 -11.95 26.04 -28.40
CA MET A 368 -12.37 24.78 -27.79
C MET A 368 -13.41 24.12 -28.69
N LEU A 369 -12.97 23.10 -29.41
CA LEU A 369 -13.77 22.45 -30.43
C LEU A 369 -14.42 21.18 -29.87
N SER A 370 -15.72 21.03 -30.12
CA SER A 370 -16.48 19.85 -29.73
C SER A 370 -16.95 19.09 -30.97
N MET A 371 -16.58 17.82 -31.06
CA MET A 371 -17.07 16.98 -32.14
C MET A 371 -18.55 16.69 -31.91
N PRO A 372 -19.40 16.81 -32.93
CA PRO A 372 -20.84 16.57 -32.73
C PRO A 372 -21.22 15.09 -32.69
N VAL A 373 -22.39 14.84 -32.13
CA VAL A 373 -23.08 13.54 -32.13
C VAL A 373 -23.91 13.41 -33.40
N ILE A 374 -23.81 12.25 -34.07
CA ILE A 374 -24.53 12.03 -35.34
C ILE A 374 -25.27 10.69 -35.40
N MET B 1 -52.45 14.10 -8.60
CA MET B 1 -52.05 15.22 -7.74
C MET B 1 -51.16 16.23 -8.48
N LYS B 2 -51.28 17.48 -8.07
CA LYS B 2 -50.57 18.60 -8.68
C LYS B 2 -50.24 19.58 -7.58
N PHE B 3 -49.00 20.08 -7.54
CA PHE B 3 -48.65 21.02 -6.49
C PHE B 3 -47.52 21.92 -6.94
N ILE B 4 -47.39 23.06 -6.27
CA ILE B 4 -46.35 24.05 -6.55
C ILE B 4 -45.55 24.28 -5.28
N VAL B 5 -44.22 24.27 -5.40
CA VAL B 5 -43.32 24.46 -4.25
C VAL B 5 -42.02 25.08 -4.74
N ALA B 6 -41.45 25.95 -3.89
CA ALA B 6 -40.12 26.49 -4.16
C ALA B 6 -39.09 25.38 -4.14
N SER B 7 -38.19 25.41 -5.12
CA SER B 7 -37.20 24.34 -5.26
C SER B 7 -36.30 24.23 -4.04
N GLY B 8 -35.94 25.37 -3.43
CA GLY B 8 -35.09 25.33 -2.25
C GLY B 8 -35.72 24.62 -1.05
N GLU B 9 -36.99 24.90 -0.79
CA GLU B 9 -37.72 24.16 0.25
C GLU B 9 -37.85 22.68 -0.09
N LEU B 10 -38.16 22.35 -1.33
CA LEU B 10 -38.26 20.95 -1.72
C LEU B 10 -36.91 20.25 -1.55
N GLN B 11 -35.83 20.91 -1.96
CA GLN B 11 -34.50 20.34 -1.80
C GLN B 11 -34.15 20.08 -0.35
N LYS B 12 -34.42 21.04 0.54
CA LYS B 12 -34.08 20.82 1.95
C LYS B 12 -34.89 19.64 2.50
N ALA B 13 -36.17 19.55 2.16
CA ALA B 13 -36.98 18.43 2.63
C ALA B 13 -36.40 17.09 2.15
N LEU B 14 -36.11 16.99 0.85
CA LEU B 14 -35.55 15.75 0.29
C LEU B 14 -34.21 15.39 0.92
N GLN B 15 -33.33 16.37 1.10
CA GLN B 15 -32.03 16.08 1.70
C GLN B 15 -32.20 15.58 3.12
N THR B 16 -33.23 16.06 3.82
CA THR B 16 -33.45 15.64 5.21
C THR B 16 -33.68 14.13 5.31
N VAL B 17 -34.48 13.56 4.41
CA VAL B 17 -34.82 12.14 4.48
C VAL B 17 -33.95 11.28 3.58
N SER B 18 -33.07 11.87 2.76
CA SER B 18 -32.42 11.08 1.73
C SER B 18 -31.35 10.16 2.30
N GLY B 19 -30.85 10.44 3.51
CA GLY B 19 -29.72 9.70 4.04
C GLY B 19 -29.97 8.23 4.27
N VAL B 20 -31.23 7.81 4.31
CA VAL B 20 -31.52 6.41 4.58
C VAL B 20 -31.62 5.58 3.30
N ILE B 21 -31.73 6.22 2.12
CA ILE B 21 -31.82 5.51 0.85
C ILE B 21 -30.43 5.05 0.39
N SER B 22 -30.23 3.73 0.36
CA SER B 22 -28.95 3.12 0.00
C SER B 22 -28.87 2.69 -1.47
N SER B 26 -30.79 -2.17 -1.39
CA SER B 26 -32.08 -2.67 -0.92
C SER B 26 -32.97 -3.10 -2.08
N ARG B 27 -34.18 -3.59 -1.75
CA ARG B 27 -35.14 -3.95 -2.79
C ARG B 27 -35.63 -2.69 -3.51
N PRO B 28 -36.00 -2.82 -4.79
CA PRO B 28 -36.10 -1.61 -5.64
C PRO B 28 -37.18 -0.62 -5.25
N ILE B 29 -38.28 -1.06 -4.62
CA ILE B 29 -39.32 -0.09 -4.32
C ILE B 29 -38.84 0.89 -3.26
N LEU B 30 -37.88 0.49 -2.42
CA LEU B 30 -37.34 1.36 -1.38
C LEU B 30 -36.29 2.34 -1.88
N GLU B 31 -35.98 2.36 -3.19
CA GLU B 31 -35.13 3.39 -3.76
C GLU B 31 -35.90 4.67 -4.06
N ASN B 32 -37.19 4.72 -3.76
CA ASN B 32 -38.03 5.85 -4.08
C ASN B 32 -38.32 6.66 -2.82
N PHE B 33 -38.50 7.96 -3.02
CA PHE B 33 -39.27 8.76 -2.06
C PHE B 33 -40.75 8.41 -2.22
N LEU B 34 -41.46 8.34 -1.10
CA LEU B 34 -42.92 8.26 -1.11
C LEU B 34 -43.46 9.65 -0.82
N PHE B 35 -44.20 10.23 -1.77
CA PHE B 35 -44.87 11.51 -1.59
C PHE B 35 -46.34 11.28 -1.27
N GLU B 36 -46.80 11.86 -0.17
CA GLU B 36 -48.21 11.82 0.19
C GLU B 36 -48.65 13.26 0.40
N LEU B 37 -49.57 13.74 -0.44
CA LEU B 37 -50.07 15.11 -0.40
C LEU B 37 -51.49 15.10 0.15
N GLU B 38 -51.72 15.88 1.23
CA GLU B 38 -53.02 15.93 1.90
C GLU B 38 -53.19 17.34 2.46
N ASN B 39 -54.14 18.09 1.91
CA ASN B 39 -54.49 19.44 2.35
C ASN B 39 -53.27 20.35 2.43
N ASP B 40 -52.56 20.49 1.29
CA ASP B 40 -51.42 21.39 1.14
C ASP B 40 -50.23 20.97 1.97
N ASN B 41 -50.23 19.75 2.47
CA ASN B 41 -49.10 19.23 3.22
C ASN B 41 -48.50 18.08 2.43
N LEU B 42 -47.23 18.22 2.04
CA LEU B 42 -46.51 17.20 1.28
C LEU B 42 -45.65 16.42 2.28
N LYS B 43 -46.06 15.19 2.57
CA LYS B 43 -45.30 14.34 3.45
C LYS B 43 -44.34 13.52 2.59
N ILE B 44 -43.06 13.50 2.96
CA ILE B 44 -42.04 12.81 2.17
C ILE B 44 -41.44 11.72 3.04
N THR B 45 -41.46 10.49 2.54
CA THR B 45 -41.03 9.31 3.28
C THR B 45 -39.90 8.63 2.53
N ALA B 46 -38.86 8.22 3.27
CA ALA B 46 -37.79 7.40 2.73
C ALA B 46 -37.49 6.30 3.74
N SER B 47 -37.04 5.15 3.24
CA SER B 47 -36.85 4.01 4.12
C SER B 47 -35.85 3.05 3.50
N ASP B 48 -35.09 2.36 4.36
CA ASP B 48 -34.28 1.23 3.94
C ASP B 48 -34.85 -0.10 4.41
N GLY B 49 -36.08 -0.08 4.92
CA GLY B 49 -36.75 -1.28 5.40
C GLY B 49 -36.70 -1.45 6.90
N GLU B 50 -35.72 -0.87 7.58
CA GLU B 50 -35.64 -0.89 9.03
C GLU B 50 -35.76 0.49 9.64
N THR B 51 -35.12 1.49 9.03
CA THR B 51 -35.30 2.88 9.40
C THR B 51 -36.22 3.56 8.38
N THR B 52 -37.15 4.37 8.88
CA THR B 52 -38.02 5.18 8.05
C THR B 52 -37.89 6.63 8.49
N LEU B 53 -37.55 7.52 7.57
CA LEU B 53 -37.46 8.95 7.84
C LEU B 53 -38.60 9.67 7.13
N ILE B 54 -39.24 10.60 7.83
CA ILE B 54 -40.38 11.32 7.30
C ILE B 54 -40.20 12.81 7.58
N THR B 55 -40.45 13.63 6.57
CA THR B 55 -40.58 15.06 6.78
C THR B 55 -41.78 15.53 5.97
N SER B 56 -42.29 16.73 6.30
CA SER B 56 -43.36 17.30 5.50
C SER B 56 -43.17 18.81 5.40
N ILE B 57 -43.56 19.36 4.25
CA ILE B 57 -43.47 20.80 4.01
C ILE B 57 -44.78 21.32 3.44
N PRO B 58 -45.15 22.55 3.73
CA PRO B 58 -46.34 23.12 3.09
C PRO B 58 -46.09 23.39 1.63
N VAL B 59 -47.09 23.10 0.81
CA VAL B 59 -47.06 23.39 -0.61
C VAL B 59 -48.39 24.02 -0.98
N LYS B 60 -48.45 24.53 -2.21
CA LYS B 60 -49.69 25.04 -2.79
C LYS B 60 -50.24 23.95 -3.69
N SER B 61 -51.50 23.58 -3.48
CA SER B 61 -52.13 22.51 -4.25
C SER B 61 -53.65 22.65 -4.20
N GLU B 62 -54.30 21.88 -5.08
CA GLU B 62 -55.76 21.83 -5.13
C GLU B 62 -56.33 20.42 -4.99
N ASN B 63 -55.48 19.38 -4.96
CA ASN B 63 -55.94 18.01 -4.83
C ASN B 63 -54.92 17.24 -3.99
N ASN B 64 -55.22 15.96 -3.73
CA ASN B 64 -54.42 15.07 -2.92
C ASN B 64 -53.94 13.90 -3.77
N GLY B 65 -52.98 13.15 -3.23
CA GLY B 65 -52.48 12.00 -3.95
C GLY B 65 -51.29 11.38 -3.26
N ARG B 66 -50.75 10.35 -3.91
CA ARG B 66 -49.59 9.56 -3.47
C ARG B 66 -48.72 9.25 -4.68
N MET B 67 -47.40 9.38 -4.52
CA MET B 67 -46.44 9.13 -5.60
C MET B 67 -45.20 8.43 -5.07
N ALA B 68 -44.63 7.54 -5.88
CA ALA B 68 -43.32 6.94 -5.63
C ALA B 68 -42.33 7.51 -6.66
N VAL B 69 -41.40 8.32 -6.20
CA VAL B 69 -40.47 9.05 -7.05
C VAL B 69 -39.06 8.52 -6.82
N PRO B 70 -38.34 8.10 -7.86
CA PRO B 70 -36.96 7.58 -7.66
C PRO B 70 -36.02 8.65 -7.09
N ALA B 71 -35.36 8.30 -5.99
CA ALA B 71 -34.80 9.32 -5.09
C ALA B 71 -33.54 9.97 -5.66
N LYS B 72 -32.53 9.18 -6.01
CA LYS B 72 -31.28 9.75 -6.52
C LYS B 72 -31.56 10.66 -7.71
N MET B 73 -32.29 10.14 -8.70
CA MET B 73 -32.65 10.92 -9.87
C MET B 73 -33.34 12.23 -9.48
N PHE B 74 -34.36 12.15 -8.62
CA PHE B 74 -35.18 13.33 -8.36
C PHE B 74 -34.41 14.41 -7.60
N LEU B 75 -33.63 14.01 -6.57
CA LEU B 75 -32.85 14.97 -5.82
C LEU B 75 -31.75 15.58 -6.70
N ASP B 76 -31.13 14.78 -7.56
CA ASP B 76 -30.20 15.34 -8.56
C ASP B 76 -30.89 16.40 -9.40
N VAL B 77 -32.14 16.12 -9.83
CA VAL B 77 -32.90 17.09 -10.63
C VAL B 77 -33.18 18.36 -9.84
N ILE B 78 -33.70 18.21 -8.61
CA ILE B 78 -34.02 19.40 -7.81
C ILE B 78 -32.77 20.21 -7.55
N LYS B 79 -31.65 19.54 -7.27
CA LYS B 79 -30.40 20.25 -7.02
C LYS B 79 -29.95 21.03 -8.25
N SER B 80 -30.25 20.52 -9.45
CA SER B 80 -29.80 21.19 -10.66
C SER B 80 -30.56 22.48 -10.94
N PHE B 81 -31.60 22.79 -10.17
CA PHE B 81 -32.31 24.04 -10.28
C PHE B 81 -31.73 25.05 -9.31
N GLY B 82 -31.93 26.32 -9.65
CA GLY B 82 -31.75 27.41 -8.70
C GLY B 82 -33.02 27.49 -7.88
N ASP B 83 -33.18 28.62 -7.19
CA ASP B 83 -34.35 28.89 -6.35
C ASP B 83 -35.49 29.34 -7.24
N GLN B 84 -36.45 28.45 -7.49
CA GLN B 84 -37.54 28.80 -8.36
C GLN B 84 -38.80 28.06 -7.93
N PRO B 85 -39.98 28.67 -8.06
CA PRO B 85 -41.20 27.90 -7.84
C PRO B 85 -41.33 26.87 -8.95
N LEU B 86 -41.56 25.61 -8.57
CA LEU B 86 -41.71 24.54 -9.54
C LEU B 86 -43.07 23.89 -9.37
N THR B 87 -43.71 23.57 -10.49
CA THR B 87 -44.99 22.88 -10.51
C THR B 87 -44.78 21.41 -10.84
N PHE B 88 -45.43 20.53 -10.09
CA PHE B 88 -45.33 19.10 -10.28
C PHE B 88 -46.72 18.55 -10.57
N VAL B 89 -46.82 17.73 -11.63
CA VAL B 89 -48.08 17.15 -12.05
C VAL B 89 -47.87 15.64 -12.21
N GLU B 90 -48.60 14.84 -11.45
CA GLU B 90 -48.58 13.40 -11.65
C GLU B 90 -49.43 13.07 -12.87
N LYS B 91 -48.85 12.36 -13.84
CA LYS B 91 -49.58 11.97 -15.06
C LYS B 91 -49.52 10.46 -15.28
N SER B 99 -46.99 5.98 -16.12
CA SER B 99 -47.09 6.91 -14.98
C SER B 99 -45.83 7.78 -14.84
N LEU B 100 -45.94 9.06 -15.22
CA LEU B 100 -44.83 10.00 -15.24
C LEU B 100 -45.06 11.12 -14.23
N LEU B 101 -43.97 11.71 -13.76
CA LEU B 101 -44.04 12.98 -13.01
C LEU B 101 -43.50 14.08 -13.90
N GLU B 102 -44.35 15.05 -14.19
CA GLU B 102 -44.00 16.19 -15.00
C GLU B 102 -43.62 17.35 -14.09
N ILE B 103 -42.53 18.02 -14.44
CA ILE B 103 -42.08 19.24 -13.77
C ILE B 103 -42.17 20.39 -14.75
N LEU B 104 -42.86 21.46 -14.34
CA LEU B 104 -43.08 22.64 -15.16
C LEU B 104 -42.34 23.82 -14.55
N ASP B 105 -41.58 24.53 -15.38
CA ASP B 105 -40.88 25.74 -14.95
C ASP B 105 -41.03 26.74 -16.09
N GLU B 106 -42.02 27.62 -15.98
CA GLU B 106 -42.36 28.53 -17.08
C GLU B 106 -42.58 27.69 -18.33
N LYS B 107 -41.80 27.96 -19.38
CA LYS B 107 -41.99 27.26 -20.66
C LYS B 107 -41.21 25.94 -20.74
N ASP B 108 -40.52 25.53 -19.68
CA ASP B 108 -39.72 24.31 -19.71
C ASP B 108 -40.50 23.15 -19.12
N ASN B 109 -40.33 21.97 -19.73
CA ASN B 109 -40.99 20.73 -19.30
C ASN B 109 -39.96 19.64 -19.11
N TYR B 110 -40.15 18.87 -18.03
CA TYR B 110 -39.32 17.73 -17.66
C TYR B 110 -40.20 16.57 -17.23
N PHE B 111 -39.78 15.36 -17.55
CA PHE B 111 -40.50 14.16 -17.14
C PHE B 111 -39.58 13.20 -16.42
N VAL B 112 -40.06 12.67 -15.29
CA VAL B 112 -39.40 11.61 -14.54
C VAL B 112 -40.34 10.41 -14.46
N ALA B 113 -39.87 9.26 -14.92
CA ALA B 113 -40.68 8.04 -14.78
C ALA B 113 -40.93 7.73 -13.31
N LEU B 114 -42.12 7.24 -13.03
CA LEU B 114 -42.52 6.93 -11.65
C LEU B 114 -42.70 5.43 -11.47
N ASP B 115 -42.48 4.99 -10.23
CA ASP B 115 -42.83 3.64 -9.81
C ASP B 115 -44.30 3.60 -9.37
N ASN B 116 -44.77 2.42 -9.03
CA ASN B 116 -46.14 2.25 -8.56
C ASN B 116 -46.18 2.49 -7.05
N ALA B 117 -46.85 3.57 -6.63
CA ALA B 117 -46.92 3.88 -5.21
C ALA B 117 -47.62 2.80 -4.40
N GLU B 118 -48.55 2.06 -5.02
CA GLU B 118 -49.23 0.98 -4.33
C GLU B 118 -48.27 -0.12 -3.89
N ASP B 119 -47.08 -0.18 -4.50
CA ASP B 119 -46.05 -1.14 -4.10
C ASP B 119 -45.16 -0.63 -2.97
N TYR B 120 -45.24 0.65 -2.63
CA TYR B 120 -44.42 1.15 -1.54
C TYR B 120 -45.03 0.70 -0.21
N PRO B 121 -44.26 0.06 0.67
CA PRO B 121 -44.87 -0.47 1.91
C PRO B 121 -45.33 0.64 2.84
N GLU B 122 -46.55 0.50 3.35
CA GLU B 122 -47.04 1.39 4.38
C GLU B 122 -46.45 0.98 5.73
N LEU B 123 -46.25 1.95 6.59
CA LEU B 123 -45.85 1.58 7.95
C LEU B 123 -47.10 1.14 8.72
N PRO B 124 -46.97 0.24 9.68
CA PRO B 124 -48.13 -0.10 10.49
C PRO B 124 -48.45 1.08 11.39
N GLU B 125 -49.72 1.20 11.77
CA GLU B 125 -50.10 2.21 12.74
C GLU B 125 -49.34 1.96 14.04
N PHE B 126 -48.60 2.97 14.47
CA PHE B 126 -47.78 2.89 15.68
C PHE B 126 -48.66 3.02 16.91
N ASP B 127 -48.63 2.02 17.78
CA ASP B 127 -49.44 2.00 18.99
C ASP B 127 -48.48 2.13 20.18
N ALA B 128 -48.16 3.37 20.53
CA ALA B 128 -47.22 3.69 21.61
C ALA B 128 -47.75 3.22 22.96
N SER B 129 -46.88 2.52 23.70
CA SER B 129 -47.16 2.15 25.08
C SER B 129 -46.40 3.00 26.09
N LYS B 130 -45.36 3.70 25.67
CA LYS B 130 -44.56 4.53 26.55
C LYS B 130 -43.96 5.66 25.73
N SER B 131 -43.51 6.72 26.39
CA SER B 131 -42.90 7.83 25.68
C SER B 131 -41.97 8.61 26.60
N VAL B 132 -40.92 9.20 26.00
CA VAL B 132 -40.07 10.13 26.72
C VAL B 132 -39.86 11.38 25.86
N LYS B 133 -39.53 12.47 26.54
CA LYS B 133 -39.19 13.73 25.90
C LYS B 133 -37.77 14.15 26.26
N ILE B 134 -37.09 14.80 25.32
CA ILE B 134 -35.73 15.30 25.54
C ILE B 134 -35.50 16.48 24.61
N GLN B 135 -34.86 17.52 25.13
CA GLN B 135 -34.54 18.66 24.29
C GLN B 135 -33.63 18.22 23.15
N ALA B 136 -33.80 18.84 21.98
CA ALA B 136 -32.99 18.46 20.82
C ALA B 136 -31.50 18.68 21.11
N GLY B 137 -31.17 19.82 21.73
CA GLY B 137 -29.78 20.11 22.05
C GLY B 137 -29.18 19.11 23.03
N ILE B 138 -29.98 18.63 23.98
CA ILE B 138 -29.50 17.62 24.91
C ILE B 138 -29.29 16.30 24.18
N LEU B 139 -30.27 15.89 23.37
CA LEU B 139 -30.11 14.67 22.57
C LEU B 139 -28.94 14.80 21.59
N SER B 140 -28.79 15.99 20.99
CA SER B 140 -27.72 16.19 20.00
C SER B 140 -26.34 16.07 20.65
N GLU B 141 -26.16 16.65 21.84
CA GLU B 141 -24.88 16.53 22.53
C GLU B 141 -24.61 15.09 22.94
N ALA B 142 -25.64 14.36 23.40
CA ALA B 142 -25.47 12.94 23.69
C ALA B 142 -24.91 12.17 22.51
N LEU B 143 -25.38 12.48 21.31
CA LEU B 143 -24.88 11.79 20.12
C LEU B 143 -23.46 12.25 19.76
N VAL B 144 -23.14 13.52 19.98
CA VAL B 144 -21.77 13.98 19.75
C VAL B 144 -20.78 13.14 20.58
N ASN B 145 -21.17 12.80 21.80
CA ASN B 145 -20.28 12.12 22.73
C ASN B 145 -20.26 10.62 22.55
N THR B 146 -21.30 10.02 21.98
CA THR B 146 -21.35 8.56 21.91
C THR B 146 -21.10 8.01 20.51
N LEU B 147 -21.33 8.79 19.44
CA LEU B 147 -21.11 8.26 18.08
C LEU B 147 -19.63 8.33 17.70
N PHE B 148 -18.95 7.20 17.65
CA PHE B 148 -17.53 7.21 17.33
C PHE B 148 -17.30 7.59 15.87
N ALA B 149 -16.18 8.27 15.61
CA ALA B 149 -15.91 8.71 14.25
C ALA B 149 -15.57 7.54 13.37
N THR B 150 -14.96 6.51 13.95
CA THR B 150 -14.69 5.24 13.31
C THR B 150 -14.89 4.15 14.36
N SER B 151 -15.39 3.01 13.93
CA SER B 151 -15.30 1.81 14.76
C SER B 151 -15.23 0.64 13.80
N ASN B 152 -14.13 -0.10 13.84
CA ASN B 152 -13.91 -1.24 12.95
C ASN B 152 -13.96 -2.59 13.65
N ASP B 153 -14.37 -2.62 14.92
CA ASP B 153 -14.60 -3.87 15.64
C ASP B 153 -15.88 -4.53 15.17
N SER B 154 -15.82 -5.84 14.93
CA SER B 154 -17.00 -6.69 14.72
C SER B 154 -17.59 -7.07 16.08
N LEU B 155 -18.36 -6.16 16.67
CA LEU B 155 -18.95 -6.41 17.98
C LEU B 155 -20.22 -7.25 17.91
N ARG B 156 -20.54 -7.90 19.04
CA ARG B 156 -21.82 -8.59 19.20
C ARG B 156 -22.96 -7.56 19.03
N PRO B 157 -24.15 -8.00 18.59
CA PRO B 157 -25.20 -7.01 18.21
C PRO B 157 -25.53 -5.95 19.27
N VAL B 158 -25.66 -6.31 20.57
CA VAL B 158 -26.04 -5.30 21.56
C VAL B 158 -24.96 -4.23 21.69
N MET B 159 -23.70 -4.56 21.43
CA MET B 159 -22.68 -3.50 21.57
C MET B 159 -22.44 -2.71 20.29
N THR B 160 -23.05 -3.08 19.16
CA THR B 160 -22.94 -2.23 17.97
C THR B 160 -23.87 -1.01 18.00
N GLY B 161 -24.70 -0.84 19.03
CA GLY B 161 -25.58 0.29 19.12
C GLY B 161 -25.24 1.20 20.29
N VAL B 162 -26.09 2.20 20.51
CA VAL B 162 -25.99 3.13 21.63
C VAL B 162 -27.14 2.85 22.58
N LEU B 163 -26.81 2.63 23.85
CA LEU B 163 -27.80 2.40 24.88
C LEU B 163 -28.43 3.72 25.33
N PHE B 164 -29.76 3.77 25.31
CA PHE B 164 -30.53 4.87 25.85
C PHE B 164 -31.24 4.36 27.09
N GLN B 165 -31.05 5.05 28.22
CA GLN B 165 -31.72 4.74 29.48
C GLN B 165 -32.46 5.97 29.95
N PHE B 166 -33.78 5.86 30.12
CA PHE B 166 -34.58 6.94 30.67
C PHE B 166 -35.33 6.44 31.89
N ASN B 167 -35.36 7.25 32.95
CA ASN B 167 -36.24 6.96 34.07
C ASN B 167 -36.67 8.29 34.69
N GLU B 168 -37.28 8.22 35.87
CA GLU B 168 -37.79 9.45 36.49
C GLU B 168 -36.68 10.33 37.05
N ASN B 169 -35.44 9.84 37.09
CA ASN B 169 -34.34 10.56 37.71
C ASN B 169 -33.27 11.05 36.75
N GLU B 170 -33.10 10.43 35.58
CA GLU B 170 -31.97 10.75 34.72
C GLU B 170 -32.12 10.06 33.38
N ALA B 171 -31.29 10.47 32.42
CA ALA B 171 -31.09 9.77 31.17
C ALA B 171 -29.61 9.44 31.01
N ASN B 172 -29.33 8.21 30.58
CA ASN B 172 -27.97 7.74 30.34
C ASN B 172 -27.84 7.33 28.88
N PHE B 173 -26.70 7.67 28.29
CA PHE B 173 -26.38 7.31 26.91
C PHE B 173 -25.01 6.66 26.93
N VAL B 174 -24.92 5.42 26.45
CA VAL B 174 -23.71 4.61 26.60
C VAL B 174 -23.36 3.97 25.26
N SER B 175 -22.09 4.04 24.88
CA SER B 175 -21.60 3.32 23.72
C SER B 175 -20.24 2.74 24.05
N THR B 176 -19.83 1.73 23.27
CA THR B 176 -18.58 1.07 23.58
C THR B 176 -18.03 0.38 22.34
N ASP B 177 -16.69 0.22 22.32
CA ASP B 177 -16.06 -0.80 21.48
C ASP B 177 -14.95 -1.44 22.32
N SER B 178 -14.08 -2.22 21.66
CA SER B 178 -13.10 -2.96 22.42
C SER B 178 -12.10 -2.06 23.14
N HIS B 179 -12.02 -0.79 22.75
CA HIS B 179 -11.11 0.18 23.34
C HIS B 179 -11.78 1.24 24.19
N ARG B 180 -13.10 1.46 24.06
CA ARG B 180 -13.73 2.62 24.67
C ARG B 180 -15.06 2.30 25.33
N LEU B 181 -15.39 3.11 26.33
CA LEU B 181 -16.70 3.16 26.92
C LEU B 181 -16.99 4.63 27.14
N VAL B 182 -18.12 5.10 26.63
CA VAL B 182 -18.57 6.47 26.86
C VAL B 182 -19.86 6.37 27.63
N VAL B 183 -19.94 7.09 28.76
CA VAL B 183 -21.16 7.19 29.55
C VAL B 183 -21.53 8.66 29.65
N TYR B 184 -22.64 9.04 29.06
CA TYR B 184 -23.10 10.42 29.07
C TYR B 184 -24.36 10.52 29.92
N ASN B 185 -24.32 11.35 30.97
CA ASN B 185 -25.34 11.37 32.00
C ASN B 185 -25.99 12.75 32.06
N ARG B 186 -27.32 12.76 32.11
CA ARG B 186 -28.10 14.00 32.23
C ARG B 186 -29.10 13.84 33.37
N LYS B 187 -28.85 14.53 34.49
CA LYS B 187 -29.79 14.51 35.61
C LYS B 187 -30.96 15.47 35.42
N ASP B 188 -30.98 16.24 34.34
CA ASP B 188 -32.08 17.15 34.04
C ASP B 188 -33.01 16.61 32.95
N VAL B 189 -32.92 15.34 32.59
CA VAL B 189 -33.83 14.71 31.63
C VAL B 189 -34.61 13.67 32.41
N MET B 190 -35.86 13.99 32.73
CA MET B 190 -36.67 13.16 33.60
C MET B 190 -38.00 12.89 32.94
N ASN B 191 -38.38 11.61 32.92
CA ASN B 191 -39.62 11.19 32.30
C ASN B 191 -40.31 10.17 33.20
N VAL B 192 -41.64 10.24 33.24
CA VAL B 192 -42.42 9.30 34.04
C VAL B 192 -42.13 7.87 33.61
N ASP B 193 -42.09 7.64 32.30
CA ASP B 193 -41.89 6.31 31.74
C ASP B 193 -40.42 5.91 31.88
N ASN B 194 -40.16 4.78 32.55
CA ASN B 194 -38.83 4.17 32.59
C ASN B 194 -38.67 3.25 31.37
N ILE B 195 -37.65 3.52 30.55
CA ILE B 195 -37.42 2.73 29.36
C ILE B 195 -35.92 2.62 29.09
N GLU B 196 -35.52 1.49 28.52
CA GLU B 196 -34.14 1.20 28.18
C GLU B 196 -34.16 0.56 26.80
N PHE B 197 -33.34 1.08 25.88
CA PHE B 197 -33.38 0.55 24.53
C PHE B 197 -32.06 0.85 23.84
N ILE B 198 -31.75 0.05 22.84
CA ILE B 198 -30.49 0.13 22.10
C ILE B 198 -30.81 0.54 20.68
N MET B 199 -30.28 1.70 20.27
CA MET B 199 -30.46 2.30 18.97
C MET B 199 -29.31 1.91 18.05
N PRO B 200 -29.58 1.46 16.83
CA PRO B 200 -28.47 1.14 15.91
C PRO B 200 -27.77 2.42 15.47
N LYS B 201 -26.50 2.27 15.10
CA LYS B 201 -25.64 3.42 14.83
C LYS B 201 -26.10 4.18 13.59
N LYS B 202 -26.44 3.47 12.51
CA LYS B 202 -26.72 4.13 11.24
C LYS B 202 -27.86 5.14 11.32
N PRO B 203 -29.04 4.81 11.84
CA PRO B 203 -30.05 5.87 11.99
C PRO B 203 -29.60 6.97 12.93
N LEU B 204 -28.80 6.64 13.96
CA LEU B 204 -28.35 7.66 14.89
C LEU B 204 -27.51 8.71 14.20
N ALA B 205 -26.64 8.28 13.28
CA ALA B 205 -25.83 9.23 12.52
C ALA B 205 -26.70 10.19 11.71
N ILE B 206 -27.74 9.67 11.04
CA ILE B 206 -28.66 10.52 10.29
C ILE B 206 -29.37 11.51 11.22
N ILE B 207 -29.83 11.03 12.38
CA ILE B 207 -30.53 11.90 13.32
C ILE B 207 -29.62 13.01 13.82
N LYS B 208 -28.33 12.73 14.02
CA LYS B 208 -27.40 13.72 14.56
C LYS B 208 -27.30 14.93 13.63
N ASN B 209 -27.32 14.70 12.30
CA ASN B 209 -27.17 15.80 11.37
C ASN B 209 -28.44 16.64 11.24
N ILE B 210 -29.60 16.03 11.49
CA ILE B 210 -30.87 16.76 11.38
C ILE B 210 -31.18 17.55 12.64
N LEU B 211 -30.89 16.99 13.81
CA LEU B 211 -31.17 17.68 15.06
C LEU B 211 -30.43 19.01 15.13
N SER B 212 -31.13 20.04 15.57
CA SER B 212 -30.55 21.33 15.86
C SER B 212 -30.14 21.41 17.33
N ASN B 213 -29.37 22.45 17.66
CA ASN B 213 -28.97 22.69 19.05
C ASN B 213 -29.92 23.71 19.66
N THR B 214 -31.18 23.29 19.81
CA THR B 214 -32.25 24.16 20.30
C THR B 214 -32.99 23.47 21.45
N ASP B 215 -33.81 24.26 22.13
CA ASP B 215 -34.65 23.74 23.22
C ASP B 215 -35.89 23.02 22.72
N ASP B 216 -36.11 22.95 21.40
CA ASP B 216 -37.28 22.24 20.92
C ASP B 216 -37.21 20.79 21.39
N GLU B 217 -38.35 20.26 21.81
CA GLU B 217 -38.39 18.95 22.41
C GLU B 217 -38.45 17.87 21.34
N VAL B 218 -37.72 16.79 21.59
CA VAL B 218 -37.83 15.57 20.81
C VAL B 218 -38.68 14.61 21.62
N LEU B 219 -39.76 14.13 21.01
CA LEU B 219 -40.58 13.07 21.59
C LEU B 219 -40.09 11.72 21.07
N ILE B 220 -39.89 10.77 21.96
CA ILE B 220 -39.58 9.41 21.56
C ILE B 220 -40.68 8.51 22.08
N GLU B 221 -41.34 7.80 21.17
CA GLU B 221 -42.39 6.85 21.49
C GLU B 221 -41.89 5.45 21.17
N PHE B 222 -42.45 4.47 21.87
CA PHE B 222 -42.03 3.08 21.79
C PHE B 222 -43.24 2.19 21.72
N ASN B 223 -43.11 1.08 20.99
CA ASN B 223 -44.06 -0.03 21.05
C ASN B 223 -43.28 -1.27 21.45
N GLU B 224 -43.51 -2.41 20.79
CA GLU B 224 -42.81 -3.64 21.16
C GLU B 224 -41.31 -3.50 20.96
N ASN B 225 -40.87 -3.16 19.73
CA ASN B 225 -39.44 -3.13 19.43
C ASN B 225 -39.07 -2.01 18.45
N MET B 226 -39.81 -0.91 18.48
CA MET B 226 -39.57 0.23 17.60
C MET B 226 -39.48 1.49 18.44
N ALA B 227 -38.70 2.45 17.97
CA ALA B 227 -38.74 3.80 18.52
C ALA B 227 -39.17 4.76 17.42
N LYS B 228 -40.07 5.67 17.76
CA LYS B 228 -40.55 6.71 16.85
C LYS B 228 -40.18 8.06 17.45
N PHE B 229 -39.23 8.75 16.82
CA PHE B 229 -38.82 10.10 17.22
C PHE B 229 -39.66 11.12 16.47
N SER B 230 -40.12 12.17 17.17
CA SER B 230 -40.81 13.29 16.54
C SER B 230 -40.10 14.58 16.94
N PHE B 231 -39.77 15.39 15.93
CA PHE B 231 -39.00 16.62 16.17
C PHE B 231 -39.35 17.61 15.08
N GLN B 232 -40.03 18.69 15.45
CA GLN B 232 -40.60 19.65 14.49
C GLN B 232 -41.45 18.83 13.52
N ASP B 233 -41.25 18.96 12.21
CA ASP B 233 -42.01 18.25 11.19
C ASP B 233 -41.30 16.97 10.71
N ASN B 234 -40.43 16.40 11.53
CA ASN B 234 -39.76 15.16 11.20
C ASN B 234 -40.31 14.02 12.05
N ILE B 235 -40.26 12.81 11.49
CA ILE B 235 -40.56 11.57 12.20
C ILE B 235 -39.46 10.57 11.84
N TRP B 236 -38.88 9.92 12.83
CA TRP B 236 -37.87 8.90 12.61
C TRP B 236 -38.30 7.63 13.31
N ILE B 237 -38.44 6.55 12.55
CA ILE B 237 -38.91 5.27 13.08
C ILE B 237 -37.80 4.26 12.87
N CYS B 238 -37.33 3.66 13.96
CA CYS B 238 -36.15 2.80 13.92
C CYS B 238 -36.40 1.48 14.63
N ARG B 239 -35.92 0.40 14.01
CA ARG B 239 -35.94 -0.92 14.63
C ARG B 239 -34.84 -0.95 15.68
N LEU B 240 -35.23 -1.30 16.91
CA LEU B 240 -34.32 -1.35 18.04
C LEU B 240 -33.54 -2.66 18.01
N ILE B 241 -32.38 -2.64 18.68
CA ILE B 241 -31.54 -3.83 18.74
C ILE B 241 -32.02 -4.69 19.90
N ASP B 242 -32.33 -5.95 19.61
CA ASP B 242 -32.82 -6.84 20.65
C ASP B 242 -31.68 -7.31 21.55
N GLY B 243 -32.02 -7.50 22.81
CA GLY B 243 -31.08 -7.95 23.81
C GLY B 243 -30.93 -6.92 24.91
N LYS B 244 -30.12 -7.28 25.89
CA LYS B 244 -29.81 -6.43 27.03
C LYS B 244 -28.38 -5.93 26.91
N TYR B 245 -28.20 -4.62 26.99
CA TYR B 245 -26.85 -4.08 27.02
C TYR B 245 -26.13 -4.63 28.26
N PRO B 246 -24.82 -4.88 28.16
CA PRO B 246 -24.09 -5.39 29.32
C PRO B 246 -24.12 -4.40 30.47
N ASN B 247 -23.83 -4.89 31.67
CA ASN B 247 -23.81 -4.06 32.86
C ASN B 247 -22.53 -3.22 32.89
N TYR B 248 -22.58 -2.10 32.17
CA TYR B 248 -21.36 -1.33 31.91
C TYR B 248 -20.77 -0.69 33.16
N THR B 249 -21.58 -0.38 34.17
CA THR B 249 -21.02 0.29 35.35
C THR B 249 -20.01 -0.60 36.06
N ALA B 250 -20.10 -1.92 35.89
CA ALA B 250 -19.22 -2.84 36.60
C ALA B 250 -17.79 -2.86 36.05
N VAL B 251 -17.57 -2.35 34.83
CA VAL B 251 -16.21 -2.31 34.26
C VAL B 251 -15.50 -1.00 34.59
N ILE B 252 -16.18 -0.04 35.20
CA ILE B 252 -15.59 1.24 35.58
C ILE B 252 -14.84 1.07 36.90
N PRO B 253 -13.54 1.26 36.95
CA PRO B 253 -12.82 1.05 38.21
C PRO B 253 -13.30 2.03 39.27
N LYS B 254 -13.47 1.53 40.50
CA LYS B 254 -13.98 2.37 41.58
C LYS B 254 -12.89 3.24 42.19
N GLU B 255 -11.67 2.72 42.32
CA GLU B 255 -10.56 3.44 42.96
C GLU B 255 -9.56 3.86 41.90
N ASN B 256 -9.28 5.16 41.82
CA ASN B 256 -8.36 5.70 40.82
C ASN B 256 -7.49 6.79 41.42
N PRO B 257 -6.48 6.41 42.20
CA PRO B 257 -5.72 7.41 42.96
C PRO B 257 -4.75 8.21 42.11
N ASN B 258 -4.47 7.78 40.88
CA ASN B 258 -3.46 8.40 40.02
C ASN B 258 -4.13 9.35 39.02
N VAL B 259 -4.06 10.64 39.28
CA VAL B 259 -4.82 11.63 38.52
C VAL B 259 -3.85 12.43 37.67
N LEU B 260 -4.00 12.33 36.35
CA LEU B 260 -3.31 13.19 35.40
C LEU B 260 -4.24 14.33 35.03
N THR B 261 -3.76 15.57 35.13
CA THR B 261 -4.46 16.73 34.61
C THR B 261 -3.57 17.34 33.54
N ILE B 262 -4.11 17.57 32.33
CA ILE B 262 -3.25 17.90 31.20
C ILE B 262 -4.04 18.70 30.17
N ASN B 263 -3.35 19.59 29.49
CA ASN B 263 -3.97 20.30 28.38
C ASN B 263 -4.37 19.29 27.30
N ARG B 264 -5.65 19.30 26.93
CA ARG B 264 -6.21 18.30 26.01
C ARG B 264 -5.63 18.45 24.60
N ASN B 265 -5.62 19.67 24.05
CA ASN B 265 -5.13 19.84 22.69
C ASN B 265 -3.65 19.49 22.59
N LEU B 266 -2.85 19.86 23.61
CA LEU B 266 -1.44 19.51 23.60
C LEU B 266 -1.26 18.00 23.67
N LEU B 267 -2.03 17.32 24.53
CA LEU B 267 -1.95 15.86 24.60
C LEU B 267 -2.38 15.25 23.27
N LEU B 268 -3.44 15.79 22.70
CA LEU B 268 -3.97 15.27 21.45
C LEU B 268 -2.97 15.40 20.31
N SER B 269 -2.38 16.59 20.13
CA SER B 269 -1.44 16.75 19.02
C SER B 269 -0.16 15.96 19.26
N SER B 270 0.23 15.78 20.53
CA SER B 270 1.45 15.05 20.84
C SER B 270 1.31 13.57 20.51
N ILE B 271 0.15 12.98 20.84
CA ILE B 271 -0.08 11.58 20.48
C ILE B 271 -0.11 11.43 18.97
N ARG B 272 -0.72 12.40 18.27
CA ARG B 272 -0.84 12.30 16.83
C ARG B 272 0.53 12.28 16.16
N ARG B 273 1.43 13.15 16.61
CA ARG B 273 2.80 13.14 16.07
C ARG B 273 3.51 11.84 16.42
N ALA B 274 3.49 11.46 17.71
CA ALA B 274 4.20 10.26 18.14
C ALA B 274 3.72 9.02 17.39
N SER B 275 2.41 8.93 17.13
CA SER B 275 1.88 7.74 16.49
C SER B 275 2.37 7.57 15.05
N ILE B 276 2.83 8.64 14.40
CA ILE B 276 3.42 8.53 13.07
C ILE B 276 4.64 7.61 13.11
N PHE B 277 5.29 7.54 14.27
CA PHE B 277 6.49 6.77 14.50
C PHE B 277 6.21 5.37 15.03
N SER B 278 4.95 4.97 15.11
CA SER B 278 4.61 3.65 15.61
C SER B 278 4.33 2.71 14.43
N ASN B 279 4.18 1.42 14.77
CA ASN B 279 3.86 0.43 13.76
C ASN B 279 2.48 0.71 13.15
N LYS B 280 2.43 0.80 11.81
CA LYS B 280 1.17 1.13 11.14
C LYS B 280 0.04 0.16 11.45
N SER B 281 0.37 -1.08 11.84
CA SER B 281 -0.68 -2.06 12.11
C SER B 281 -1.37 -1.80 13.44
N THR B 282 -0.61 -1.52 14.50
CA THR B 282 -1.24 -1.39 15.81
C THR B 282 -1.37 0.05 16.32
N ASN B 283 -0.52 0.96 15.87
CA ASN B 283 -0.64 2.38 16.21
C ASN B 283 -0.81 2.64 17.73
N GLN B 284 0.23 2.27 18.49
CA GLN B 284 0.22 2.35 19.94
C GLN B 284 1.27 3.33 20.47
N VAL B 285 0.96 3.95 21.60
CA VAL B 285 1.90 4.78 22.35
C VAL B 285 1.92 4.31 23.81
N ARG B 286 3.09 4.38 24.44
CA ARG B 286 3.26 4.14 25.86
C ARG B 286 3.39 5.48 26.57
N PHE B 287 2.67 5.61 27.69
CA PHE B 287 2.78 6.74 28.61
C PHE B 287 3.72 6.33 29.74
N LYS B 288 4.70 7.16 30.04
CA LYS B 288 5.48 6.99 31.27
C LYS B 288 5.25 8.22 32.12
N LEU B 289 4.50 8.07 33.19
CA LEU B 289 4.13 9.19 34.05
C LEU B 289 4.91 9.10 35.34
N SER B 290 5.46 10.24 35.75
CA SER B 290 6.17 10.43 37.00
C SER B 290 6.29 11.93 37.21
N GLY B 291 6.25 12.35 38.46
CA GLY B 291 6.31 13.77 38.76
C GLY B 291 5.23 14.51 37.99
N ASN B 292 5.58 15.65 37.42
CA ASN B 292 4.65 16.41 36.62
C ASN B 292 5.03 16.37 35.14
N LEU B 293 5.47 15.19 34.67
CA LEU B 293 6.00 15.06 33.32
C LEU B 293 5.43 13.80 32.69
N LEU B 294 4.83 13.93 31.51
CA LEU B 294 4.37 12.78 30.76
C LEU B 294 5.36 12.52 29.63
N HIS B 295 5.97 11.34 29.64
CA HIS B 295 6.85 10.91 28.56
CA HIS B 295 6.85 10.91 28.55
C HIS B 295 6.05 10.04 27.61
N LEU B 296 6.00 10.45 26.34
CA LEU B 296 5.36 9.69 25.29
C LEU B 296 6.41 8.93 24.52
N HIS B 297 6.19 7.64 24.29
CA HIS B 297 7.10 6.85 23.50
C HIS B 297 6.33 6.08 22.45
N ALA B 298 6.82 6.11 21.22
CA ALA B 298 6.28 5.30 20.14
C ALA B 298 7.44 4.70 19.38
N GLU B 299 7.24 3.50 18.86
CA GLU B 299 8.29 2.86 18.09
C GLU B 299 7.67 1.84 17.14
N ASP B 300 8.39 1.59 16.05
CA ASP B 300 8.01 0.64 15.04
C ASP B 300 9.20 -0.31 14.93
N THR B 301 9.08 -1.47 15.59
CA THR B 301 10.21 -2.41 15.64
C THR B 301 10.53 -2.96 14.25
N GLU B 302 9.53 -3.01 13.37
CA GLU B 302 9.76 -3.53 12.03
C GLU B 302 10.62 -2.58 11.20
N TYR B 303 10.44 -1.28 11.34
CA TYR B 303 11.11 -0.31 10.48
C TYR B 303 12.09 0.63 11.18
N ALA B 304 12.29 0.50 12.50
CA ALA B 304 13.31 1.26 13.24
C ALA B 304 12.99 2.75 13.34
N ASN B 305 11.71 3.09 13.48
CA ASN B 305 11.31 4.46 13.73
C ASN B 305 10.94 4.61 15.20
N LYS B 306 11.14 5.81 15.74
CA LYS B 306 11.02 6.01 17.17
C LYS B 306 10.66 7.46 17.47
N ALA B 307 9.84 7.67 18.51
CA ALA B 307 9.53 9.00 18.99
C ALA B 307 9.55 9.01 20.51
N ASP B 308 10.15 10.07 21.07
CA ASP B 308 10.18 10.29 22.52
C ASP B 308 9.85 11.74 22.79
N MET B 309 8.74 11.98 23.49
CA MET B 309 8.25 13.33 23.76
C MET B 309 7.98 13.51 25.25
N GLN B 310 8.23 14.73 25.74
CA GLN B 310 7.97 15.13 27.12
C GLN B 310 6.89 16.19 27.14
N ILE B 311 5.82 15.95 27.89
CA ILE B 311 4.70 16.88 27.96
C ILE B 311 4.53 17.31 29.40
N PRO B 312 4.60 18.61 29.69
CA PRO B 312 4.36 19.09 31.05
C PRO B 312 2.92 18.87 31.45
N CYS B 313 2.73 18.54 32.72
CA CYS B 313 1.39 18.24 33.18
C CYS B 313 1.37 18.37 34.69
N GLU B 314 0.19 18.17 35.26
CA GLU B 314 0.00 18.06 36.69
C GLU B 314 -0.31 16.60 36.95
N TYR B 315 0.59 15.91 37.64
CA TYR B 315 0.39 14.50 37.95
C TYR B 315 0.76 14.26 39.41
N ASN B 316 -0.23 13.92 40.22
CA ASN B 316 -0.02 13.50 41.60
C ASN B 316 -0.47 12.05 41.68
N GLY B 317 0.49 11.16 41.86
CA GLY B 317 0.23 9.73 41.79
C GLY B 317 1.54 8.97 41.67
N GLU B 318 1.41 7.66 41.62
CA GLU B 318 2.61 6.85 41.52
C GLU B 318 3.06 6.73 40.06
N ASP B 319 4.34 6.43 39.87
CA ASP B 319 4.87 6.14 38.54
C ASP B 319 4.04 5.07 37.86
N ILE B 320 3.72 5.29 36.58
CA ILE B 320 2.97 4.29 35.86
C ILE B 320 3.50 4.27 34.44
N ASN B 321 3.54 3.08 33.87
CA ASN B 321 3.94 2.80 32.50
C ASN B 321 2.75 2.07 31.89
N ILE B 322 2.00 2.76 31.02
CA ILE B 322 0.73 2.28 30.50
C ILE B 322 0.64 2.62 29.02
N GLY B 323 0.16 1.65 28.21
CA GLY B 323 0.10 1.81 26.76
C GLY B 323 -1.32 1.95 26.24
N PHE B 324 -1.48 2.70 25.15
CA PHE B 324 -2.81 2.90 24.53
C PHE B 324 -2.71 2.82 23.01
N SER B 325 -3.82 2.37 22.39
CA SER B 325 -4.01 2.51 20.95
C SER B 325 -4.35 3.97 20.65
N SER B 326 -3.51 4.64 19.86
CA SER B 326 -3.61 6.10 19.72
C SER B 326 -4.88 6.55 19.00
N LYS B 327 -5.33 5.79 17.99
CA LYS B 327 -6.46 6.27 17.18
C LYS B 327 -7.73 6.41 18.01
N PHE B 328 -7.99 5.43 18.87
CA PHE B 328 -9.21 5.41 19.66
C PHE B 328 -9.15 6.39 20.82
N LEU B 329 -7.97 6.53 21.43
CA LEU B 329 -7.78 7.54 22.47
C LEU B 329 -7.94 8.96 21.91
N THR B 330 -7.25 9.26 20.80
CA THR B 330 -7.33 10.61 20.24
C THR B 330 -8.73 10.92 19.71
N GLU B 331 -9.42 9.91 19.21
CA GLU B 331 -10.79 10.12 18.74
C GLU B 331 -11.71 10.57 19.88
N MET B 332 -11.61 9.93 21.05
CA MET B 332 -12.42 10.37 22.20
C MET B 332 -12.01 11.75 22.70
N LEU B 333 -10.70 12.00 22.79
CA LEU B 333 -10.25 13.32 23.23
C LEU B 333 -10.72 14.42 22.27
N SER B 334 -10.91 14.08 20.98
CA SER B 334 -11.35 15.07 19.99
C SER B 334 -12.80 15.46 20.20
N VAL B 335 -13.60 14.56 20.76
CA VAL B 335 -15.02 14.82 21.00
C VAL B 335 -15.24 15.79 22.16
N LEU B 336 -14.39 15.71 23.18
CA LEU B 336 -14.46 16.63 24.31
C LEU B 336 -14.05 18.04 23.90
N GLY B 337 -14.55 19.02 24.66
CA GLY B 337 -14.28 20.39 24.30
C GLY B 337 -13.66 21.26 25.37
N SER B 338 -13.31 20.69 26.54
CA SER B 338 -12.69 21.50 27.59
C SER B 338 -11.20 21.66 27.28
N ASP B 339 -10.63 22.76 27.76
CA ASP B 339 -9.19 22.97 27.53
C ASP B 339 -8.37 21.89 28.22
N ASP B 340 -8.71 21.56 29.47
CA ASP B 340 -8.00 20.53 30.19
C ASP B 340 -8.92 19.33 30.40
N ILE B 341 -8.30 18.16 30.49
CA ILE B 341 -8.98 16.94 30.88
C ILE B 341 -8.22 16.34 32.07
N THR B 342 -8.95 15.54 32.85
CA THR B 342 -8.32 14.65 33.79
C THR B 342 -8.37 13.24 33.21
N MET B 343 -7.33 12.47 33.44
CA MET B 343 -7.32 11.03 33.17
C MET B 343 -6.94 10.34 34.46
N LYS B 344 -7.89 9.61 35.04
CA LYS B 344 -7.69 8.91 36.30
C LYS B 344 -7.33 7.46 36.00
N MET B 345 -6.22 7.00 36.55
CA MET B 345 -5.73 5.66 36.30
C MET B 345 -5.49 4.97 37.64
N SER B 346 -5.41 3.66 37.58
CA SER B 346 -5.04 2.88 38.75
C SER B 346 -3.83 2.06 38.36
N GLN B 347 -4.03 0.91 37.73
CA GLN B 347 -2.94 0.04 37.30
C GLN B 347 -2.83 0.03 35.78
N PRO B 348 -1.66 -0.33 35.25
CA PRO B 348 -1.50 -0.42 33.77
C PRO B 348 -2.46 -1.39 33.07
N ASN B 349 -3.15 -2.29 33.79
CA ASN B 349 -4.05 -3.23 33.14
C ASN B 349 -5.54 -2.88 33.37
N ARG B 350 -5.82 -1.63 33.77
CA ARG B 350 -7.18 -1.18 33.99
C ARG B 350 -7.49 0.04 33.13
N PRO B 351 -8.76 0.30 32.80
CA PRO B 351 -9.09 1.48 31.98
C PRO B 351 -8.70 2.76 32.69
N GLY B 352 -8.34 3.77 31.90
CA GLY B 352 -8.16 5.13 32.37
C GLY B 352 -9.45 5.89 32.13
N ILE B 353 -9.83 6.74 33.08
CA ILE B 353 -11.12 7.43 33.07
C ILE B 353 -10.84 8.88 32.70
N ILE B 354 -11.34 9.30 31.53
CA ILE B 354 -11.13 10.66 31.03
C ILE B 354 -12.40 11.44 31.30
N GLU B 355 -12.24 12.63 31.88
CA GLU B 355 -13.34 13.54 32.15
C GLU B 355 -12.87 14.94 31.80
N PRO B 356 -13.76 15.79 31.28
CA PRO B 356 -13.40 17.20 31.05
C PRO B 356 -13.21 17.95 32.36
N VAL B 357 -12.39 19.01 32.32
CA VAL B 357 -12.22 19.84 33.51
C VAL B 357 -13.30 20.91 33.58
N ASP B 358 -13.57 21.61 32.48
CA ASP B 358 -14.54 22.70 32.46
C ASP B 358 -15.66 22.41 31.46
N GLY B 359 -16.73 23.21 31.52
CA GLY B 359 -17.71 23.30 30.46
C GLY B 359 -18.96 22.41 30.53
N LEU B 360 -19.11 21.58 31.55
CA LEU B 360 -20.33 20.80 31.69
C LEU B 360 -21.36 21.65 32.40
N GLU B 361 -22.63 21.54 31.98
CA GLU B 361 -23.72 22.18 32.67
C GLU B 361 -23.98 21.47 34.00
N GLU B 362 -24.84 22.08 34.81
CA GLU B 362 -25.01 21.65 36.20
C GLU B 362 -25.32 20.16 36.30
N ASN B 363 -26.26 19.67 35.49
CA ASN B 363 -26.68 18.29 35.58
C ASN B 363 -26.13 17.41 34.45
N GLU B 364 -24.98 17.77 33.89
CA GLU B 364 -24.37 17.04 32.79
C GLU B 364 -23.01 16.49 33.25
N SER B 365 -22.77 15.21 33.00
CA SER B 365 -21.46 14.63 33.24
C SER B 365 -21.10 13.67 32.11
N ILE B 366 -19.80 13.60 31.84
CA ILE B 366 -19.25 12.76 30.77
C ILE B 366 -18.13 11.92 31.39
N LEU B 367 -18.13 10.64 31.03
CA LEU B 367 -17.14 9.70 31.52
C LEU B 367 -16.69 8.86 30.34
N MET B 368 -15.39 8.85 30.08
CA MET B 368 -14.81 8.16 28.92
C MET B 368 -13.73 7.21 29.39
N LEU B 369 -13.93 5.91 29.21
CA LEU B 369 -12.95 4.91 29.62
C LEU B 369 -12.10 4.58 28.40
N SER B 370 -10.77 4.53 28.58
CA SER B 370 -9.85 4.07 27.53
C SER B 370 -9.19 2.78 28.01
N MET B 371 -9.43 1.67 27.32
CA MET B 371 -8.78 0.42 27.70
C MET B 371 -7.32 0.44 27.25
N PRO B 372 -6.38 0.21 28.15
CA PRO B 372 -4.97 0.24 27.75
C PRO B 372 -4.61 -1.01 26.97
N VAL B 373 -3.47 -0.92 26.27
CA VAL B 373 -2.86 -2.11 25.69
C VAL B 373 -2.14 -2.84 26.81
N ILE B 374 -2.45 -4.11 27.01
CA ILE B 374 -1.88 -4.90 28.09
C ILE B 374 -1.72 -6.34 27.62
N GLY B 375 -0.53 -6.90 27.83
CA GLY B 375 -0.31 -8.30 27.51
C GLY B 375 -1.27 -9.19 28.28
N LEU B 376 -1.76 -10.24 27.60
CA LEU B 376 -2.76 -11.10 28.20
C LEU B 376 -2.28 -11.66 29.55
N ALA B 377 -0.99 -12.00 29.63
CA ALA B 377 -0.41 -12.52 30.86
C ALA B 377 -0.65 -11.60 32.05
N GLY B 378 -0.76 -10.28 31.83
CA GLY B 378 -0.96 -9.34 32.91
C GLY B 378 -2.37 -8.75 32.96
N HIS B 379 -3.36 -9.45 32.40
CA HIS B 379 -4.74 -9.02 32.52
C HIS B 379 -5.19 -8.97 33.98
N HIS B 380 -6.14 -8.09 34.25
CA HIS B 380 -6.70 -7.96 35.59
C HIS B 380 -7.37 -9.25 36.05
N HIS B 381 -7.34 -9.50 37.36
CA HIS B 381 -8.03 -10.66 37.94
C HIS B 381 -8.39 -10.48 39.41
N MET C 1 50.16 -13.72 14.01
CA MET C 1 49.70 -15.07 14.27
C MET C 1 49.44 -15.82 12.95
N LYS C 2 49.58 -17.13 12.98
CA LYS C 2 49.46 -17.93 11.78
C LYS C 2 48.81 -19.26 12.12
N PHE C 3 47.84 -19.67 11.32
CA PHE C 3 47.18 -20.94 11.55
C PHE C 3 46.66 -21.50 10.23
N ILE C 4 46.45 -22.81 10.22
CA ILE C 4 45.91 -23.55 9.09
C ILE C 4 44.65 -24.23 9.57
N VAL C 5 43.58 -24.15 8.79
CA VAL C 5 42.31 -24.72 9.18
C VAL C 5 41.57 -25.12 7.92
N ALA C 6 40.80 -26.20 8.01
CA ALA C 6 39.89 -26.57 6.93
C ALA C 6 38.84 -25.49 6.75
N SER C 7 38.61 -25.09 5.49
CA SER C 7 37.66 -24.01 5.23
C SER C 7 36.24 -24.37 5.66
N GLY C 8 35.83 -25.64 5.50
CA GLY C 8 34.49 -26.03 5.91
C GLY C 8 34.28 -25.89 7.41
N GLU C 9 35.25 -26.35 8.21
CA GLU C 9 35.18 -26.16 9.65
C GLU C 9 35.15 -24.68 10.00
N LEU C 10 36.00 -23.87 9.35
CA LEU C 10 36.01 -22.44 9.63
C LEU C 10 34.67 -21.79 9.26
N GLN C 11 34.14 -22.11 8.09
CA GLN C 11 32.86 -21.53 7.68
C GLN C 11 31.75 -21.86 8.68
N LYS C 12 31.64 -23.12 9.09
CA LYS C 12 30.57 -23.46 10.02
C LYS C 12 30.71 -22.69 11.32
N ALA C 13 31.94 -22.61 11.86
CA ALA C 13 32.15 -21.87 13.11
C ALA C 13 31.77 -20.40 12.95
N LEU C 14 32.24 -19.77 11.87
CA LEU C 14 31.91 -18.37 11.58
C LEU C 14 30.42 -18.19 11.42
N GLN C 15 29.77 -19.12 10.71
CA GLN C 15 28.34 -19.02 10.49
C GLN C 15 27.56 -19.09 11.80
N THR C 16 28.04 -19.90 12.74
CA THR C 16 27.38 -20.04 14.03
C THR C 16 27.33 -18.72 14.77
N VAL C 17 28.47 -18.01 14.86
CA VAL C 17 28.51 -16.80 15.68
C VAL C 17 28.08 -15.56 14.92
N SER C 18 27.82 -15.66 13.60
CA SER C 18 27.57 -14.50 12.77
C SER C 18 26.19 -13.88 12.95
N GLY C 19 25.21 -14.62 13.48
CA GLY C 19 23.85 -14.11 13.55
C GLY C 19 23.69 -12.88 14.43
N VAL C 20 24.67 -12.60 15.28
CA VAL C 20 24.54 -11.47 16.20
C VAL C 20 25.13 -10.20 15.60
N ILE C 21 25.91 -10.29 14.53
CA ILE C 21 26.44 -9.13 13.84
C ILE C 21 25.33 -8.53 12.98
N SER C 22 24.90 -7.32 13.34
CA SER C 22 23.71 -6.70 12.77
C SER C 22 24.02 -5.82 11.56
N GLY C 23 25.29 -5.65 11.21
CA GLY C 23 25.66 -4.71 10.19
C GLY C 23 25.68 -3.27 10.64
N SER C 24 25.38 -3.01 11.91
CA SER C 24 25.41 -1.66 12.45
C SER C 24 26.83 -1.15 12.56
N GLN C 25 27.05 0.08 12.10
CA GLN C 25 28.34 0.76 12.22
C GLN C 25 28.34 1.83 13.31
N SER C 26 27.47 1.67 14.32
CA SER C 26 27.44 2.61 15.44
C SER C 26 28.56 2.34 16.44
N ARG C 27 28.83 1.06 16.74
CA ARG C 27 30.06 0.62 17.38
C ARG C 27 30.85 -0.15 16.34
N PRO C 28 31.73 0.50 15.58
CA PRO C 28 32.34 -0.18 14.44
C PRO C 28 33.20 -1.36 14.83
N ILE C 29 33.72 -1.40 16.05
CA ILE C 29 34.55 -2.52 16.44
C ILE C 29 33.74 -3.80 16.54
N LEU C 30 32.43 -3.69 16.81
CA LEU C 30 31.58 -4.87 16.95
C LEU C 30 31.11 -5.44 15.61
N GLU C 31 31.54 -4.88 14.48
CA GLU C 31 31.33 -5.45 13.16
C GLU C 31 32.34 -6.54 12.85
N ASN C 32 33.23 -6.83 13.79
CA ASN C 32 34.31 -7.78 13.61
C ASN C 32 34.02 -9.08 14.36
N PHE C 33 34.48 -10.20 13.79
CA PHE C 33 34.76 -11.37 14.61
C PHE C 33 36.02 -11.11 15.41
N LEU C 34 36.04 -11.53 16.67
CA LEU C 34 37.27 -11.52 17.44
C LEU C 34 37.82 -12.94 17.42
N PHE C 35 39.04 -13.11 16.87
CA PHE C 35 39.75 -14.39 16.86
C PHE C 35 40.76 -14.41 18.00
N GLU C 36 40.73 -15.46 18.81
CA GLU C 36 41.75 -15.64 19.84
C GLU C 36 42.37 -17.02 19.63
N LEU C 37 43.67 -17.05 19.35
CA LEU C 37 44.37 -18.28 19.06
C LEU C 37 45.25 -18.64 20.27
N GLU C 38 45.04 -19.83 20.82
CA GLU C 38 45.78 -20.27 22.00
C GLU C 38 45.86 -21.78 21.97
N ASN C 39 47.07 -22.31 21.81
CA ASN C 39 47.36 -23.75 21.88
C ASN C 39 46.48 -24.57 20.93
N ASP C 40 46.54 -24.21 19.65
CA ASP C 40 45.84 -24.90 18.57
C ASP C 40 44.32 -24.79 18.69
N ASN C 41 43.84 -23.91 19.53
CA ASN C 41 42.41 -23.68 19.68
C ASN C 41 42.09 -22.29 19.19
N LEU C 42 41.22 -22.20 18.19
CA LEU C 42 40.78 -20.92 17.64
C LEU C 42 39.42 -20.57 18.23
N LYS C 43 39.41 -19.61 19.14
CA LYS C 43 38.17 -19.11 19.74
C LYS C 43 37.68 -17.91 18.92
N ILE C 44 36.40 -17.94 18.54
CA ILE C 44 35.82 -16.89 17.70
C ILE C 44 34.64 -16.26 18.41
N THR C 45 34.67 -14.93 18.56
CA THR C 45 33.64 -14.20 19.30
C THR C 45 33.00 -13.15 18.40
N ALA C 46 31.67 -13.03 18.50
CA ALA C 46 30.94 -11.95 17.87
C ALA C 46 29.93 -11.42 18.88
N SER C 47 29.62 -10.12 18.76
CA SER C 47 28.74 -9.52 19.74
C SER C 47 28.08 -8.30 19.13
N ASP C 48 26.87 -8.00 19.61
CA ASP C 48 26.23 -6.73 19.32
C ASP C 48 26.19 -5.82 20.54
N GLY C 49 26.92 -6.17 21.59
CA GLY C 49 26.95 -5.40 22.81
C GLY C 49 26.04 -5.92 23.90
N GLU C 50 24.99 -6.66 23.53
CA GLU C 50 24.09 -7.27 24.50
C GLU C 50 24.07 -8.79 24.42
N THR C 51 24.09 -9.36 23.21
CA THR C 51 24.26 -10.77 23.04
C THR C 51 25.68 -11.04 22.56
N THR C 52 26.33 -12.05 23.13
CA THR C 52 27.65 -12.46 22.67
C THR C 52 27.65 -13.95 22.36
N LEU C 53 28.06 -14.29 21.14
CA LEU C 53 28.18 -15.67 20.69
C LEU C 53 29.66 -16.02 20.60
N ILE C 54 30.02 -17.19 21.12
CA ILE C 54 31.40 -17.66 21.15
C ILE C 54 31.40 -19.11 20.70
N THR C 55 32.35 -19.46 19.84
CA THR C 55 32.63 -20.86 19.56
C THR C 55 34.15 -21.04 19.42
N SER C 56 34.60 -22.30 19.42
CA SER C 56 36.02 -22.56 19.21
C SER C 56 36.21 -23.80 18.36
N ILE C 57 37.25 -23.78 17.53
CA ILE C 57 37.58 -24.94 16.69
C ILE C 57 39.07 -25.26 16.83
N PRO C 58 39.45 -26.53 16.70
CA PRO C 58 40.88 -26.86 16.67
C PRO C 58 41.49 -26.43 15.34
N VAL C 59 42.72 -25.91 15.41
CA VAL C 59 43.48 -25.52 14.23
C VAL C 59 44.91 -26.02 14.41
N LYS C 60 45.69 -25.89 13.35
CA LYS C 60 47.13 -26.15 13.40
C LYS C 60 47.84 -24.80 13.48
N SER C 61 48.69 -24.63 14.49
CA SER C 61 49.43 -23.39 14.65
C SER C 61 50.63 -23.64 15.54
N GLU C 62 51.53 -22.66 15.59
CA GLU C 62 52.69 -22.70 16.48
C GLU C 62 52.78 -21.47 17.37
N ASN C 63 51.87 -20.49 17.22
CA ASN C 63 51.93 -19.24 17.97
C ASN C 63 50.52 -18.82 18.36
N ASN C 64 50.44 -17.75 19.13
CA ASN C 64 49.21 -17.20 19.69
C ASN C 64 48.92 -15.84 19.10
N GLY C 65 47.72 -15.33 19.36
CA GLY C 65 47.41 -13.99 18.91
C GLY C 65 45.95 -13.68 19.10
N ARG C 66 45.61 -12.44 18.74
CA ARG C 66 44.28 -11.88 18.83
C ARG C 66 44.07 -11.03 17.58
N MET C 67 42.93 -11.18 16.91
CA MET C 67 42.65 -10.45 15.67
C MET C 67 41.18 -10.06 15.62
N ALA C 68 40.91 -8.86 15.15
CA ALA C 68 39.56 -8.38 14.89
C ALA C 68 39.38 -8.35 13.37
N VAL C 69 38.57 -9.29 12.87
CA VAL C 69 38.41 -9.58 11.44
C VAL C 69 37.03 -9.09 11.02
N PRO C 70 36.93 -8.25 10.00
CA PRO C 70 35.60 -7.76 9.59
C PRO C 70 34.70 -8.90 9.16
N ALA C 71 33.52 -8.96 9.77
CA ALA C 71 32.77 -10.22 9.80
C ALA C 71 32.08 -10.51 8.47
N LYS C 72 31.27 -9.58 7.96
CA LYS C 72 30.55 -9.84 6.71
C LYS C 72 31.50 -10.24 5.61
N MET C 73 32.53 -9.41 5.38
CA MET C 73 33.50 -9.68 4.33
C MET C 73 34.17 -11.03 4.48
N PHE C 74 34.69 -11.31 5.67
CA PHE C 74 35.48 -12.52 5.88
C PHE C 74 34.63 -13.76 5.71
N LEU C 75 33.39 -13.74 6.21
CA LEU C 75 32.50 -14.88 5.98
C LEU C 75 32.17 -15.03 4.48
N ASP C 76 31.90 -13.92 3.79
CA ASP C 76 31.73 -14.01 2.33
C ASP C 76 32.95 -14.64 1.69
N VAL C 77 34.15 -14.26 2.16
CA VAL C 77 35.38 -14.82 1.60
C VAL C 77 35.44 -16.32 1.83
N ILE C 78 35.23 -16.76 3.08
CA ILE C 78 35.29 -18.18 3.38
C ILE C 78 34.23 -18.95 2.57
N LYS C 79 33.02 -18.38 2.44
CA LYS C 79 31.96 -19.04 1.68
C LYS C 79 32.33 -19.25 0.23
N SER C 80 33.20 -18.39 -0.32
CA SER C 80 33.59 -18.50 -1.73
C SER C 80 34.55 -19.65 -2.02
N PHE C 81 35.04 -20.34 -0.99
CA PHE C 81 35.92 -21.49 -1.20
C PHE C 81 35.13 -22.80 -1.14
N GLY C 82 35.69 -23.84 -1.75
CA GLY C 82 35.29 -25.21 -1.51
C GLY C 82 35.99 -25.72 -0.25
N ASP C 83 36.01 -27.04 -0.11
CA ASP C 83 36.66 -27.68 1.04
C ASP C 83 38.16 -27.80 0.80
N GLN C 84 38.93 -26.92 1.40
CA GLN C 84 40.38 -27.02 1.31
C GLN C 84 41.01 -26.41 2.55
N PRO C 85 42.17 -26.90 2.95
CA PRO C 85 42.92 -26.21 3.99
C PRO C 85 43.32 -24.83 3.50
N LEU C 86 43.16 -23.85 4.38
CA LEU C 86 43.54 -22.48 4.12
C LEU C 86 44.56 -22.06 5.17
N THR C 87 45.54 -21.28 4.75
CA THR C 87 46.54 -20.75 5.66
C THR C 87 46.26 -19.27 5.89
N PHE C 88 46.32 -18.84 7.15
CA PHE C 88 46.06 -17.45 7.53
C PHE C 88 47.28 -16.91 8.25
N VAL C 89 47.77 -15.76 7.81
CA VAL C 89 48.96 -15.14 8.41
C VAL C 89 48.63 -13.68 8.66
N GLU C 90 48.72 -13.25 9.91
CA GLU C 90 48.62 -11.83 10.22
C GLU C 90 49.95 -11.17 9.86
N LYS C 91 49.90 -10.13 9.05
CA LYS C 91 51.09 -9.40 8.67
C LYS C 91 50.85 -7.94 9.00
N GLU C 92 51.89 -7.27 9.47
CA GLU C 92 51.85 -5.83 9.53
C GLU C 92 51.91 -5.30 8.10
N SER C 93 50.99 -4.41 7.77
CA SER C 93 51.02 -3.74 6.48
C SER C 93 52.41 -3.14 6.24
N GLU C 94 53.00 -3.43 5.07
CA GLU C 94 54.30 -2.85 4.74
C GLU C 94 54.22 -1.33 4.62
N ASN C 95 53.05 -0.81 4.24
CA ASN C 95 52.75 0.62 4.16
C ASN C 95 51.38 0.85 4.81
N GLY C 96 51.39 1.33 6.04
CA GLY C 96 50.15 1.54 6.77
C GLY C 96 50.40 1.66 8.26
N ILE C 97 49.31 1.85 8.98
CA ILE C 97 49.36 2.02 10.43
C ILE C 97 48.86 0.80 11.19
N GLY C 98 48.36 -0.22 10.48
CA GLY C 98 47.85 -1.41 11.12
C GLY C 98 48.29 -2.70 10.44
N SER C 99 47.44 -3.71 10.48
CA SER C 99 47.86 -5.06 10.11
C SER C 99 46.84 -5.70 9.16
N LEU C 100 47.32 -6.65 8.38
CA LEU C 100 46.54 -7.35 7.39
C LEU C 100 46.36 -8.80 7.80
N LEU C 101 45.28 -9.41 7.35
CA LEU C 101 45.19 -10.87 7.42
C LEU C 101 45.35 -11.37 5.99
N GLU C 102 46.39 -12.16 5.76
CA GLU C 102 46.64 -12.74 4.46
C GLU C 102 46.10 -14.15 4.45
N ILE C 103 45.46 -14.53 3.35
CA ILE C 103 45.00 -15.89 3.13
C ILE C 103 45.81 -16.47 1.99
N LEU C 104 46.40 -17.63 2.21
CA LEU C 104 47.17 -18.30 1.17
C LEU C 104 46.45 -19.57 0.74
N ASP C 105 46.26 -19.69 -0.57
CA ASP C 105 45.68 -20.87 -1.20
C ASP C 105 46.50 -21.12 -2.45
N GLU C 106 47.43 -22.07 -2.36
CA GLU C 106 48.35 -22.39 -3.44
C GLU C 106 49.12 -21.13 -3.87
N LYS C 107 49.05 -20.79 -5.17
CA LYS C 107 49.77 -19.62 -5.68
C LYS C 107 48.96 -18.33 -5.56
N ASP C 108 47.77 -18.40 -4.97
CA ASP C 108 46.87 -17.26 -4.85
C ASP C 108 46.99 -16.63 -3.47
N ASN C 109 46.96 -15.29 -3.43
CA ASN C 109 47.08 -14.54 -2.18
C ASN C 109 45.90 -13.57 -2.03
N TYR C 110 45.38 -13.45 -0.82
CA TYR C 110 44.32 -12.51 -0.51
C TYR C 110 44.66 -11.80 0.79
N PHE C 111 44.31 -10.53 0.88
CA PHE C 111 44.56 -9.74 2.07
C PHE C 111 43.25 -9.13 2.53
N VAL C 112 42.95 -9.27 3.82
CA VAL C 112 41.81 -8.59 4.43
C VAL C 112 42.36 -7.69 5.50
N ALA C 113 42.13 -6.39 5.35
CA ALA C 113 42.58 -5.42 6.35
C ALA C 113 41.87 -5.70 7.68
N LEU C 114 42.60 -5.51 8.78
CA LEU C 114 42.10 -5.83 10.12
C LEU C 114 41.86 -4.56 10.92
N ASP C 115 40.93 -4.63 11.87
CA ASP C 115 40.75 -3.54 12.81
C ASP C 115 41.77 -3.68 13.95
N ASN C 116 41.78 -2.70 14.86
CA ASN C 116 42.67 -2.76 16.02
C ASN C 116 42.04 -3.72 17.02
N ALA C 117 42.67 -4.88 17.21
CA ALA C 117 42.13 -5.86 18.13
C ALA C 117 42.11 -5.37 19.58
N GLU C 118 43.04 -4.50 19.98
CA GLU C 118 43.01 -3.98 21.36
C GLU C 118 41.73 -3.22 21.65
N ASP C 119 41.03 -2.77 20.61
CA ASP C 119 39.77 -2.08 20.80
C ASP C 119 38.60 -3.03 20.94
N TYR C 120 38.77 -4.32 20.68
CA TYR C 120 37.65 -5.23 20.90
C TYR C 120 37.58 -5.54 22.39
N PRO C 121 36.48 -5.22 23.07
CA PRO C 121 36.43 -5.37 24.53
C PRO C 121 36.45 -6.82 24.98
N GLU C 122 37.11 -7.04 26.11
CA GLU C 122 37.05 -8.32 26.79
C GLU C 122 35.69 -8.49 27.43
N LEU C 123 35.25 -9.73 27.50
CA LEU C 123 34.04 -9.97 28.26
C LEU C 123 34.37 -10.05 29.75
N PRO C 124 33.44 -9.64 30.61
CA PRO C 124 33.69 -9.72 32.05
C PRO C 124 33.69 -11.16 32.57
N GLU C 125 34.37 -11.35 33.70
CA GLU C 125 34.34 -12.63 34.39
C GLU C 125 32.91 -12.98 34.77
N PHE C 126 32.39 -14.07 34.23
CA PHE C 126 31.04 -14.52 34.58
C PHE C 126 31.12 -15.28 35.90
N ASP C 127 30.38 -14.82 36.90
CA ASP C 127 30.42 -15.49 38.20
C ASP C 127 29.06 -16.14 38.42
N ALA C 128 28.91 -17.35 37.91
CA ALA C 128 27.66 -18.07 38.02
C ALA C 128 27.30 -18.34 39.47
N SER C 129 26.06 -18.00 39.85
CA SER C 129 25.52 -18.38 41.14
C SER C 129 24.47 -19.48 41.05
N LYS C 130 23.91 -19.72 39.86
CA LYS C 130 22.92 -20.77 39.66
C LYS C 130 23.05 -21.30 38.25
N SER C 131 22.53 -22.50 38.05
CA SER C 131 22.58 -23.10 36.74
C SER C 131 21.44 -24.10 36.59
N VAL C 132 20.96 -24.26 35.37
CA VAL C 132 20.02 -25.32 35.05
C VAL C 132 20.51 -26.04 33.80
N LYS C 133 20.00 -27.25 33.60
CA LYS C 133 20.26 -28.00 32.39
C LYS C 133 18.96 -28.33 31.68
N ILE C 134 19.02 -28.36 30.35
CA ILE C 134 17.86 -28.75 29.54
C ILE C 134 18.39 -29.28 28.21
N GLN C 135 17.78 -30.36 27.73
CA GLN C 135 18.15 -30.90 26.43
C GLN C 135 17.91 -29.88 25.32
N ALA C 136 18.79 -29.89 24.30
CA ALA C 136 18.67 -28.92 23.21
C ALA C 136 17.33 -29.04 22.48
N GLY C 137 16.90 -30.27 22.18
CA GLY C 137 15.65 -30.48 21.46
C GLY C 137 14.44 -29.98 22.23
N ILE C 138 14.47 -30.10 23.56
CA ILE C 138 13.37 -29.59 24.37
C ILE C 138 13.38 -28.07 24.34
N LEU C 139 14.56 -27.47 24.53
CA LEU C 139 14.66 -26.01 24.49
C LEU C 139 14.20 -25.47 23.15
N SER C 140 14.60 -26.11 22.04
CA SER C 140 14.22 -25.53 20.74
C SER C 140 12.72 -25.63 20.53
N GLU C 141 12.08 -26.73 20.94
CA GLU C 141 10.62 -26.79 20.86
C GLU C 141 9.96 -25.72 21.73
N ALA C 142 10.51 -25.46 22.93
CA ALA C 142 10.01 -24.33 23.71
C ALA C 142 10.04 -23.03 22.90
N LEU C 143 11.13 -22.80 22.15
CA LEU C 143 11.25 -21.57 21.38
C LEU C 143 10.29 -21.57 20.17
N VAL C 144 10.08 -22.73 19.54
CA VAL C 144 9.10 -22.83 18.47
C VAL C 144 7.72 -22.36 18.95
N ASN C 145 7.35 -22.73 20.18
CA ASN C 145 6.00 -22.49 20.71
C ASN C 145 5.81 -21.11 21.32
N THR C 146 6.87 -20.43 21.75
CA THR C 146 6.69 -19.16 22.43
C THR C 146 7.04 -17.96 21.58
N LEU C 147 7.87 -18.12 20.56
CA LEU C 147 8.27 -17.01 19.70
C LEU C 147 7.20 -16.76 18.64
N PHE C 148 6.43 -15.66 18.79
CA PHE C 148 5.36 -15.29 17.86
C PHE C 148 5.92 -14.83 16.52
N ALA C 149 5.17 -15.08 15.44
CA ALA C 149 5.67 -14.64 14.14
C ALA C 149 5.45 -13.14 13.95
N THR C 150 4.27 -12.65 14.32
CA THR C 150 3.98 -11.22 14.37
C THR C 150 4.12 -10.74 15.81
N SER C 151 4.67 -9.54 16.00
CA SER C 151 4.64 -8.93 17.33
C SER C 151 4.71 -7.42 17.12
N ASN C 152 3.54 -6.79 16.99
CA ASN C 152 3.44 -5.34 16.80
C ASN C 152 2.85 -4.62 18.00
N ASP C 153 2.62 -5.31 19.11
CA ASP C 153 2.22 -4.68 20.36
C ASP C 153 3.42 -3.99 21.01
N SER C 154 3.21 -2.75 21.46
CA SER C 154 4.15 -2.05 22.34
C SER C 154 3.87 -2.47 23.79
N LEU C 155 4.44 -3.60 24.20
CA LEU C 155 4.25 -4.10 25.56
C LEU C 155 5.23 -3.47 26.57
N ARG C 156 4.86 -3.55 27.86
CA ARG C 156 5.79 -3.15 28.93
C ARG C 156 6.98 -4.14 28.92
N PRO C 157 8.15 -3.73 29.45
CA PRO C 157 9.36 -4.55 29.27
C PRO C 157 9.28 -6.03 29.69
N VAL C 158 8.71 -6.40 30.85
CA VAL C 158 8.77 -7.81 31.23
C VAL C 158 7.98 -8.67 30.24
N MET C 159 6.95 -8.13 29.60
CA MET C 159 6.15 -8.94 28.69
C MET C 159 6.65 -8.92 27.27
N THR C 160 7.67 -8.11 26.96
CA THR C 160 8.26 -8.17 25.63
C THR C 160 9.19 -9.36 25.43
N GLY C 161 9.44 -10.15 26.47
CA GLY C 161 10.32 -11.30 26.40
C GLY C 161 9.63 -12.61 26.68
N VAL C 162 10.41 -13.68 26.81
CA VAL C 162 9.91 -15.02 27.15
C VAL C 162 10.35 -15.38 28.55
N LEU C 163 9.39 -15.75 29.38
CA LEU C 163 9.64 -16.21 30.73
C LEU C 163 10.11 -17.66 30.74
N PHE C 164 11.20 -17.92 31.47
CA PHE C 164 11.68 -19.27 31.75
C PHE C 164 11.54 -19.52 33.26
N GLN C 165 10.85 -20.61 33.63
CA GLN C 165 10.74 -21.01 35.03
C GLN C 165 11.27 -22.44 35.16
N PHE C 166 12.32 -22.62 35.97
CA PHE C 166 12.87 -23.94 36.23
C PHE C 166 12.80 -24.19 37.72
N ASN C 167 12.34 -25.38 38.11
CA ASN C 167 12.47 -25.83 39.49
C ASN C 167 12.67 -27.34 39.50
N GLU C 168 12.55 -27.94 40.69
CA GLU C 168 12.86 -29.34 40.85
C GLU C 168 11.79 -30.26 40.25
N ASN C 169 10.68 -29.72 39.78
CA ASN C 169 9.60 -30.54 39.27
C ASN C 169 9.33 -30.37 37.79
N GLU C 170 9.68 -29.23 37.22
CA GLU C 170 9.22 -28.91 35.87
C GLU C 170 9.89 -27.63 35.41
N ALA C 171 9.78 -27.38 34.11
CA ALA C 171 10.12 -26.12 33.47
C ALA C 171 8.92 -25.57 32.70
N ASN C 172 8.73 -24.26 32.80
CA ASN C 172 7.67 -23.53 32.12
C ASN C 172 8.30 -22.49 31.22
N PHE C 173 7.74 -22.33 30.02
CA PHE C 173 8.16 -21.30 29.09
C PHE C 173 6.92 -20.53 28.67
N VAL C 174 6.91 -19.22 28.89
CA VAL C 174 5.70 -18.43 28.78
C VAL C 174 5.96 -17.16 27.99
N SER C 175 5.08 -16.86 27.04
CA SER C 175 5.12 -15.59 26.32
C SER C 175 3.70 -15.10 26.11
N THR C 176 3.59 -13.80 25.83
CA THR C 176 2.28 -13.17 25.76
C THR C 176 2.36 -11.92 24.89
N ASP C 177 1.22 -11.57 24.28
CA ASP C 177 0.99 -10.21 23.80
C ASP C 177 -0.45 -9.87 24.14
N SER C 178 -1.02 -8.84 23.53
CA SER C 178 -2.36 -8.44 23.96
C SER C 178 -3.43 -9.43 23.54
N HIS C 179 -3.11 -10.34 22.61
CA HIS C 179 -4.07 -11.31 22.10
C HIS C 179 -3.81 -12.75 22.57
N ARG C 180 -2.60 -13.06 23.03
CA ARG C 180 -2.19 -14.44 23.25
C ARG C 180 -1.44 -14.64 24.55
N LEU C 181 -1.54 -15.87 25.06
CA LEU C 181 -0.70 -16.38 26.13
C LEU C 181 -0.33 -17.81 25.75
N VAL C 182 0.95 -18.13 25.76
CA VAL C 182 1.44 -19.50 25.54
C VAL C 182 2.10 -19.97 26.82
N VAL C 183 1.65 -21.07 27.35
CA VAL C 183 2.28 -21.69 28.49
C VAL C 183 2.69 -23.08 28.00
N TYR C 184 4.00 -23.32 27.93
CA TYR C 184 4.60 -24.57 27.51
C TYR C 184 5.31 -25.19 28.72
N ASN C 185 4.94 -26.43 29.04
CA ASN C 185 5.30 -27.06 30.29
C ASN C 185 6.03 -28.39 30.03
N ARG C 186 7.14 -28.60 30.74
CA ARG C 186 7.89 -29.85 30.64
C ARG C 186 8.12 -30.37 32.06
N LYS C 187 7.38 -31.41 32.43
CA LYS C 187 7.59 -32.06 33.71
C LYS C 187 8.74 -33.03 33.67
N ASP C 188 9.42 -33.15 32.53
CA ASP C 188 10.62 -33.96 32.45
C ASP C 188 11.87 -33.12 32.47
N VAL C 189 11.76 -31.82 32.77
CA VAL C 189 12.91 -30.94 32.91
C VAL C 189 12.99 -30.49 34.38
N MET C 190 13.91 -31.09 35.12
CA MET C 190 13.99 -30.93 36.56
C MET C 190 15.39 -30.50 36.96
N ASN C 191 15.47 -29.46 37.79
CA ASN C 191 16.72 -28.90 38.27
C ASN C 191 16.65 -28.52 39.74
N VAL C 192 17.76 -28.74 40.46
CA VAL C 192 17.81 -28.35 41.87
C VAL C 192 17.61 -26.84 42.02
N ASP C 193 18.33 -26.03 41.22
CA ASP C 193 18.20 -24.59 41.36
C ASP C 193 16.85 -24.12 40.82
N ASN C 194 16.04 -23.49 41.68
CA ASN C 194 14.81 -22.87 41.22
C ASN C 194 15.17 -21.48 40.71
N ILE C 195 14.85 -21.20 39.46
CA ILE C 195 15.18 -19.89 38.91
C ILE C 195 14.12 -19.50 37.90
N GLU C 196 13.94 -18.20 37.78
CA GLU C 196 12.97 -17.56 36.92
C GLU C 196 13.68 -16.39 36.26
N PHE C 197 13.53 -16.25 34.94
CA PHE C 197 14.24 -15.17 34.24
C PHE C 197 13.53 -14.90 32.93
N ILE C 198 13.73 -13.70 32.41
CA ILE C 198 13.07 -13.27 31.19
C ILE C 198 14.11 -13.02 30.11
N MET C 199 14.01 -13.75 29.03
CA MET C 199 14.90 -13.67 27.89
C MET C 199 14.31 -12.76 26.85
N PRO C 200 15.08 -11.81 26.32
CA PRO C 200 14.58 -10.98 25.21
C PRO C 200 14.49 -11.79 23.90
N LYS C 201 13.68 -11.28 22.98
CA LYS C 201 13.35 -12.01 21.74
C LYS C 201 14.55 -12.16 20.79
N LYS C 202 15.33 -11.10 20.59
CA LYS C 202 16.40 -11.18 19.59
C LYS C 202 17.41 -12.28 19.88
N PRO C 203 18.00 -12.39 21.07
CA PRO C 203 18.88 -13.54 21.29
C PRO C 203 18.15 -14.88 21.21
N LEU C 204 16.87 -14.93 21.59
CA LEU C 204 16.16 -16.19 21.46
C LEU C 204 16.05 -16.61 20.01
N ALA C 205 15.76 -15.67 19.12
CA ALA C 205 15.70 -16.01 17.70
C ALA C 205 17.06 -16.46 17.20
N ILE C 206 18.11 -15.74 17.60
CA ILE C 206 19.48 -16.11 17.22
C ILE C 206 19.81 -17.51 17.72
N ILE C 207 19.49 -17.78 18.98
CA ILE C 207 19.80 -19.09 19.55
C ILE C 207 19.00 -20.19 18.85
N LYS C 208 17.76 -19.88 18.45
CA LYS C 208 16.89 -20.89 17.87
C LYS C 208 17.52 -21.46 16.60
N ASN C 209 18.17 -20.61 15.81
CA ASN C 209 18.79 -21.10 14.57
C ASN C 209 20.02 -21.94 14.84
N ILE C 210 20.69 -21.68 15.96
CA ILE C 210 21.92 -22.40 16.32
C ILE C 210 21.63 -23.72 17.01
N LEU C 211 20.61 -23.77 17.87
CA LEU C 211 20.25 -25.00 18.57
C LEU C 211 19.94 -26.13 17.60
N SER C 212 20.45 -27.31 17.92
CA SER C 212 20.05 -28.53 17.22
C SER C 212 18.90 -29.20 17.97
N ASN C 213 18.23 -30.11 17.28
CA ASN C 213 17.15 -30.87 17.88
C ASN C 213 17.69 -32.22 18.37
N THR C 214 18.55 -32.16 19.39
CA THR C 214 19.18 -33.37 19.93
C THR C 214 19.05 -33.41 21.44
N ASP C 215 19.40 -34.58 21.99
CA ASP C 215 19.37 -34.82 23.43
C ASP C 215 20.55 -34.21 24.16
N ASP C 216 21.49 -33.57 23.45
CA ASP C 216 22.63 -32.93 24.09
C ASP C 216 22.20 -31.85 25.08
N GLU C 217 22.90 -31.77 26.22
CA GLU C 217 22.50 -30.87 27.27
C GLU C 217 22.96 -29.46 26.97
N VAL C 218 22.09 -28.50 27.25
CA VAL C 218 22.44 -27.10 27.28
C VAL C 218 22.57 -26.74 28.75
N LEU C 219 23.71 -26.21 29.15
CA LEU C 219 23.87 -25.61 30.48
C LEU C 219 23.51 -24.13 30.38
N ILE C 220 22.67 -23.66 31.30
CA ILE C 220 22.39 -22.24 31.42
C ILE C 220 22.84 -21.81 32.81
N GLU C 221 23.73 -20.82 32.87
CA GLU C 221 24.24 -20.25 34.10
C GLU C 221 23.79 -18.80 34.23
N PHE C 222 23.67 -18.33 35.47
CA PHE C 222 23.12 -17.00 35.68
C PHE C 222 23.94 -16.25 36.71
N ASN C 223 24.05 -14.95 36.49
CA ASN C 223 24.60 -14.07 37.51
C ASN C 223 23.56 -13.01 37.85
N GLU C 224 24.03 -11.76 38.00
CA GLU C 224 23.13 -10.68 38.38
C GLU C 224 22.06 -10.47 37.32
N ASN C 225 22.47 -10.28 36.05
CA ASN C 225 21.52 -9.91 35.01
C ASN C 225 21.85 -10.52 33.64
N MET C 226 22.54 -11.66 33.62
CA MET C 226 22.87 -12.32 32.36
C MET C 226 22.62 -13.81 32.46
N ALA C 227 22.33 -14.41 31.31
CA ALA C 227 22.29 -15.85 31.16
C ALA C 227 23.43 -16.30 30.25
N LYS C 228 24.07 -17.39 30.63
CA LYS C 228 25.17 -17.95 29.84
C LYS C 228 24.79 -19.37 29.44
N PHE C 229 24.52 -19.58 28.16
CA PHE C 229 24.22 -20.90 27.61
C PHE C 229 25.52 -21.55 27.15
N SER C 230 25.69 -22.84 27.48
CA SER C 230 26.81 -23.62 26.98
C SER C 230 26.26 -24.88 26.32
N PHE C 231 26.70 -25.13 25.09
CA PHE C 231 26.16 -26.21 24.26
C PHE C 231 27.28 -26.59 23.29
N GLN C 232 27.80 -27.80 23.44
CA GLN C 232 28.97 -28.29 22.68
C GLN C 232 30.12 -27.29 22.88
N ASP C 233 30.73 -26.77 21.82
CA ASP C 233 31.81 -25.80 21.92
C ASP C 233 31.31 -24.37 21.75
N ASN C 234 30.02 -24.13 21.97
CA ASN C 234 29.42 -22.82 21.85
C ASN C 234 29.10 -22.26 23.23
N ILE C 235 29.18 -20.93 23.33
CA ILE C 235 28.78 -20.20 24.52
C ILE C 235 27.97 -19.01 24.04
N TRP C 236 26.79 -18.80 24.63
CA TRP C 236 25.93 -17.68 24.28
C TRP C 236 25.59 -16.91 25.54
N ILE C 237 25.91 -15.62 25.55
CA ILE C 237 25.70 -14.75 26.71
C ILE C 237 24.73 -13.64 26.31
N CYS C 238 23.66 -13.48 27.09
CA CYS C 238 22.54 -12.59 26.81
C CYS C 238 22.19 -11.78 28.05
N ARG C 239 21.86 -10.50 27.86
CA ARG C 239 21.34 -9.68 28.95
C ARG C 239 19.88 -10.03 29.21
N LEU C 240 19.55 -10.32 30.45
CA LEU C 240 18.17 -10.61 30.82
C LEU C 240 17.37 -9.32 31.01
N ILE C 241 16.06 -9.45 30.86
CA ILE C 241 15.15 -8.35 31.09
C ILE C 241 14.86 -8.34 32.59
N ASP C 242 15.13 -7.21 33.23
CA ASP C 242 14.89 -7.08 34.67
C ASP C 242 13.42 -6.90 34.97
N GLY C 243 12.99 -7.43 36.10
CA GLY C 243 11.62 -7.31 36.54
C GLY C 243 10.98 -8.66 36.80
N LYS C 244 9.74 -8.60 37.27
CA LYS C 244 8.97 -9.78 37.60
C LYS C 244 7.84 -9.95 36.59
N TYR C 245 7.84 -11.09 35.91
CA TYR C 245 6.77 -11.40 34.98
C TYR C 245 5.44 -11.45 35.72
N PRO C 246 4.34 -11.06 35.08
CA PRO C 246 3.04 -11.13 35.77
C PRO C 246 2.70 -12.56 36.16
N ASN C 247 1.77 -12.66 37.10
CA ASN C 247 1.23 -13.92 37.58
C ASN C 247 0.28 -14.45 36.50
N TYR C 248 0.86 -15.08 35.47
CA TYR C 248 0.08 -15.41 34.28
C TYR C 248 -0.97 -16.50 34.56
N THR C 249 -0.73 -17.38 35.54
CA THR C 249 -1.68 -18.45 35.76
C THR C 249 -3.03 -17.92 36.22
N ALA C 250 -3.08 -16.72 36.81
CA ALA C 250 -4.32 -16.17 37.33
C ALA C 250 -5.25 -15.70 36.23
N VAL C 251 -4.72 -15.59 35.01
CA VAL C 251 -5.47 -15.11 33.86
C VAL C 251 -6.20 -16.24 33.13
N ILE C 252 -5.87 -17.49 33.43
CA ILE C 252 -6.42 -18.66 32.76
C ILE C 252 -7.77 -18.98 33.39
N PRO C 253 -8.87 -18.94 32.63
CA PRO C 253 -10.18 -19.21 33.25
C PRO C 253 -10.22 -20.62 33.81
N LYS C 254 -10.83 -20.74 34.99
CA LYS C 254 -10.87 -22.01 35.69
C LYS C 254 -11.90 -22.98 35.10
N GLU C 255 -13.06 -22.49 34.68
CA GLU C 255 -14.10 -23.36 34.12
C GLU C 255 -14.28 -23.04 32.64
N ASN C 256 -14.22 -24.05 31.80
CA ASN C 256 -14.40 -23.87 30.36
C ASN C 256 -15.25 -25.00 29.83
N PRO C 257 -16.56 -24.95 30.09
CA PRO C 257 -17.42 -26.07 29.74
C PRO C 257 -17.75 -26.15 28.26
N ASN C 258 -17.44 -25.13 27.46
CA ASN C 258 -17.85 -25.11 26.05
C ASN C 258 -16.65 -25.50 25.20
N VAL C 259 -16.61 -26.78 24.81
CA VAL C 259 -15.44 -27.38 24.21
C VAL C 259 -15.72 -27.63 22.75
N LEU C 260 -14.96 -26.93 21.90
CA LEU C 260 -14.93 -27.21 20.49
C LEU C 260 -13.77 -28.14 20.19
N THR C 261 -14.08 -29.25 19.52
CA THR C 261 -13.07 -30.18 19.02
C THR C 261 -13.19 -30.15 17.50
N ILE C 262 -12.07 -29.91 16.82
CA ILE C 262 -12.12 -29.65 15.40
C ILE C 262 -10.76 -29.97 14.80
N ASN C 263 -10.80 -30.44 13.55
CA ASN C 263 -9.57 -30.64 12.79
C ASN C 263 -8.82 -29.31 12.65
N ARG C 264 -7.54 -29.33 13.02
CA ARG C 264 -6.77 -28.09 13.12
C ARG C 264 -6.64 -27.42 11.74
N ASN C 265 -6.20 -28.16 10.72
CA ASN C 265 -6.01 -27.57 9.40
C ASN C 265 -7.34 -27.06 8.83
N LEU C 266 -8.44 -27.76 9.10
CA LEU C 266 -9.74 -27.24 8.68
C LEU C 266 -10.04 -25.91 9.39
N LEU C 267 -9.84 -25.83 10.70
CA LEU C 267 -10.11 -24.56 11.38
C LEU C 267 -9.14 -23.48 10.90
N LEU C 268 -7.87 -23.83 10.76
CA LEU C 268 -6.87 -22.86 10.32
C LEU C 268 -7.18 -22.35 8.90
N SER C 269 -7.42 -23.26 7.96
CA SER C 269 -7.65 -22.81 6.59
C SER C 269 -8.97 -22.06 6.45
N SER C 270 -9.98 -22.42 7.26
CA SER C 270 -11.28 -21.75 7.20
C SER C 270 -11.18 -20.31 7.69
N ILE C 271 -10.51 -20.10 8.83
CA ILE C 271 -10.32 -18.75 9.34
C ILE C 271 -9.51 -17.90 8.37
N ARG C 272 -8.47 -18.48 7.77
CA ARG C 272 -7.66 -17.71 6.82
C ARG C 272 -8.50 -17.21 5.65
N ARG C 273 -9.36 -18.07 5.10
CA ARG C 273 -10.27 -17.67 4.02
C ARG C 273 -11.26 -16.62 4.50
N ALA C 274 -11.93 -16.88 5.63
CA ALA C 274 -12.93 -15.93 6.10
C ALA C 274 -12.34 -14.53 6.31
N SER C 275 -11.14 -14.45 6.89
CA SER C 275 -10.58 -13.13 7.20
C SER C 275 -10.25 -12.32 5.95
N ILE C 276 -10.13 -12.96 4.77
CA ILE C 276 -9.95 -12.19 3.55
C ILE C 276 -11.13 -11.25 3.33
N PHE C 277 -12.31 -11.61 3.85
CA PHE C 277 -13.52 -10.84 3.65
C PHE C 277 -13.80 -9.84 4.76
N SER C 278 -12.91 -9.69 5.74
CA SER C 278 -13.16 -8.78 6.84
C SER C 278 -12.45 -7.45 6.59
N ASN C 279 -12.71 -6.48 7.44
CA ASN C 279 -12.06 -5.18 7.32
C ASN C 279 -10.55 -5.35 7.47
N LYS C 280 -9.80 -4.81 6.50
CA LYS C 280 -8.35 -4.95 6.48
C LYS C 280 -7.68 -4.39 7.74
N SER C 281 -8.33 -3.44 8.44
CA SER C 281 -7.70 -2.84 9.62
C SER C 281 -7.67 -3.80 10.80
N THR C 282 -8.80 -4.47 11.08
CA THR C 282 -8.92 -5.29 12.27
C THR C 282 -8.87 -6.80 12.03
N ASN C 283 -9.23 -7.27 10.83
CA ASN C 283 -9.21 -8.69 10.51
C ASN C 283 -9.84 -9.55 11.59
N GLN C 284 -11.13 -9.34 11.82
CA GLN C 284 -11.84 -10.07 12.85
C GLN C 284 -12.83 -11.04 12.20
N VAL C 285 -13.05 -12.17 12.88
CA VAL C 285 -14.06 -13.15 12.52
C VAL C 285 -14.90 -13.44 13.77
N ARG C 286 -16.19 -13.70 13.55
CA ARG C 286 -17.08 -14.14 14.61
C ARG C 286 -17.33 -15.63 14.50
N PHE C 287 -17.26 -16.31 15.65
CA PHE C 287 -17.65 -17.71 15.79
C PHE C 287 -19.05 -17.74 16.36
N LYS C 288 -19.94 -18.47 15.70
CA LYS C 288 -21.23 -18.80 16.28
C LYS C 288 -21.27 -20.32 16.37
N LEU C 289 -21.25 -20.84 17.60
CA LEU C 289 -21.21 -22.26 17.86
C LEU C 289 -22.55 -22.72 18.39
N SER C 290 -23.01 -23.86 17.87
CA SER C 290 -24.25 -24.48 18.34
C SER C 290 -24.32 -25.88 17.76
N GLY C 291 -24.83 -26.83 18.56
CA GLY C 291 -24.84 -28.21 18.09
C GLY C 291 -23.43 -28.61 17.72
N ASN C 292 -23.28 -29.27 16.57
CA ASN C 292 -21.97 -29.67 16.07
C ASN C 292 -21.60 -28.84 14.85
N LEU C 293 -21.89 -27.54 14.91
CA LEU C 293 -21.69 -26.64 13.79
C LEU C 293 -21.01 -25.38 14.26
N LEU C 294 -19.92 -25.02 13.60
CA LEU C 294 -19.26 -23.74 13.78
C LEU C 294 -19.60 -22.84 12.60
N HIS C 295 -20.28 -21.74 12.87
CA HIS C 295 -20.58 -20.75 11.84
C HIS C 295 -19.53 -19.65 11.94
N LEU C 296 -18.70 -19.52 10.90
CA LEU C 296 -17.78 -18.41 10.78
C LEU C 296 -18.42 -17.29 9.98
N HIS C 297 -18.33 -16.06 10.49
CA HIS C 297 -18.83 -14.92 9.75
C HIS C 297 -17.76 -13.84 9.72
N ALA C 298 -17.52 -13.29 8.54
CA ALA C 298 -16.68 -12.11 8.38
C ALA C 298 -17.34 -11.20 7.37
N GLU C 299 -17.15 -9.90 7.55
CA GLU C 299 -17.72 -8.90 6.66
C GLU C 299 -16.87 -7.64 6.74
N ASP C 300 -16.89 -6.88 5.65
CA ASP C 300 -16.22 -5.57 5.56
C ASP C 300 -17.27 -4.57 5.11
N THR C 301 -17.80 -3.78 6.04
CA THR C 301 -18.84 -2.83 5.67
C THR C 301 -18.32 -1.75 4.73
N GLU C 302 -17.02 -1.43 4.80
CA GLU C 302 -16.48 -0.39 3.95
C GLU C 302 -16.44 -0.81 2.49
N TYR C 303 -16.18 -2.09 2.22
CA TYR C 303 -15.99 -2.54 0.85
C TYR C 303 -17.07 -3.52 0.38
N ALA C 304 -18.03 -3.89 1.23
CA ALA C 304 -19.21 -4.70 0.87
C ALA C 304 -18.86 -6.14 0.55
N ASN C 305 -17.86 -6.70 1.22
CA ASN C 305 -17.49 -8.11 1.10
C ASN C 305 -17.91 -8.85 2.37
N LYS C 306 -18.24 -10.13 2.22
CA LYS C 306 -18.78 -10.91 3.33
C LYS C 306 -18.48 -12.39 3.10
N ALA C 307 -18.25 -13.11 4.19
CA ALA C 307 -18.08 -14.56 4.17
C ALA C 307 -18.96 -15.19 5.24
N ASP C 308 -19.63 -16.29 4.87
CA ASP C 308 -20.44 -17.07 5.81
C ASP C 308 -20.13 -18.54 5.57
N MET C 309 -19.51 -19.17 6.55
CA MET C 309 -19.06 -20.55 6.41
C MET C 309 -19.64 -21.38 7.54
N GLN C 310 -20.01 -22.61 7.21
CA GLN C 310 -20.52 -23.56 8.19
C GLN C 310 -19.53 -24.72 8.21
N ILE C 311 -18.96 -25.01 9.37
CA ILE C 311 -17.89 -25.99 9.50
C ILE C 311 -18.33 -27.09 10.46
N PRO C 312 -18.42 -28.34 10.02
CA PRO C 312 -18.76 -29.43 10.94
C PRO C 312 -17.63 -29.66 11.93
N CYS C 313 -18.02 -29.99 13.17
CA CYS C 313 -17.07 -30.12 14.26
C CYS C 313 -17.74 -30.92 15.38
N GLU C 314 -17.00 -31.13 16.45
CA GLU C 314 -17.56 -31.70 17.66
C GLU C 314 -17.66 -30.57 18.68
N TYR C 315 -18.89 -30.16 19.01
CA TYR C 315 -19.09 -29.09 19.98
C TYR C 315 -20.14 -29.51 20.99
N ASN C 316 -19.71 -29.67 22.23
CA ASN C 316 -20.60 -29.93 23.37
C ASN C 316 -20.54 -28.70 24.25
N GLY C 317 -21.64 -27.95 24.29
CA GLY C 317 -21.64 -26.69 24.99
C GLY C 317 -22.85 -25.88 24.59
N GLU C 318 -22.96 -24.72 25.21
CA GLU C 318 -24.09 -23.83 24.94
C GLU C 318 -23.78 -22.93 23.74
N ASP C 319 -24.86 -22.45 23.12
CA ASP C 319 -24.72 -21.48 22.04
C ASP C 319 -23.84 -20.33 22.48
N ILE C 320 -22.88 -19.98 21.65
CA ILE C 320 -21.98 -18.90 21.97
C ILE C 320 -21.66 -18.14 20.70
N ASN C 321 -21.58 -16.83 20.85
CA ASN C 321 -21.22 -15.88 19.80
C ASN C 321 -19.98 -15.15 20.31
N ILE C 322 -18.82 -15.43 19.70
CA ILE C 322 -17.54 -14.89 20.19
C ILE C 322 -16.66 -14.49 19.00
N GLY C 323 -16.00 -13.35 19.11
CA GLY C 323 -15.18 -12.81 18.03
C GLY C 323 -13.69 -12.86 18.33
N PHE C 324 -12.87 -13.05 17.30
CA PHE C 324 -11.42 -13.10 17.49
C PHE C 324 -10.71 -12.33 16.38
N SER C 325 -9.53 -11.77 16.73
CA SER C 325 -8.61 -11.28 15.72
C SER C 325 -7.99 -12.48 15.05
N SER C 326 -8.25 -12.64 13.76
CA SER C 326 -7.92 -13.90 13.11
C SER C 326 -6.42 -14.09 12.96
N LYS C 327 -5.65 -13.02 12.75
CA LYS C 327 -4.22 -13.18 12.52
C LYS C 327 -3.52 -13.82 13.72
N PHE C 328 -3.88 -13.41 14.93
CA PHE C 328 -3.20 -13.94 16.10
C PHE C 328 -3.70 -15.36 16.41
N LEU C 329 -4.98 -15.60 16.19
CA LEU C 329 -5.49 -16.95 16.37
C LEU C 329 -4.86 -17.94 15.39
N THR C 330 -4.83 -17.62 14.10
CA THR C 330 -4.26 -18.56 13.12
C THR C 330 -2.77 -18.74 13.31
N GLU C 331 -2.05 -17.72 13.77
CA GLU C 331 -0.63 -17.91 14.03
C GLU C 331 -0.41 -18.99 15.07
N MET C 332 -1.23 -19.00 16.14
CA MET C 332 -1.09 -20.03 17.16
C MET C 332 -1.47 -21.40 16.62
N LEU C 333 -2.55 -21.47 15.83
CA LEU C 333 -2.94 -22.75 15.24
C LEU C 333 -1.87 -23.26 14.29
N SER C 334 -1.11 -22.34 13.64
CA SER C 334 -0.01 -22.74 12.78
C SER C 334 1.15 -23.28 13.59
N VAL C 335 1.28 -22.85 14.84
CA VAL C 335 2.40 -23.32 15.66
C VAL C 335 2.17 -24.76 16.11
N LEU C 336 0.92 -25.11 16.41
CA LEU C 336 0.62 -26.49 16.75
C LEU C 336 0.72 -27.35 15.50
N GLY C 337 0.95 -28.66 15.69
CA GLY C 337 1.10 -29.53 14.54
C GLY C 337 0.16 -30.73 14.55
N SER C 338 -0.74 -30.77 15.53
CA SER C 338 -1.61 -31.92 15.72
C SER C 338 -2.72 -31.97 14.67
N ASP C 339 -3.28 -33.16 14.52
CA ASP C 339 -4.43 -33.32 13.64
C ASP C 339 -5.62 -32.52 14.16
N ASP C 340 -5.93 -32.67 15.45
CA ASP C 340 -7.08 -32.02 16.08
C ASP C 340 -6.63 -31.09 17.18
N ILE C 341 -7.43 -30.05 17.40
CA ILE C 341 -7.29 -29.19 18.56
C ILE C 341 -8.61 -29.17 19.30
N THR C 342 -8.54 -28.86 20.59
CA THR C 342 -9.70 -28.42 21.34
C THR C 342 -9.54 -26.94 21.60
N MET C 343 -10.65 -26.22 21.56
CA MET C 343 -10.70 -24.84 22.01
C MET C 343 -11.79 -24.83 23.08
N LYS C 344 -11.39 -24.61 24.32
CA LYS C 344 -12.29 -24.63 25.47
C LYS C 344 -12.71 -23.21 25.78
N MET C 345 -14.01 -22.97 25.83
CA MET C 345 -14.51 -21.62 26.05
C MET C 345 -15.51 -21.58 27.21
N SER C 346 -15.72 -20.37 27.71
CA SER C 346 -16.73 -20.15 28.73
C SER C 346 -17.67 -19.07 28.22
N GLN C 347 -17.34 -17.80 28.43
CA GLN C 347 -18.15 -16.68 28.00
C GLN C 347 -17.50 -15.94 26.84
N PRO C 348 -18.28 -15.18 26.07
CA PRO C 348 -17.69 -14.41 24.95
C PRO C 348 -16.62 -13.39 25.38
N ASN C 349 -16.53 -13.06 26.67
CA ASN C 349 -15.56 -12.06 27.13
C ASN C 349 -14.39 -12.70 27.87
N ARG C 350 -14.20 -14.00 27.69
CA ARG C 350 -13.08 -14.68 28.32
C ARG C 350 -12.24 -15.37 27.27
N PRO C 351 -10.95 -15.58 27.55
CA PRO C 351 -10.09 -16.22 26.56
C PRO C 351 -10.54 -17.63 26.26
N GLY C 352 -10.25 -18.07 25.04
CA GLY C 352 -10.40 -19.46 24.67
C GLY C 352 -9.08 -20.18 24.86
N ILE C 353 -9.15 -21.43 25.29
CA ILE C 353 -7.96 -22.21 25.61
C ILE C 353 -7.79 -23.24 24.51
N ILE C 354 -6.72 -23.11 23.74
CA ILE C 354 -6.43 -24.01 22.64
C ILE C 354 -5.36 -25.00 23.08
N GLU C 355 -5.63 -26.27 22.86
CA GLU C 355 -4.70 -27.35 23.16
C GLU C 355 -4.69 -28.36 22.03
N PRO C 356 -3.55 -28.95 21.74
CA PRO C 356 -3.53 -30.06 20.79
C PRO C 356 -4.22 -31.25 21.41
N VAL C 357 -4.86 -32.05 20.57
CA VAL C 357 -5.46 -33.28 21.05
C VAL C 357 -4.41 -34.38 21.14
N ASP C 358 -3.60 -34.49 20.11
CA ASP C 358 -2.62 -35.53 19.92
C ASP C 358 -1.24 -34.90 19.79
N GLY C 359 -0.21 -35.74 19.81
CA GLY C 359 1.10 -35.29 19.40
C GLY C 359 1.99 -34.75 20.49
N LEU C 360 1.54 -34.74 21.75
CA LEU C 360 2.39 -34.35 22.85
C LEU C 360 3.16 -35.56 23.38
N GLU C 361 4.42 -35.35 23.74
CA GLU C 361 5.20 -36.37 24.43
C GLU C 361 4.68 -36.52 25.87
N GLU C 362 5.21 -37.52 26.56
CA GLU C 362 4.65 -37.96 27.84
C GLU C 362 4.50 -36.82 28.85
N ASN C 363 5.58 -36.07 29.09
CA ASN C 363 5.58 -35.03 30.11
C ASN C 363 5.48 -33.63 29.53
N GLU C 364 4.84 -33.50 28.37
CA GLU C 364 4.80 -32.24 27.65
C GLU C 364 3.37 -31.75 27.55
N SER C 365 3.13 -30.49 27.87
CA SER C 365 1.81 -29.93 27.63
C SER C 365 1.95 -28.48 27.19
N ILE C 366 0.99 -28.01 26.42
CA ILE C 366 0.98 -26.64 25.95
C ILE C 366 -0.43 -26.09 26.12
N LEU C 367 -0.51 -24.82 26.49
CA LEU C 367 -1.77 -24.13 26.68
C LEU C 367 -1.66 -22.82 25.90
N MET C 368 -2.60 -22.58 25.01
CA MET C 368 -2.57 -21.39 24.15
C MET C 368 -3.87 -20.62 24.33
N LEU C 369 -3.80 -19.48 24.99
CA LEU C 369 -4.99 -18.70 25.25
C LEU C 369 -5.13 -17.66 24.17
N SER C 370 -6.33 -17.55 23.60
CA SER C 370 -6.66 -16.54 22.62
C SER C 370 -7.70 -15.62 23.27
N MET C 371 -7.32 -14.33 23.44
CA MET C 371 -8.24 -13.34 24.00
C MET C 371 -9.22 -12.92 22.92
N PRO C 372 -10.53 -13.01 23.17
CA PRO C 372 -11.51 -12.63 22.16
C PRO C 372 -11.62 -11.11 22.06
N VAL C 373 -12.21 -10.67 20.97
CA VAL C 373 -12.61 -9.28 20.85
C VAL C 373 -13.88 -9.12 21.66
N ILE C 374 -13.88 -8.17 22.58
CA ILE C 374 -15.04 -7.92 23.43
C ILE C 374 -15.17 -6.42 23.64
N GLY C 375 -16.37 -5.89 23.40
CA GLY C 375 -16.61 -4.50 23.74
C GLY C 375 -16.31 -4.24 25.20
N LEU C 376 -15.75 -3.06 25.49
CA LEU C 376 -15.31 -2.76 26.84
C LEU C 376 -16.48 -2.82 27.84
N ALA C 377 -17.69 -2.42 27.41
CA ALA C 377 -18.86 -2.50 28.29
C ALA C 377 -19.11 -3.92 28.77
N GLY C 378 -18.70 -4.92 27.99
CA GLY C 378 -18.89 -6.31 28.35
C GLY C 378 -17.65 -7.01 28.88
N HIS C 379 -16.67 -6.24 29.37
CA HIS C 379 -15.51 -6.88 29.99
C HIS C 379 -15.92 -7.72 31.19
N HIS C 380 -15.13 -8.76 31.44
CA HIS C 380 -15.23 -9.52 32.68
C HIS C 380 -15.03 -8.59 33.88
N HIS C 381 -15.73 -8.88 34.98
CA HIS C 381 -15.57 -8.05 36.17
C HIS C 381 -15.74 -8.83 37.48
N MET D 1 -24.63 -13.80 -15.10
CA MET D 1 -23.92 -15.04 -15.47
C MET D 1 -23.58 -15.90 -14.26
N LYS D 2 -23.49 -17.21 -14.49
CA LYS D 2 -23.26 -18.21 -13.47
C LYS D 2 -22.45 -19.33 -14.09
N PHE D 3 -21.41 -19.77 -13.40
CA PHE D 3 -20.61 -20.86 -13.95
C PHE D 3 -19.98 -21.63 -12.81
N ILE D 4 -19.57 -22.86 -13.12
CA ILE D 4 -18.93 -23.77 -12.18
C ILE D 4 -17.57 -24.16 -12.75
N VAL D 5 -16.53 -24.13 -11.91
CA VAL D 5 -15.18 -24.47 -12.34
C VAL D 5 -14.41 -24.98 -11.13
N ALA D 6 -13.49 -25.91 -11.37
CA ALA D 6 -12.57 -26.35 -10.33
C ALA D 6 -11.66 -25.20 -9.92
N SER D 7 -11.48 -25.05 -8.60
CA SER D 7 -10.71 -23.92 -8.07
C SER D 7 -9.27 -23.94 -8.58
N GLY D 8 -8.70 -25.13 -8.73
CA GLY D 8 -7.33 -25.23 -9.22
C GLY D 8 -7.17 -24.69 -10.63
N GLU D 9 -8.10 -25.05 -11.53
CA GLU D 9 -8.05 -24.53 -12.89
C GLU D 9 -8.17 -23.02 -12.93
N LEU D 10 -9.12 -22.47 -12.15
CA LEU D 10 -9.28 -21.01 -12.12
C LEU D 10 -8.03 -20.32 -11.59
N GLN D 11 -7.44 -20.87 -10.53
CA GLN D 11 -6.25 -20.27 -9.95
C GLN D 11 -5.11 -20.17 -10.98
N LYS D 12 -4.85 -21.26 -11.71
CA LYS D 12 -3.76 -21.23 -12.69
C LYS D 12 -4.02 -20.18 -13.78
N ALA D 13 -5.25 -20.11 -14.29
CA ALA D 13 -5.59 -19.11 -15.30
C ALA D 13 -5.42 -17.68 -14.76
N LEU D 14 -5.93 -17.43 -13.55
CA LEU D 14 -5.78 -16.09 -12.97
C LEU D 14 -4.31 -15.75 -12.80
N GLN D 15 -3.53 -16.71 -12.32
CA GLN D 15 -2.12 -16.47 -12.08
C GLN D 15 -1.39 -16.17 -13.39
N THR D 16 -1.85 -16.76 -14.49
CA THR D 16 -1.20 -16.53 -15.78
C THR D 16 -1.28 -15.08 -16.18
N VAL D 17 -2.45 -14.46 -16.04
CA VAL D 17 -2.63 -13.09 -16.48
C VAL D 17 -2.39 -12.04 -15.39
N SER D 18 -2.19 -12.46 -14.14
CA SER D 18 -2.16 -11.48 -13.05
C SER D 18 -0.87 -10.66 -13.04
N GLY D 19 0.18 -11.13 -13.71
CA GLY D 19 1.48 -10.46 -13.62
C GLY D 19 1.51 -9.05 -14.19
N VAL D 20 0.50 -8.67 -14.98
CA VAL D 20 0.45 -7.33 -15.56
C VAL D 20 -0.35 -6.36 -14.70
N ILE D 21 -1.13 -6.86 -13.74
CA ILE D 21 -1.74 -5.99 -12.74
C ILE D 21 -0.61 -5.72 -11.73
N SER D 22 -0.07 -4.51 -11.75
CA SER D 22 1.12 -4.21 -10.97
C SER D 22 0.79 -3.60 -9.62
N GLY D 23 -0.48 -3.63 -9.22
CA GLY D 23 -0.90 -2.97 -8.01
C GLY D 23 -1.39 -1.57 -8.30
N SER D 24 -0.58 -0.55 -7.99
CA SER D 24 -0.99 0.85 -8.14
C SER D 24 -1.11 1.21 -9.62
N GLN D 25 -2.21 0.77 -10.23
CA GLN D 25 -2.55 1.21 -11.58
C GLN D 25 -3.18 2.59 -11.51
N SER D 26 -2.70 3.50 -12.36
CA SER D 26 -3.23 4.87 -12.34
C SER D 26 -4.70 4.91 -12.73
N ARG D 27 -5.18 3.92 -13.49
CA ARG D 27 -6.59 3.79 -13.74
C ARG D 27 -7.16 2.69 -12.87
N PRO D 28 -8.09 2.99 -11.95
CA PRO D 28 -8.52 1.97 -10.98
C PRO D 28 -9.29 0.82 -11.60
N ILE D 29 -9.94 1.02 -12.75
CA ILE D 29 -10.69 -0.07 -13.37
C ILE D 29 -9.75 -1.18 -13.84
N LEU D 30 -8.47 -0.84 -14.10
CA LEU D 30 -7.48 -1.82 -14.55
C LEU D 30 -6.91 -2.64 -13.40
N GLU D 31 -7.39 -2.45 -12.18
CA GLU D 31 -7.10 -3.35 -11.07
C GLU D 31 -8.01 -4.59 -11.05
N ASN D 32 -8.87 -4.76 -12.06
CA ASN D 32 -9.79 -5.88 -12.11
C ASN D 32 -9.31 -6.91 -13.14
N PHE D 33 -9.60 -8.17 -12.88
CA PHE D 33 -9.71 -9.15 -13.96
C PHE D 33 -11.02 -8.88 -14.71
N LEU D 34 -10.98 -9.01 -16.03
CA LEU D 34 -12.20 -9.00 -16.81
C LEU D 34 -12.57 -10.44 -17.17
N PHE D 35 -13.74 -10.89 -16.71
CA PHE D 35 -14.26 -12.20 -17.07
C PHE D 35 -15.26 -12.03 -18.21
N GLU D 36 -15.07 -12.78 -19.29
CA GLU D 36 -16.06 -12.87 -20.36
C GLU D 36 -16.38 -14.33 -20.58
N LEU D 37 -17.65 -14.69 -20.37
CA LEU D 37 -18.12 -16.08 -20.46
C LEU D 37 -18.94 -16.21 -21.73
N GLU D 38 -18.57 -17.17 -22.57
CA GLU D 38 -19.21 -17.36 -23.88
C GLU D 38 -19.09 -18.84 -24.25
N ASN D 39 -20.22 -19.54 -24.34
CA ASN D 39 -20.24 -20.95 -24.73
C ASN D 39 -19.27 -21.79 -23.89
N ASP D 40 -19.44 -21.75 -22.57
CA ASP D 40 -18.63 -22.55 -21.65
C ASP D 40 -17.14 -22.21 -21.70
N ASN D 41 -16.78 -21.10 -22.33
CA ASN D 41 -15.39 -20.66 -22.36
C ASN D 41 -15.29 -19.37 -21.57
N LEU D 42 -14.51 -19.41 -20.49
CA LEU D 42 -14.32 -18.25 -19.63
C LEU D 42 -13.02 -17.58 -20.06
N LYS D 43 -13.16 -16.42 -20.71
CA LYS D 43 -12.01 -15.65 -21.13
C LYS D 43 -11.68 -14.63 -20.05
N ILE D 44 -10.42 -14.61 -19.61
CA ILE D 44 -9.97 -13.79 -18.50
C ILE D 44 -8.90 -12.85 -19.04
N THR D 45 -9.09 -11.54 -18.82
CA THR D 45 -8.24 -10.49 -19.35
C THR D 45 -7.67 -9.67 -18.20
N ALA D 46 -6.37 -9.35 -18.29
CA ALA D 46 -5.77 -8.37 -17.38
C ALA D 46 -4.90 -7.44 -18.21
N SER D 47 -4.78 -6.20 -17.74
CA SER D 47 -4.09 -5.18 -18.52
C SER D 47 -3.63 -4.08 -17.59
N ASP D 48 -2.52 -3.45 -17.95
CA ASP D 48 -2.08 -2.23 -17.29
C ASP D 48 -2.26 -1.02 -18.19
N GLY D 49 -2.96 -1.18 -19.31
CA GLY D 49 -3.21 -0.11 -20.24
C GLY D 49 -2.30 -0.15 -21.46
N GLU D 50 -1.16 -0.82 -21.35
CA GLU D 50 -0.24 -1.03 -22.48
C GLU D 50 -0.08 -2.49 -22.84
N THR D 51 0.11 -3.37 -21.86
CA THR D 51 0.10 -4.79 -22.08
C THR D 51 -1.24 -5.37 -21.67
N THR D 52 -1.76 -6.29 -22.48
CA THR D 52 -2.97 -7.01 -22.15
C THR D 52 -2.65 -8.49 -22.17
N LEU D 53 -2.98 -9.17 -21.08
CA LEU D 53 -2.82 -10.61 -20.98
C LEU D 53 -4.19 -11.25 -20.97
N ILE D 54 -4.33 -12.32 -21.75
CA ILE D 54 -5.59 -13.02 -21.91
C ILE D 54 -5.34 -14.52 -21.82
N THR D 55 -6.18 -15.20 -21.06
CA THR D 55 -6.25 -16.64 -21.14
C THR D 55 -7.72 -17.04 -21.10
N SER D 56 -8.00 -18.29 -21.44
CA SER D 56 -9.35 -18.79 -21.32
C SER D 56 -9.28 -20.24 -20.89
N ILE D 57 -10.28 -20.64 -20.09
CA ILE D 57 -10.42 -22.02 -19.63
C ILE D 57 -11.85 -22.47 -19.84
N PRO D 58 -12.08 -23.76 -20.08
CA PRO D 58 -13.45 -24.26 -20.16
C PRO D 58 -14.07 -24.31 -18.78
N VAL D 59 -15.37 -23.97 -18.72
CA VAL D 59 -16.14 -24.06 -17.49
C VAL D 59 -17.47 -24.73 -17.83
N LYS D 60 -18.23 -25.00 -16.78
CA LYS D 60 -19.60 -25.47 -16.90
C LYS D 60 -20.54 -24.31 -16.61
N SER D 61 -21.44 -24.03 -17.55
CA SER D 61 -22.37 -22.92 -17.40
C SER D 61 -23.57 -23.16 -18.31
N GLU D 62 -24.60 -22.33 -18.12
CA GLU D 62 -25.78 -22.35 -18.97
C GLU D 62 -26.07 -21.01 -19.63
N ASN D 63 -25.30 -19.97 -19.32
CA ASN D 63 -25.53 -18.63 -19.85
C ASN D 63 -24.19 -17.95 -20.09
N ASN D 64 -24.24 -16.73 -20.61
CA ASN D 64 -23.06 -15.95 -20.92
C ASN D 64 -23.07 -14.65 -20.12
N GLY D 65 -21.94 -13.94 -20.10
CA GLY D 65 -21.91 -12.68 -19.38
C GLY D 65 -20.53 -12.07 -19.32
N ARG D 66 -20.46 -10.93 -18.63
CA ARG D 66 -19.25 -10.12 -18.51
C ARG D 66 -19.17 -9.58 -17.09
N MET D 67 -18.00 -9.69 -16.46
CA MET D 67 -17.76 -9.25 -15.09
C MET D 67 -16.36 -8.66 -14.94
N ALA D 68 -16.26 -7.61 -14.13
CA ALA D 68 -14.97 -7.07 -13.69
C ALA D 68 -14.79 -7.43 -12.21
N VAL D 69 -13.81 -8.26 -11.92
CA VAL D 69 -13.59 -8.81 -10.59
C VAL D 69 -12.31 -8.22 -10.02
N PRO D 70 -12.32 -7.68 -8.80
CA PRO D 70 -11.09 -7.10 -8.23
C PRO D 70 -9.99 -8.15 -8.09
N ALA D 71 -8.83 -7.84 -8.67
CA ALA D 71 -7.86 -8.89 -8.98
C ALA D 71 -7.12 -9.39 -7.76
N LYS D 72 -6.51 -8.47 -6.99
CA LYS D 72 -5.76 -8.90 -5.81
C LYS D 72 -6.64 -9.71 -4.87
N MET D 73 -7.79 -9.16 -4.49
CA MET D 73 -8.68 -9.89 -3.59
C MET D 73 -9.11 -11.23 -4.17
N PHE D 74 -9.56 -11.24 -5.44
CA PHE D 74 -10.14 -12.47 -5.99
C PHE D 74 -9.10 -13.57 -6.08
N LEU D 75 -7.87 -13.23 -6.47
CA LEU D 75 -6.83 -14.24 -6.48
C LEU D 75 -6.53 -14.73 -5.06
N ASP D 76 -6.49 -13.81 -4.09
CA ASP D 76 -6.36 -14.24 -2.70
C ASP D 76 -7.46 -15.23 -2.33
N VAL D 77 -8.70 -14.92 -2.72
CA VAL D 77 -9.82 -15.77 -2.36
C VAL D 77 -9.66 -17.15 -2.98
N ILE D 78 -9.39 -17.21 -4.30
CA ILE D 78 -9.25 -18.51 -4.96
C ILE D 78 -8.09 -19.29 -4.35
N LYS D 79 -6.98 -18.61 -4.02
CA LYS D 79 -5.82 -19.28 -3.43
C LYS D 79 -6.17 -19.93 -2.10
N SER D 80 -7.10 -19.35 -1.35
CA SER D 80 -7.45 -19.87 -0.03
C SER D 80 -8.20 -21.19 -0.07
N PHE D 81 -8.57 -21.68 -1.26
CA PHE D 81 -9.24 -22.97 -1.42
C PHE D 81 -8.26 -24.09 -1.76
N GLY D 82 -8.69 -25.32 -1.49
CA GLY D 82 -8.08 -26.49 -2.08
C GLY D 82 -8.67 -26.75 -3.46
N ASP D 83 -8.46 -27.96 -3.97
CA ASP D 83 -9.02 -28.34 -5.27
C ASP D 83 -10.47 -28.79 -5.08
N GLN D 84 -11.41 -27.90 -5.39
CA GLN D 84 -12.82 -28.24 -5.30
C GLN D 84 -13.59 -27.41 -6.33
N PRO D 85 -14.73 -27.92 -6.81
CA PRO D 85 -15.57 -27.11 -7.71
C PRO D 85 -16.09 -25.89 -6.97
N LEU D 86 -16.09 -24.74 -7.65
CA LEU D 86 -16.66 -23.52 -7.10
C LEU D 86 -17.75 -23.00 -8.01
N THR D 87 -18.84 -22.51 -7.42
CA THR D 87 -19.92 -21.89 -8.18
C THR D 87 -19.84 -20.38 -8.03
N PHE D 88 -19.97 -19.67 -9.14
CA PHE D 88 -19.89 -18.22 -9.17
C PHE D 88 -21.18 -17.67 -9.78
N VAL D 89 -21.78 -16.69 -9.12
CA VAL D 89 -23.03 -16.10 -9.57
C VAL D 89 -22.86 -14.58 -9.57
N GLU D 90 -23.00 -13.97 -10.74
CA GLU D 90 -23.05 -12.52 -10.87
C GLU D 90 -24.43 -12.04 -10.42
N LYS D 91 -24.47 -11.04 -9.54
CA LYS D 91 -25.72 -10.45 -9.06
C LYS D 91 -25.65 -8.95 -9.33
N GLU D 92 -26.26 -8.50 -10.41
CA GLU D 92 -26.11 -7.11 -10.83
C GLU D 92 -27.38 -6.30 -10.56
N GLY D 98 -23.66 -1.00 -7.86
CA GLY D 98 -23.26 -1.89 -6.79
C GLY D 98 -23.55 -3.38 -7.05
N SER D 99 -22.80 -3.96 -7.98
CA SER D 99 -22.94 -5.36 -8.38
C SER D 99 -22.05 -6.26 -7.51
N LEU D 100 -22.58 -7.44 -7.16
CA LEU D 100 -21.87 -8.41 -6.34
C LEU D 100 -21.59 -9.70 -7.13
N LEU D 101 -20.52 -10.38 -6.73
CA LEU D 101 -20.22 -11.74 -7.13
C LEU D 101 -20.40 -12.66 -5.93
N GLU D 102 -21.25 -13.66 -6.07
CA GLU D 102 -21.41 -14.67 -5.02
C GLU D 102 -20.58 -15.90 -5.36
N ILE D 103 -19.92 -16.47 -4.35
CA ILE D 103 -19.21 -17.74 -4.48
C ILE D 103 -19.90 -18.76 -3.60
N LEU D 104 -20.28 -19.89 -4.18
CA LEU D 104 -20.95 -20.97 -3.46
C LEU D 104 -20.04 -22.18 -3.40
N ASP D 105 -19.88 -22.73 -2.20
CA ASP D 105 -19.15 -23.97 -1.92
C ASP D 105 -19.94 -24.74 -0.87
N GLU D 106 -20.67 -25.77 -1.32
CA GLU D 106 -21.53 -26.54 -0.42
C GLU D 106 -22.44 -25.58 0.31
N LYS D 107 -22.41 -25.61 1.64
CA LYS D 107 -23.25 -24.76 2.47
C LYS D 107 -22.64 -23.39 2.74
N ASP D 108 -21.47 -23.10 2.16
CA ASP D 108 -20.75 -21.85 2.40
C ASP D 108 -21.00 -20.83 1.29
N ASN D 109 -21.13 -19.58 1.67
CA ASN D 109 -21.41 -18.48 0.75
C ASN D 109 -20.43 -17.34 0.98
N TYR D 110 -19.98 -16.72 -0.11
CA TYR D 110 -19.09 -15.58 -0.08
C TYR D 110 -19.56 -14.54 -1.08
N PHE D 111 -19.40 -13.25 -0.75
CA PHE D 111 -19.75 -12.16 -1.65
C PHE D 111 -18.55 -11.25 -1.83
N VAL D 112 -18.27 -10.91 -3.10
CA VAL D 112 -17.22 -9.96 -3.46
C VAL D 112 -17.85 -8.82 -4.24
N ALA D 113 -17.71 -7.60 -3.73
CA ALA D 113 -18.20 -6.44 -4.47
C ALA D 113 -17.44 -6.31 -5.79
N LEU D 114 -18.16 -5.93 -6.83
CA LEU D 114 -17.61 -5.84 -8.18
C LEU D 114 -17.59 -4.40 -8.66
N ASP D 115 -16.68 -4.12 -9.58
CA ASP D 115 -16.72 -2.88 -10.31
C ASP D 115 -17.69 -3.01 -11.48
N ASN D 116 -17.88 -1.90 -12.19
CA ASN D 116 -18.77 -1.90 -13.34
C ASN D 116 -18.00 -2.43 -14.56
N ALA D 117 -18.40 -3.60 -15.06
CA ALA D 117 -17.70 -4.18 -16.21
C ALA D 117 -17.80 -3.29 -17.44
N GLU D 118 -18.89 -2.52 -17.59
CA GLU D 118 -19.06 -1.59 -18.70
C GLU D 118 -17.97 -0.53 -18.71
N ASP D 119 -17.30 -0.31 -17.58
CA ASP D 119 -16.21 0.65 -17.51
C ASP D 119 -14.87 0.04 -17.90
N TYR D 120 -14.79 -1.28 -18.05
CA TYR D 120 -13.53 -1.88 -18.45
C TYR D 120 -13.31 -1.67 -19.95
N PRO D 121 -12.17 -1.10 -20.36
CA PRO D 121 -11.97 -0.83 -21.79
C PRO D 121 -11.85 -2.15 -22.56
N GLU D 122 -12.54 -2.21 -23.69
CA GLU D 122 -12.37 -3.31 -24.63
C GLU D 122 -11.12 -3.08 -25.47
N LEU D 123 -10.50 -4.18 -25.92
CA LEU D 123 -9.39 -3.97 -26.84
C LEU D 123 -9.92 -3.71 -28.26
N PRO D 124 -9.21 -2.92 -29.06
CA PRO D 124 -9.64 -2.69 -30.44
C PRO D 124 -9.49 -3.96 -31.26
N GLU D 125 -10.28 -4.04 -32.32
CA GLU D 125 -10.13 -5.17 -33.23
C GLU D 125 -8.72 -5.17 -33.79
N PHE D 126 -7.97 -6.26 -33.54
CA PHE D 126 -6.62 -6.39 -34.05
C PHE D 126 -6.67 -6.72 -35.54
N ASP D 127 -6.03 -5.90 -36.36
CA ASP D 127 -6.05 -6.09 -37.81
C ASP D 127 -4.65 -6.49 -38.28
N ALA D 128 -4.36 -7.79 -38.17
CA ALA D 128 -3.03 -8.30 -38.52
C ALA D 128 -2.72 -8.10 -39.99
N SER D 129 -1.54 -7.53 -40.27
CA SER D 129 -0.99 -7.48 -41.61
C SER D 129 0.21 -8.40 -41.80
N LYS D 130 0.87 -8.83 -40.72
CA LYS D 130 2.05 -9.68 -40.83
C LYS D 130 2.09 -10.63 -39.66
N SER D 131 2.80 -11.73 -39.85
CA SER D 131 2.91 -12.68 -38.77
C SER D 131 4.15 -13.52 -38.97
N VAL D 132 4.75 -13.93 -37.85
CA VAL D 132 5.83 -14.89 -37.85
C VAL D 132 5.50 -15.96 -36.83
N LYS D 133 6.15 -17.12 -36.97
CA LYS D 133 6.04 -18.22 -36.01
C LYS D 133 7.40 -18.57 -35.42
N ILE D 134 7.38 -19.03 -34.17
CA ILE D 134 8.59 -19.46 -33.49
C ILE D 134 8.20 -20.44 -32.38
N GLN D 135 8.98 -21.50 -32.23
CA GLN D 135 8.74 -22.42 -31.14
C GLN D 135 8.84 -21.71 -29.79
N ALA D 136 7.98 -22.11 -28.85
CA ALA D 136 7.99 -21.50 -27.53
C ALA D 136 9.36 -21.67 -26.87
N GLY D 137 9.93 -22.87 -26.96
CA GLY D 137 11.21 -23.13 -26.32
C GLY D 137 12.33 -22.28 -26.86
N ILE D 138 12.30 -22.00 -28.17
CA ILE D 138 13.31 -21.13 -28.76
C ILE D 138 13.11 -19.69 -28.27
N LEU D 139 11.86 -19.21 -28.28
CA LEU D 139 11.60 -17.84 -27.82
C LEU D 139 12.02 -17.66 -26.37
N SER D 140 11.68 -18.62 -25.51
CA SER D 140 12.04 -18.44 -24.10
C SER D 140 13.56 -18.48 -23.92
N GLU D 141 14.25 -19.33 -24.69
CA GLU D 141 15.71 -19.35 -24.64
C GLU D 141 16.27 -18.00 -25.09
N ALA D 142 15.68 -17.39 -26.13
CA ALA D 142 16.05 -16.04 -26.54
C ALA D 142 15.90 -15.04 -25.41
N LEU D 143 14.82 -15.17 -24.63
CA LEU D 143 14.60 -14.23 -23.53
C LEU D 143 15.56 -14.49 -22.38
N VAL D 144 15.86 -15.77 -22.11
CA VAL D 144 16.79 -16.11 -21.05
C VAL D 144 18.14 -15.45 -21.30
N ASN D 145 18.55 -15.39 -22.58
CA ASN D 145 19.85 -14.85 -22.95
C ASN D 145 19.86 -13.34 -23.11
N THR D 146 18.71 -12.68 -23.33
CA THR D 146 18.76 -11.24 -23.63
C THR D 146 18.21 -10.32 -22.55
N LEU D 147 17.27 -10.78 -21.71
CA LEU D 147 16.58 -9.83 -20.84
C LEU D 147 17.49 -9.22 -19.79
N PHE D 148 18.47 -9.97 -19.29
CA PHE D 148 19.32 -9.44 -18.22
C PHE D 148 20.15 -8.26 -18.71
N ALA D 149 20.50 -8.23 -20.00
CA ALA D 149 21.30 -7.15 -20.57
C ALA D 149 20.51 -5.87 -20.91
N THR D 150 19.18 -5.90 -21.03
CA THR D 150 18.44 -4.67 -21.30
C THR D 150 18.69 -3.60 -20.25
N SER D 151 18.65 -2.34 -20.70
CA SER D 151 18.73 -1.16 -19.84
C SER D 151 17.50 -0.97 -18.98
N ASN D 152 17.71 -0.37 -17.81
CA ASN D 152 16.63 0.00 -16.91
C ASN D 152 16.44 1.51 -16.81
N ASP D 153 17.15 2.29 -17.62
CA ASP D 153 16.91 3.72 -17.71
C ASP D 153 15.71 4.02 -18.59
N SER D 154 14.76 4.80 -18.08
CA SER D 154 13.69 5.31 -18.92
C SER D 154 14.14 6.51 -19.72
N LEU D 155 15.46 6.71 -19.79
CA LEU D 155 16.06 7.77 -20.58
C LEU D 155 16.13 7.37 -22.06
N ARG D 156 16.65 6.19 -22.34
CA ARG D 156 16.72 5.64 -23.69
C ARG D 156 15.74 4.49 -23.83
N PRO D 157 14.47 4.78 -24.14
CA PRO D 157 13.47 3.71 -24.17
C PRO D 157 13.84 2.54 -25.06
N VAL D 158 14.46 2.79 -26.23
CA VAL D 158 14.75 1.70 -27.15
C VAL D 158 15.68 0.68 -26.49
N MET D 159 16.49 1.09 -25.52
CA MET D 159 17.40 0.14 -24.90
C MET D 159 16.78 -0.62 -23.74
N THR D 160 15.60 -0.20 -23.26
CA THR D 160 14.87 -0.99 -22.28
C THR D 160 14.14 -2.17 -22.89
N GLY D 161 14.27 -2.38 -24.20
CA GLY D 161 13.64 -3.49 -24.87
C GLY D 161 14.62 -4.43 -25.55
N VAL D 162 14.06 -5.47 -26.14
CA VAL D 162 14.80 -6.47 -26.89
C VAL D 162 14.44 -6.34 -28.36
N LEU D 163 15.45 -6.24 -29.21
CA LEU D 163 15.25 -6.21 -30.66
C LEU D 163 14.96 -7.62 -31.17
N PHE D 164 13.87 -7.76 -31.93
CA PHE D 164 13.49 -8.99 -32.62
C PHE D 164 13.63 -8.80 -34.12
N GLN D 165 14.37 -9.70 -34.76
CA GLN D 165 14.55 -9.69 -36.21
C GLN D 165 14.21 -11.06 -36.76
N PHE D 166 13.21 -11.13 -37.64
CA PHE D 166 12.81 -12.36 -38.30
C PHE D 166 12.92 -12.17 -39.80
N ASN D 167 13.46 -13.16 -40.50
CA ASN D 167 13.32 -13.21 -41.95
C ASN D 167 13.28 -14.67 -42.37
N GLU D 168 13.44 -14.90 -43.68
CA GLU D 168 13.32 -16.27 -44.18
C GLU D 168 14.54 -17.10 -43.86
N ASN D 169 15.57 -16.53 -43.28
CA ASN D 169 16.80 -17.24 -43.02
C ASN D 169 17.07 -17.48 -41.56
N GLU D 170 16.56 -16.63 -40.68
CA GLU D 170 16.98 -16.67 -39.29
C GLU D 170 16.11 -15.73 -38.49
N ALA D 171 16.20 -15.87 -37.17
CA ALA D 171 15.64 -14.92 -36.24
C ALA D 171 16.80 -14.42 -35.38
N ASN D 172 16.84 -13.12 -35.19
CA ASN D 172 17.91 -12.47 -34.43
C ASN D 172 17.31 -11.70 -33.27
N PHE D 173 17.93 -11.83 -32.08
CA PHE D 173 17.52 -11.16 -30.84
C PHE D 173 18.72 -10.41 -30.24
N VAL D 174 18.53 -9.12 -29.97
CA VAL D 174 19.61 -8.26 -29.51
C VAL D 174 19.17 -7.47 -28.28
N SER D 175 20.03 -7.41 -27.28
CA SER D 175 19.80 -6.48 -26.18
C SER D 175 21.11 -5.84 -25.73
N THR D 176 20.97 -4.66 -25.14
CA THR D 176 22.11 -3.89 -24.68
C THR D 176 21.65 -2.93 -23.60
N ASP D 177 22.60 -2.52 -22.75
CA ASP D 177 22.37 -1.37 -21.88
C ASP D 177 23.48 -0.35 -22.00
N SER D 178 24.30 -0.47 -23.06
CA SER D 178 25.50 0.28 -23.39
C SER D 178 26.73 -0.24 -22.66
N HIS D 179 26.58 -1.10 -21.65
CA HIS D 179 27.72 -1.73 -20.99
C HIS D 179 27.85 -3.20 -21.35
N ARG D 180 26.76 -3.82 -21.80
CA ARG D 180 26.71 -5.20 -22.21
C ARG D 180 25.93 -5.28 -23.50
N LEU D 181 26.28 -6.25 -24.33
CA LEU D 181 25.55 -6.50 -25.56
C LEU D 181 25.40 -8.00 -25.71
N VAL D 182 24.17 -8.46 -25.92
CA VAL D 182 23.87 -9.85 -26.24
C VAL D 182 23.25 -9.91 -27.63
N VAL D 183 23.80 -10.76 -28.49
CA VAL D 183 23.23 -11.07 -29.79
C VAL D 183 22.94 -12.57 -29.79
N TYR D 184 21.67 -12.92 -29.91
CA TYR D 184 21.25 -14.32 -29.93
C TYR D 184 20.64 -14.63 -31.30
N ASN D 185 21.21 -15.61 -31.98
CA ASN D 185 20.86 -15.85 -33.38
C ASN D 185 20.39 -17.29 -33.56
N ARG D 186 19.29 -17.47 -34.32
CA ARG D 186 18.72 -18.78 -34.64
C ARG D 186 18.50 -18.91 -36.14
N LYS D 187 19.31 -19.73 -36.81
CA LYS D 187 19.07 -19.93 -38.24
C LYS D 187 18.03 -21.01 -38.51
N ASP D 188 17.46 -21.62 -37.48
CA ASP D 188 16.43 -22.62 -37.68
C ASP D 188 15.04 -22.04 -37.45
N VAL D 189 14.94 -20.71 -37.33
CA VAL D 189 13.67 -20.00 -37.20
C VAL D 189 13.49 -19.18 -38.47
N MET D 190 12.63 -19.63 -39.38
CA MET D 190 12.50 -19.04 -40.70
C MET D 190 11.04 -18.71 -40.96
N ASN D 191 10.76 -17.48 -41.42
CA ASN D 191 9.39 -17.04 -41.68
C ASN D 191 9.35 -16.23 -42.96
N VAL D 192 8.28 -16.40 -43.75
CA VAL D 192 8.15 -15.64 -44.99
C VAL D 192 8.14 -14.14 -44.71
N ASP D 193 7.38 -13.70 -43.72
CA ASP D 193 7.30 -12.27 -43.43
C ASP D 193 8.58 -11.82 -42.73
N ASN D 194 9.27 -10.86 -43.32
CA ASN D 194 10.43 -10.24 -42.66
C ASN D 194 9.91 -9.09 -41.81
N ILE D 195 10.23 -9.10 -40.52
CA ILE D 195 9.79 -8.06 -39.61
C ILE D 195 10.90 -7.79 -38.60
N GLU D 196 10.94 -6.55 -38.14
CA GLU D 196 11.93 -6.10 -37.18
C GLU D 196 11.18 -5.25 -36.17
N PHE D 197 11.37 -5.48 -34.88
CA PHE D 197 10.60 -4.72 -33.89
C PHE D 197 11.27 -4.79 -32.52
N ILE D 198 10.94 -3.82 -31.68
CA ILE D 198 11.50 -3.71 -30.33
C ILE D 198 10.37 -3.93 -29.32
N MET D 199 10.49 -5.00 -28.51
CA MET D 199 9.58 -5.41 -27.46
C MET D 199 10.01 -4.85 -26.12
N PRO D 200 9.12 -4.25 -25.34
CA PRO D 200 9.52 -3.73 -24.02
C PRO D 200 9.84 -4.84 -23.04
N LYS D 201 10.69 -4.50 -22.05
CA LYS D 201 11.24 -5.52 -21.15
C LYS D 201 10.18 -6.11 -20.23
N LYS D 202 9.31 -5.27 -19.66
CA LYS D 202 8.34 -5.76 -18.68
C LYS D 202 7.39 -6.81 -19.24
N PRO D 203 6.69 -6.59 -20.35
CA PRO D 203 5.88 -7.71 -20.88
C PRO D 203 6.73 -8.90 -21.30
N LEU D 204 7.97 -8.66 -21.73
CA LEU D 204 8.85 -9.78 -22.08
C LEU D 204 9.17 -10.64 -20.86
N ALA D 205 9.44 -10.01 -19.70
CA ALA D 205 9.66 -10.79 -18.49
C ALA D 205 8.41 -11.57 -18.11
N ILE D 206 7.24 -10.94 -18.20
CA ILE D 206 5.97 -11.63 -17.92
C ILE D 206 5.79 -12.79 -18.88
N ILE D 207 6.02 -12.56 -20.16
CA ILE D 207 5.86 -13.62 -21.15
C ILE D 207 6.84 -14.75 -20.90
N LYS D 208 8.07 -14.41 -20.47
CA LYS D 208 9.09 -15.44 -20.24
C LYS D 208 8.64 -16.46 -19.20
N ASN D 209 7.92 -16.02 -18.16
CA ASN D 209 7.47 -16.95 -17.14
C ASN D 209 6.27 -17.79 -17.58
N ILE D 210 5.44 -17.27 -18.50
CA ILE D 210 4.27 -18.02 -18.98
C ILE D 210 4.68 -19.02 -20.05
N LEU D 211 5.60 -18.64 -20.93
CA LEU D 211 6.07 -19.53 -21.97
C LEU D 211 6.65 -20.81 -21.39
N SER D 212 6.27 -21.95 -21.96
CA SER D 212 6.89 -23.22 -21.62
C SER D 212 8.05 -23.53 -22.57
N ASN D 213 8.86 -24.52 -22.19
CA ASN D 213 9.98 -24.96 -23.01
C ASN D 213 9.57 -26.14 -23.90
N THR D 214 8.70 -25.85 -24.86
CA THR D 214 8.18 -26.87 -25.76
C THR D 214 8.38 -26.45 -27.21
N ASP D 215 8.23 -27.41 -28.11
CA ASP D 215 8.32 -27.14 -29.53
C ASP D 215 7.01 -26.61 -30.11
N ASP D 216 5.96 -26.47 -29.30
CA ASP D 216 4.72 -25.87 -29.77
C ASP D 216 4.98 -24.43 -30.21
N GLU D 217 4.30 -24.02 -31.28
CA GLU D 217 4.58 -22.74 -31.91
C GLU D 217 3.86 -21.59 -31.26
N VAL D 218 4.56 -20.47 -31.19
CA VAL D 218 4.03 -19.16 -30.83
C VAL D 218 3.82 -18.38 -32.10
N LEU D 219 2.60 -17.90 -32.30
CA LEU D 219 2.32 -16.99 -33.40
C LEU D 219 2.47 -15.55 -32.91
N ILE D 220 3.19 -14.73 -33.67
CA ILE D 220 3.22 -13.30 -33.37
C ILE D 220 2.64 -12.57 -34.57
N GLU D 221 1.60 -11.78 -34.32
CA GLU D 221 0.96 -10.99 -35.35
C GLU D 221 1.21 -9.52 -35.06
N PHE D 222 1.21 -8.72 -36.12
CA PHE D 222 1.55 -7.32 -36.02
C PHE D 222 0.57 -6.47 -36.78
N ASN D 223 0.31 -5.28 -36.26
CA ASN D 223 -0.38 -4.24 -36.98
C ASN D 223 0.53 -3.02 -37.01
N GLU D 224 -0.03 -1.83 -36.77
CA GLU D 224 0.78 -0.61 -36.86
C GLU D 224 1.90 -0.63 -35.82
N ASN D 225 1.55 -0.73 -34.52
CA ASN D 225 2.59 -0.64 -33.49
C ASN D 225 2.31 -1.55 -32.30
N MET D 226 1.67 -2.69 -32.55
CA MET D 226 1.29 -3.65 -31.53
C MET D 226 1.80 -5.01 -31.98
N ALA D 227 2.18 -5.85 -31.02
CA ALA D 227 2.42 -7.26 -31.29
C ALA D 227 1.40 -8.08 -30.50
N LYS D 228 0.85 -9.08 -31.16
CA LYS D 228 -0.09 -10.00 -30.53
C LYS D 228 0.55 -11.39 -30.57
N PHE D 229 0.94 -11.88 -29.40
CA PHE D 229 1.46 -13.23 -29.25
C PHE D 229 0.30 -14.17 -28.97
N SER D 230 0.28 -15.31 -29.64
CA SER D 230 -0.70 -16.36 -29.39
C SER D 230 0.03 -17.66 -29.12
N PHE D 231 -0.31 -18.32 -28.03
CA PHE D 231 0.38 -19.55 -27.64
C PHE D 231 -0.58 -20.37 -26.80
N GLN D 232 -1.03 -21.50 -27.34
CA GLN D 232 -2.07 -22.33 -26.73
C GLN D 232 -3.27 -21.42 -26.45
N ASP D 233 -3.80 -21.39 -25.24
CA ASP D 233 -4.97 -20.58 -24.95
C ASP D 233 -4.63 -19.21 -24.36
N ASN D 234 -3.41 -18.72 -24.57
CA ASN D 234 -3.00 -17.41 -24.10
C ASN D 234 -2.88 -16.45 -25.27
N ILE D 235 -3.15 -15.17 -25.01
CA ILE D 235 -2.90 -14.08 -25.95
C ILE D 235 -2.20 -12.96 -25.19
N TRP D 236 -1.11 -12.44 -25.74
CA TRP D 236 -0.39 -11.33 -25.11
C TRP D 236 -0.28 -10.23 -26.14
N ILE D 237 -0.77 -9.05 -25.78
CA ILE D 237 -0.80 -7.92 -26.69
C ILE D 237 -0.01 -6.79 -26.06
N CYS D 238 1.02 -6.32 -26.77
CA CYS D 238 1.97 -5.36 -26.24
C CYS D 238 2.19 -4.23 -27.23
N ARG D 239 2.33 -3.02 -26.69
CA ARG D 239 2.74 -1.87 -27.47
C ARG D 239 4.22 -1.99 -27.77
N LEU D 240 4.59 -1.84 -29.03
CA LEU D 240 5.99 -1.89 -29.44
C LEU D 240 6.68 -0.57 -29.13
N ILE D 241 7.99 -0.63 -28.99
CA ILE D 241 8.76 0.58 -28.73
C ILE D 241 9.08 1.25 -30.07
N ASP D 242 8.64 2.50 -30.21
CA ASP D 242 8.91 3.25 -31.43
C ASP D 242 10.34 3.80 -31.41
N GLY D 243 10.94 3.87 -32.58
CA GLY D 243 12.28 4.38 -32.72
C GLY D 243 13.22 3.36 -33.33
N LYS D 244 14.46 3.79 -33.53
CA LYS D 244 15.47 3.00 -34.20
C LYS D 244 16.41 2.44 -33.13
N TYR D 245 16.53 1.12 -33.12
CA TYR D 245 17.46 0.47 -32.21
C TYR D 245 18.89 0.94 -32.53
N PRO D 246 19.75 1.06 -31.52
CA PRO D 246 21.12 1.53 -31.79
C PRO D 246 21.82 0.59 -32.75
N ASN D 247 22.82 1.14 -33.45
CA ASN D 247 23.64 0.40 -34.40
C ASN D 247 24.67 -0.41 -33.61
N TYR D 248 24.21 -1.57 -33.12
CA TYR D 248 24.99 -2.33 -32.15
C TYR D 248 26.22 -2.98 -32.78
N THR D 249 26.18 -3.32 -34.08
CA THR D 249 27.32 -3.98 -34.71
C THR D 249 28.55 -3.09 -34.77
N ALA D 250 28.38 -1.77 -34.67
CA ALA D 250 29.52 -0.87 -34.72
C ALA D 250 30.36 -0.95 -33.46
N VAL D 251 29.83 -1.60 -32.42
CA VAL D 251 30.53 -1.76 -31.16
C VAL D 251 31.38 -3.04 -31.15
N ILE D 252 31.14 -3.96 -32.07
CA ILE D 252 31.87 -5.21 -32.14
C ILE D 252 33.08 -5.00 -33.06
N PRO D 253 34.30 -5.02 -32.55
CA PRO D 253 35.47 -4.87 -33.42
C PRO D 253 35.52 -6.05 -34.39
N LYS D 254 36.03 -5.79 -35.60
CA LYS D 254 36.10 -6.85 -36.59
C LYS D 254 37.11 -7.90 -36.18
N GLU D 255 38.20 -7.48 -35.55
CA GLU D 255 39.25 -8.39 -35.08
C GLU D 255 39.33 -8.36 -33.55
N ASN D 256 39.38 -9.54 -32.96
CA ASN D 256 39.61 -9.69 -31.51
C ASN D 256 40.59 -10.84 -31.38
N PRO D 257 41.89 -10.57 -31.64
CA PRO D 257 42.88 -11.65 -31.74
C PRO D 257 43.34 -12.26 -30.43
N ASN D 258 43.05 -11.65 -29.29
CA ASN D 258 43.57 -12.11 -28.00
C ASN D 258 42.48 -12.98 -27.37
N VAL D 259 42.66 -14.30 -27.45
CA VAL D 259 41.60 -15.25 -27.14
C VAL D 259 41.91 -16.05 -25.89
N LEU D 260 41.06 -15.89 -24.87
CA LEU D 260 41.07 -16.72 -23.68
C LEU D 260 40.07 -17.87 -23.83
N THR D 261 40.53 -19.10 -23.60
CA THR D 261 39.64 -20.26 -23.56
C THR D 261 39.75 -20.88 -22.18
N ILE D 262 38.61 -21.03 -21.49
CA ILE D 262 38.65 -21.36 -20.08
C ILE D 262 37.32 -21.98 -19.67
N ASN D 263 37.39 -22.88 -18.70
CA ASN D 263 36.22 -23.48 -18.06
C ASN D 263 35.32 -22.41 -17.44
N ARG D 264 34.01 -22.49 -17.75
CA ARG D 264 33.08 -21.42 -17.38
C ARG D 264 32.92 -21.30 -15.85
N ASN D 265 32.64 -22.41 -15.17
CA ASN D 265 32.45 -22.38 -13.73
C ASN D 265 33.71 -21.95 -13.00
N LEU D 266 34.87 -22.36 -13.52
CA LEU D 266 36.13 -21.93 -12.94
C LEU D 266 36.30 -20.41 -13.07
N LEU D 267 36.03 -19.85 -14.25
CA LEU D 267 36.15 -18.41 -14.41
C LEU D 267 35.08 -17.69 -13.59
N LEU D 268 33.87 -18.25 -13.56
CA LEU D 268 32.76 -17.65 -12.81
C LEU D 268 33.03 -17.62 -11.32
N SER D 269 33.41 -18.77 -10.74
CA SER D 269 33.64 -18.78 -9.31
C SER D 269 34.87 -17.97 -8.93
N SER D 270 35.86 -17.87 -9.83
CA SER D 270 37.06 -17.08 -9.54
C SER D 270 36.75 -15.58 -9.53
N ILE D 271 35.96 -15.12 -10.50
CA ILE D 271 35.53 -13.72 -10.51
C ILE D 271 34.66 -13.44 -9.30
N ARG D 272 33.80 -14.39 -8.92
CA ARG D 272 32.95 -14.17 -7.75
C ARG D 272 33.77 -13.95 -6.51
N ARG D 273 34.78 -14.81 -6.28
CA ARG D 273 35.65 -14.61 -5.14
C ARG D 273 36.41 -13.29 -5.25
N ALA D 274 37.05 -13.05 -6.41
CA ALA D 274 37.84 -11.83 -6.56
C ALA D 274 36.99 -10.58 -6.30
N SER D 275 35.74 -10.59 -6.74
CA SER D 275 34.92 -9.38 -6.60
C SER D 275 34.61 -9.00 -5.15
N ILE D 276 34.72 -9.94 -4.21
CA ILE D 276 34.50 -9.59 -2.81
C ILE D 276 35.51 -8.55 -2.36
N PHE D 277 36.70 -8.56 -2.97
CA PHE D 277 37.82 -7.67 -2.69
C PHE D 277 37.84 -6.45 -3.61
N SER D 278 36.80 -6.25 -4.40
CA SER D 278 36.90 -5.28 -5.48
C SER D 278 36.47 -3.90 -5.05
N ASN D 279 36.68 -2.95 -5.96
CA ASN D 279 36.31 -1.57 -5.73
C ASN D 279 34.80 -1.50 -5.54
N LYS D 280 34.36 -0.98 -4.40
CA LYS D 280 32.92 -0.91 -4.18
C LYS D 280 32.22 -0.06 -5.24
N SER D 281 32.96 0.90 -5.85
CA SER D 281 32.41 1.84 -6.82
C SER D 281 32.27 1.22 -8.21
N THR D 282 33.32 0.55 -8.69
CA THR D 282 33.32 -0.02 -10.05
C THR D 282 33.18 -1.53 -10.05
N ASN D 283 33.39 -2.17 -8.90
CA ASN D 283 33.38 -3.64 -8.74
C ASN D 283 34.17 -4.27 -9.88
N GLN D 284 35.43 -3.88 -9.95
CA GLN D 284 36.26 -4.19 -11.10
C GLN D 284 37.24 -5.31 -10.79
N VAL D 285 37.45 -6.16 -11.78
CA VAL D 285 38.45 -7.20 -11.71
C VAL D 285 39.35 -7.00 -12.92
N ARG D 286 40.65 -7.12 -12.71
CA ARG D 286 41.60 -6.99 -13.80
C ARG D 286 41.97 -8.39 -14.27
N PHE D 287 41.97 -8.57 -15.59
CA PHE D 287 42.53 -9.76 -16.21
C PHE D 287 43.94 -9.39 -16.65
N LYS D 288 44.94 -10.13 -16.20
CA LYS D 288 46.29 -9.97 -16.72
C LYS D 288 46.65 -11.28 -17.40
N LEU D 289 46.73 -11.25 -18.73
CA LEU D 289 46.95 -12.44 -19.53
C LEU D 289 48.33 -12.41 -20.18
N SER D 290 49.01 -13.55 -20.10
CA SER D 290 50.31 -13.76 -20.71
C SER D 290 50.56 -15.26 -20.69
N GLY D 291 51.15 -15.78 -21.75
CA GLY D 291 51.33 -17.22 -21.82
C GLY D 291 50.01 -17.94 -21.66
N ASN D 292 50.01 -19.00 -20.86
CA ASN D 292 48.81 -19.78 -20.60
C ASN D 292 48.36 -19.64 -19.15
N LEU D 293 48.40 -18.41 -18.64
CA LEU D 293 48.06 -18.12 -17.25
C LEU D 293 47.19 -16.87 -17.20
N LEU D 294 46.06 -16.97 -16.54
CA LEU D 294 45.24 -15.81 -16.24
C LEU D 294 45.52 -15.39 -14.80
N HIS D 295 45.94 -14.13 -14.62
N HIS D 295 45.92 -14.13 -14.60
CA HIS D 295 46.04 -13.53 -13.30
CA HIS D 295 46.05 -13.57 -13.25
C HIS D 295 44.83 -12.63 -13.11
C HIS D 295 44.93 -12.58 -13.02
N LEU D 296 44.05 -12.91 -12.07
CA LEU D 296 42.95 -12.03 -11.69
C LEU D 296 43.38 -11.14 -10.54
N HIS D 297 43.10 -9.86 -10.64
CA HIS D 297 43.42 -8.93 -9.58
C HIS D 297 42.20 -8.09 -9.25
N ALA D 298 41.95 -7.92 -7.96
CA ALA D 298 40.95 -6.99 -7.48
C ALA D 298 41.50 -6.31 -6.23
N GLU D 299 41.15 -5.05 -6.04
CA GLU D 299 41.57 -4.33 -4.86
C GLU D 299 40.54 -3.24 -4.57
N ASP D 300 40.46 -2.87 -3.31
CA ASP D 300 39.53 -1.86 -2.82
C ASP D 300 40.39 -0.79 -2.16
N THR D 301 40.59 0.33 -2.85
CA THR D 301 41.47 1.37 -2.32
C THR D 301 40.94 2.00 -1.03
N GLU D 302 39.61 2.02 -0.86
CA GLU D 302 39.01 2.64 0.33
C GLU D 302 39.20 1.77 1.58
N TYR D 303 39.14 0.45 1.44
CA TYR D 303 39.11 -0.43 2.60
C TYR D 303 40.33 -1.35 2.74
N ALA D 304 41.31 -1.27 1.84
CA ALA D 304 42.61 -1.96 1.97
C ALA D 304 42.50 -3.49 1.85
N ASN D 305 41.61 -3.99 0.99
CA ASN D 305 41.53 -5.41 0.69
C ASN D 305 42.04 -5.68 -0.72
N LYS D 306 42.59 -6.87 -0.94
CA LYS D 306 43.22 -7.22 -2.22
C LYS D 306 43.13 -8.72 -2.47
N ALA D 307 42.99 -9.09 -3.75
CA ALA D 307 43.00 -10.49 -4.20
C ALA D 307 43.87 -10.67 -5.44
N ASP D 308 44.67 -11.72 -5.45
CA ASP D 308 45.52 -12.06 -6.60
C ASP D 308 45.38 -13.55 -6.88
N MET D 309 44.83 -13.89 -8.03
CA MET D 309 44.53 -15.28 -8.35
C MET D 309 45.19 -15.67 -9.66
N GLN D 310 45.75 -16.87 -9.69
CA GLN D 310 46.41 -17.42 -10.86
C GLN D 310 45.63 -18.64 -11.30
N ILE D 311 45.12 -18.61 -12.53
CA ILE D 311 44.28 -19.67 -13.08
C ILE D 311 44.94 -20.16 -14.36
N PRO D 312 45.39 -21.42 -14.44
CA PRO D 312 45.91 -21.91 -15.72
C PRO D 312 44.78 -22.01 -16.73
N CYS D 313 45.09 -21.69 -17.97
CA CYS D 313 44.08 -21.55 -19.01
C CYS D 313 44.78 -21.71 -20.35
N GLU D 314 44.00 -21.59 -21.42
CA GLU D 314 44.54 -21.52 -22.76
C GLU D 314 44.40 -20.08 -23.24
N TYR D 315 45.53 -19.44 -23.52
CA TYR D 315 45.53 -18.06 -23.97
C TYR D 315 46.44 -17.90 -25.18
N ASN D 316 45.85 -17.51 -26.32
CA ASN D 316 46.61 -17.18 -27.52
C ASN D 316 46.44 -15.68 -27.80
N GLY D 317 47.50 -14.92 -27.59
CA GLY D 317 47.45 -13.49 -27.76
C GLY D 317 48.64 -12.80 -27.12
N GLU D 318 48.65 -11.48 -27.28
CA GLU D 318 49.70 -10.67 -26.67
C GLU D 318 49.34 -10.36 -25.22
N ASP D 319 50.36 -10.07 -24.42
CA ASP D 319 50.15 -9.67 -23.04
C ASP D 319 49.14 -8.53 -22.98
N ILE D 320 48.14 -8.67 -22.12
CA ILE D 320 47.09 -7.68 -21.99
C ILE D 320 46.68 -7.58 -20.53
N ASN D 321 46.39 -6.35 -20.09
CA ASN D 321 45.89 -6.08 -18.75
C ASN D 321 44.60 -5.29 -18.94
N ILE D 322 43.46 -5.92 -18.68
CA ILE D 322 42.16 -5.33 -19.03
C ILE D 322 41.19 -5.57 -17.88
N GLY D 323 40.39 -4.54 -17.56
CA GLY D 323 39.47 -4.60 -16.43
C GLY D 323 38.01 -4.67 -16.88
N PHE D 324 37.21 -5.42 -16.11
CA PHE D 324 35.78 -5.58 -16.37
C PHE D 324 35.00 -5.44 -15.06
N SER D 325 33.74 -5.04 -15.20
CA SER D 325 32.82 -5.05 -14.08
C SER D 325 32.50 -6.48 -13.68
N SER D 326 32.83 -6.82 -12.43
CA SER D 326 32.64 -8.21 -12.02
C SER D 326 31.15 -8.56 -11.97
N LYS D 327 30.30 -7.61 -11.58
CA LYS D 327 28.86 -7.90 -11.51
C LYS D 327 28.31 -8.23 -12.90
N PHE D 328 28.71 -7.47 -13.91
CA PHE D 328 28.19 -7.74 -15.23
C PHE D 328 28.78 -9.02 -15.80
N LEU D 329 30.05 -9.27 -15.53
CA LEU D 329 30.72 -10.46 -16.05
C LEU D 329 30.14 -11.72 -15.42
N THR D 330 29.96 -11.72 -14.10
CA THR D 330 29.41 -12.89 -13.41
C THR D 330 27.97 -13.15 -13.82
N GLU D 331 27.18 -12.09 -14.06
CA GLU D 331 25.81 -12.28 -14.52
C GLU D 331 25.79 -12.98 -15.86
N MET D 332 26.63 -12.51 -16.76
CA MET D 332 26.72 -13.04 -18.10
C MET D 332 27.23 -14.48 -18.12
N LEU D 333 28.30 -14.77 -17.36
CA LEU D 333 28.80 -16.15 -17.28
C LEU D 333 27.80 -17.09 -16.61
N SER D 334 26.99 -16.60 -15.67
CA SER D 334 26.00 -17.47 -15.06
C SER D 334 24.82 -17.76 -15.97
N VAL D 335 24.54 -16.89 -16.95
CA VAL D 335 23.44 -17.16 -17.89
C VAL D 335 23.84 -18.23 -18.89
N LEU D 336 25.10 -18.25 -19.30
CA LEU D 336 25.57 -19.32 -20.18
C LEU D 336 25.64 -20.63 -19.40
N GLY D 337 25.52 -21.74 -20.13
CA GLY D 337 25.51 -23.05 -19.49
C GLY D 337 26.53 -24.03 -20.03
N SER D 338 27.45 -23.57 -20.88
CA SER D 338 28.45 -24.44 -21.48
C SER D 338 29.56 -24.79 -20.48
N ASP D 339 30.27 -25.88 -20.78
CA ASP D 339 31.44 -26.25 -19.97
C ASP D 339 32.54 -25.21 -20.10
N ASP D 340 32.85 -24.80 -21.34
CA ASP D 340 33.90 -23.86 -21.67
C ASP D 340 33.35 -22.63 -22.39
N ILE D 341 34.04 -21.51 -22.21
CA ILE D 341 33.81 -20.28 -22.97
C ILE D 341 35.12 -19.82 -23.59
N THR D 342 35.00 -19.05 -24.66
CA THR D 342 36.09 -18.23 -25.17
C THR D 342 35.75 -16.78 -24.81
N MET D 343 36.77 -16.01 -24.44
CA MET D 343 36.66 -14.57 -24.30
C MET D 343 37.72 -13.96 -25.21
N LYS D 344 37.25 -13.28 -26.25
CA LYS D 344 38.07 -12.67 -27.31
C LYS D 344 38.21 -11.17 -27.06
N MET D 345 39.46 -10.69 -27.09
CA MET D 345 39.76 -9.30 -26.76
C MET D 345 40.64 -8.66 -27.83
N SER D 346 40.70 -7.32 -27.82
CA SER D 346 41.68 -6.64 -28.65
C SER D 346 42.57 -5.75 -27.77
N GLN D 347 42.16 -4.47 -27.52
CA GLN D 347 42.93 -3.54 -26.68
C GLN D 347 42.30 -3.40 -25.29
N PRO D 348 43.04 -2.88 -24.31
CA PRO D 348 42.48 -2.75 -22.96
C PRO D 348 41.25 -1.85 -22.86
N ASN D 349 40.99 -0.97 -23.85
CA ASN D 349 39.82 -0.10 -23.84
C ASN D 349 38.78 -0.52 -24.87
N ARG D 350 38.80 -1.79 -25.27
CA ARG D 350 37.84 -2.36 -26.19
C ARG D 350 37.15 -3.57 -25.55
N PRO D 351 35.98 -3.94 -26.06
CA PRO D 351 35.18 -5.00 -25.42
C PRO D 351 35.85 -6.37 -25.38
N GLY D 352 35.48 -7.15 -24.37
CA GLY D 352 35.73 -8.58 -24.35
C GLY D 352 34.47 -9.29 -24.82
N ILE D 353 34.64 -10.27 -25.69
CA ILE D 353 33.52 -10.95 -26.32
C ILE D 353 33.50 -12.38 -25.85
N ILE D 354 32.44 -12.75 -25.13
CA ILE D 354 32.30 -14.10 -24.60
C ILE D 354 31.38 -14.92 -25.50
N GLU D 355 31.80 -16.14 -25.81
CA GLU D 355 30.96 -17.09 -26.53
C GLU D 355 31.08 -18.45 -25.88
N PRO D 356 29.98 -19.22 -25.84
CA PRO D 356 30.10 -20.61 -25.38
C PRO D 356 30.85 -21.46 -26.39
N VAL D 357 31.60 -22.43 -25.89
CA VAL D 357 32.28 -23.37 -26.77
C VAL D 357 31.40 -24.58 -27.08
N ASP D 358 30.68 -25.14 -26.09
CA ASP D 358 29.88 -26.36 -26.24
C ASP D 358 28.40 -26.11 -25.91
N GLY D 359 27.56 -27.10 -26.21
CA GLY D 359 26.21 -27.15 -25.71
C GLY D 359 25.16 -26.40 -26.51
N LEU D 360 25.53 -25.78 -27.63
CA LEU D 360 24.60 -25.06 -28.49
C LEU D 360 23.96 -25.98 -29.52
N GLU D 361 22.69 -25.71 -29.82
CA GLU D 361 22.11 -26.46 -30.93
C GLU D 361 22.68 -26.00 -32.27
N GLU D 362 22.35 -26.77 -33.31
CA GLU D 362 23.02 -26.64 -34.60
C GLU D 362 22.99 -25.21 -35.12
N ASN D 363 21.80 -24.63 -35.22
CA ASN D 363 21.65 -23.32 -35.85
C ASN D 363 21.53 -22.20 -34.82
N GLU D 364 22.13 -22.39 -33.65
CA GLU D 364 22.05 -21.45 -32.54
C GLU D 364 23.44 -20.92 -32.23
N SER D 365 23.55 -19.60 -32.10
CA SER D 365 24.79 -18.96 -31.67
C SER D 365 24.48 -17.82 -30.71
N ILE D 366 25.42 -17.57 -29.81
CA ILE D 366 25.30 -16.57 -28.75
C ILE D 366 26.56 -15.72 -28.76
N LEU D 367 26.39 -14.42 -28.61
CA LEU D 367 27.48 -13.47 -28.50
C LEU D 367 27.19 -12.54 -27.34
N MET D 368 28.11 -12.47 -26.37
CA MET D 368 27.92 -11.64 -25.18
C MET D 368 29.12 -10.72 -25.03
N LEU D 369 28.90 -9.45 -25.28
CA LEU D 369 29.95 -8.45 -25.29
C LEU D 369 29.93 -7.67 -23.98
N SER D 370 31.09 -7.48 -23.38
CA SER D 370 31.25 -6.66 -22.18
C SER D 370 32.15 -5.46 -22.47
N MET D 371 31.67 -4.24 -22.19
CA MET D 371 32.52 -3.06 -22.29
C MET D 371 33.56 -3.08 -21.17
N PRO D 372 34.82 -2.71 -21.45
CA PRO D 372 35.83 -2.74 -20.40
C PRO D 372 35.63 -1.56 -19.46
N VAL D 373 36.26 -1.67 -18.27
CA VAL D 373 36.35 -0.54 -17.34
C VAL D 373 37.42 0.42 -17.83
N ILE D 374 37.11 1.72 -17.84
CA ILE D 374 38.01 2.78 -18.29
C ILE D 374 38.09 3.83 -17.20
N GLY D 375 39.29 4.10 -16.71
CA GLY D 375 39.47 5.09 -15.66
C GLY D 375 40.88 5.61 -15.67
N LEU D 376 41.06 6.79 -15.07
CA LEU D 376 42.37 7.41 -14.93
C LEU D 376 43.17 6.81 -13.76
CA CA E . 3.54 23.56 9.33
CL CL F . -18.60 -7.62 21.64
CA CA G . -22.56 21.06 26.84
CA CA H . -55.06 24.15 -1.15
NA NA I . -51.19 8.59 -7.01
CL CL J . 2.03 -4.75 28.49
CA CA K . 6.76 -32.42 21.17
CA CA L . 50.65 -26.93 17.18
CA CA M . 11.27 -25.65 45.00
CA CA N . -5.27 -24.56 -4.96
CA CA O . -22.96 -25.25 -21.33
CA CA P . 14.34 -11.44 -47.04
NA NA Q . -22.46 -8.38 -16.56
#